data_4KE6
#
_entry.id   4KE6
#
_cell.length_a   39.185
_cell.length_b   182.878
_cell.length_c   248.264
_cell.angle_alpha   90.00
_cell.angle_beta   90.00
_cell.angle_gamma   90.00
#
_symmetry.space_group_name_H-M   'P 21 21 21'
#
loop_
_entity.id
_entity.type
_entity.pdbx_description
1 polymer 'Thermostable monoacylglycerol lipase'
2 non-polymer '(2R)-2,3-dihydroxypropyl dodecanoate'
3 non-polymer (4S)-2-METHYL-2,4-PENTANEDIOL
4 water water
#
_entity_poly.entity_id   1
_entity_poly.type   'polypeptide(L)'
_entity_poly.pdbx_seq_one_letter_code
;MGSSHHHHHHSSGLVPRGSHMSEQYPVLSGAEPFYAENGPVGVLLVHGFTGTPHSMRPLAEAYAKAGYTVCLPRLKGHGT
HYEDMERTTFHDWVASVEEGYGWLKQRCQTIFVTGLSMGGTLTLYLAEHHPDICGIVPINAAVDIPAIAAGMTGGGELPR
YLDSIGSDLKNPDVKELAYEKTPTASLLQLARLMAQTKAKLDRIVCPALIFVSDENHVVPPGNADIIFQGISSTEKEIVR
LRNSYHVATLDYDQPMIIERSLEFFAKHAG
;
_entity_poly.pdbx_strand_id   A,B,C,D,E,F
#
loop_
_chem_comp.id
_chem_comp.type
_chem_comp.name
_chem_comp.formula
1QW non-polymer '(2R)-2,3-dihydroxypropyl dodecanoate' 'C15 H30 O4'
MPD non-polymer (4S)-2-METHYL-2,4-PENTANEDIOL 'C6 H14 O2'
#
# COMPACT_ATOMS: atom_id res chain seq x y z
N MET A 21 -8.71 -53.51 19.35
CA MET A 21 -9.29 -52.91 20.55
C MET A 21 -10.82 -53.02 20.54
N SER A 22 -11.40 -53.10 21.72
CA SER A 22 -12.84 -53.18 21.81
C SER A 22 -13.33 -52.49 23.06
N GLU A 23 -14.30 -51.60 22.83
CA GLU A 23 -14.98 -50.81 23.83
C GLU A 23 -15.03 -51.54 25.18
N GLN A 24 -14.71 -50.85 26.26
CA GLN A 24 -14.68 -51.48 27.57
C GLN A 24 -15.96 -51.17 28.32
N TYR A 25 -16.69 -50.20 27.81
CA TYR A 25 -17.91 -49.73 28.45
C TYR A 25 -19.09 -50.14 27.61
N PRO A 26 -20.22 -50.39 28.26
CA PRO A 26 -21.46 -50.82 27.60
C PRO A 26 -22.11 -49.71 26.81
N VAL A 27 -22.87 -50.10 25.79
CA VAL A 27 -23.58 -49.13 24.97
C VAL A 27 -24.69 -48.49 25.80
N LEU A 28 -24.85 -47.18 25.65
CA LEU A 28 -25.81 -46.45 26.46
C LEU A 28 -27.17 -46.37 25.75
N SER A 29 -28.24 -46.33 26.54
CA SER A 29 -29.59 -46.21 26.02
C SER A 29 -29.71 -44.94 25.20
N GLY A 30 -30.19 -45.06 23.97
CA GLY A 30 -30.32 -43.91 23.09
C GLY A 30 -29.24 -43.85 22.02
N ALA A 31 -28.20 -44.64 22.21
CA ALA A 31 -27.06 -44.67 21.31
C ALA A 31 -27.06 -45.88 20.37
N GLU A 32 -28.11 -46.69 20.43
CA GLU A 32 -28.23 -47.87 19.57
C GLU A 32 -28.21 -47.50 18.08
N PRO A 33 -27.60 -48.37 17.26
CA PRO A 33 -27.66 -48.20 15.81
C PRO A 33 -29.07 -48.49 15.31
N PHE A 34 -29.42 -47.99 14.13
CA PHE A 34 -30.77 -48.20 13.61
C PHE A 34 -30.65 -48.84 12.24
N TYR A 35 -31.40 -49.92 12.03
CA TYR A 35 -31.44 -50.63 10.76
C TYR A 35 -32.90 -50.79 10.32
N ALA A 36 -33.15 -50.65 9.02
CA ALA A 36 -34.48 -50.90 8.48
C ALA A 36 -34.40 -51.54 7.11
N GLU A 37 -35.00 -52.71 6.96
CA GLU A 37 -35.05 -53.39 5.66
C GLU A 37 -36.37 -53.11 4.95
N ASN A 38 -36.28 -52.31 3.89
CA ASN A 38 -37.41 -51.97 3.04
C ASN A 38 -37.06 -52.17 1.55
N GLY A 39 -36.97 -51.06 0.80
CA GLY A 39 -36.71 -51.17 -0.63
C GLY A 39 -35.26 -51.33 -1.01
N PRO A 40 -34.98 -51.46 -2.32
CA PRO A 40 -33.65 -51.71 -2.91
C PRO A 40 -32.72 -50.52 -2.97
N VAL A 41 -33.21 -49.38 -2.50
CA VAL A 41 -32.42 -48.17 -2.37
C VAL A 41 -32.09 -47.93 -0.91
N GLY A 42 -30.82 -47.78 -0.59
CA GLY A 42 -30.39 -47.67 0.79
C GLY A 42 -29.80 -46.32 1.15
N VAL A 43 -29.97 -45.94 2.41
CA VAL A 43 -29.35 -44.71 2.92
C VAL A 43 -28.47 -45.02 4.13
N LEU A 44 -27.22 -44.59 4.08
CA LEU A 44 -26.33 -44.72 5.22
C LEU A 44 -26.24 -43.37 5.96
N LEU A 45 -26.50 -43.37 7.25
CA LEU A 45 -26.48 -42.14 8.01
C LEU A 45 -25.37 -42.18 9.05
N VAL A 46 -24.55 -41.15 9.04
CA VAL A 46 -23.35 -41.12 9.87
C VAL A 46 -23.40 -39.99 10.88
N HIS A 47 -23.28 -40.33 12.16
CA HIS A 47 -23.28 -39.31 13.21
C HIS A 47 -21.88 -38.74 13.42
N GLY A 48 -21.76 -37.82 14.38
CA GLY A 48 -20.53 -37.05 14.53
C GLY A 48 -19.64 -37.39 15.71
N PHE A 49 -18.56 -36.61 15.81
CA PHE A 49 -17.48 -36.70 16.78
C PHE A 49 -17.99 -36.46 18.21
N THR A 50 -17.82 -37.45 19.07
CA THR A 50 -18.38 -37.50 20.45
C THR A 50 -19.89 -37.70 20.52
N GLY A 51 -20.56 -37.74 19.37
CA GLY A 51 -22.00 -37.90 19.31
C GLY A 51 -22.47 -39.35 19.29
N THR A 52 -23.75 -39.55 19.00
CA THR A 52 -24.34 -40.88 18.94
C THR A 52 -25.34 -40.90 17.79
N PRO A 53 -25.90 -42.09 17.47
CA PRO A 53 -26.97 -42.17 16.47
C PRO A 53 -28.20 -41.29 16.73
N HIS A 54 -28.38 -40.83 17.97
CA HIS A 54 -29.48 -39.94 18.33
C HIS A 54 -29.65 -38.74 17.41
N SER A 55 -28.54 -38.16 17.03
CA SER A 55 -28.55 -36.96 16.22
C SER A 55 -29.07 -37.22 14.79
N MET A 56 -28.94 -38.46 14.31
CA MET A 56 -29.37 -38.77 12.95
C MET A 56 -30.67 -39.58 12.87
N ARG A 57 -31.17 -40.03 14.02
CA ARG A 57 -32.36 -40.89 14.06
C ARG A 57 -33.64 -40.36 13.38
N PRO A 58 -34.00 -39.08 13.60
CA PRO A 58 -35.20 -38.58 12.92
C PRO A 58 -35.06 -38.61 11.40
N LEU A 59 -33.85 -38.42 10.88
CA LEU A 59 -33.68 -38.49 9.43
C LEU A 59 -33.85 -39.95 9.00
N ALA A 60 -33.21 -40.86 9.71
CA ALA A 60 -33.27 -42.28 9.40
C ALA A 60 -34.71 -42.81 9.39
N GLU A 61 -35.50 -42.43 10.38
CA GLU A 61 -36.88 -42.88 10.47
C GLU A 61 -37.75 -42.31 9.34
N ALA A 62 -37.57 -41.03 9.04
CA ALA A 62 -38.31 -40.42 7.93
C ALA A 62 -37.99 -41.16 6.64
N TYR A 63 -36.72 -41.49 6.44
CA TYR A 63 -36.31 -42.18 5.22
C TYR A 63 -36.87 -43.60 5.24
N ALA A 64 -36.86 -44.23 6.42
CA ALA A 64 -37.45 -45.56 6.56
C ALA A 64 -38.94 -45.52 6.25
N LYS A 65 -39.62 -44.50 6.75
CA LYS A 65 -41.05 -44.36 6.56
C LYS A 65 -41.36 -44.16 5.07
N ALA A 66 -40.41 -43.57 4.35
CA ALA A 66 -40.56 -43.32 2.92
C ALA A 66 -40.34 -44.57 2.07
N GLY A 67 -39.86 -45.64 2.69
CA GLY A 67 -39.72 -46.92 2.01
C GLY A 67 -38.28 -47.28 1.68
N TYR A 68 -37.34 -46.52 2.23
CA TYR A 68 -35.92 -46.80 2.01
C TYR A 68 -35.38 -47.80 3.02
N THR A 69 -34.47 -48.64 2.57
CA THR A 69 -33.68 -49.45 3.47
C THR A 69 -32.67 -48.51 4.14
N VAL A 70 -32.53 -48.61 5.46
CA VAL A 70 -31.78 -47.62 6.21
C VAL A 70 -30.73 -48.25 7.11
N CYS A 71 -29.54 -47.68 7.11
CA CYS A 71 -28.48 -48.09 8.04
C CYS A 71 -27.88 -46.88 8.74
N LEU A 72 -28.06 -46.85 10.05
CA LEU A 72 -27.51 -45.80 10.91
C LEU A 72 -26.59 -46.43 11.97
N PRO A 73 -25.29 -46.53 11.67
CA PRO A 73 -24.35 -47.20 12.58
C PRO A 73 -23.91 -46.38 13.79
N ARG A 74 -23.34 -47.07 14.77
CA ARG A 74 -22.73 -46.40 15.90
C ARG A 74 -21.21 -46.43 15.72
N LEU A 75 -20.58 -45.26 15.70
CA LEU A 75 -19.13 -45.17 15.54
C LEU A 75 -18.41 -45.81 16.74
N LYS A 76 -17.32 -46.52 16.50
CA LYS A 76 -16.58 -47.16 17.58
C LYS A 76 -16.12 -46.15 18.65
N GLY A 77 -16.30 -46.55 19.91
CA GLY A 77 -15.90 -45.69 21.00
C GLY A 77 -16.90 -44.58 21.27
N HIS A 78 -18.00 -44.55 20.51
CA HIS A 78 -19.04 -43.53 20.69
C HIS A 78 -20.26 -44.17 21.30
N GLY A 79 -20.98 -43.42 22.13
CA GLY A 79 -22.18 -43.91 22.75
C GLY A 79 -21.90 -44.92 23.86
N THR A 80 -20.66 -44.96 24.32
CA THR A 80 -20.31 -45.84 25.43
C THR A 80 -19.72 -45.02 26.56
N HIS A 81 -18.46 -44.64 26.40
CA HIS A 81 -17.77 -43.79 27.36
C HIS A 81 -16.64 -43.08 26.63
N TYR A 82 -16.30 -41.86 27.05
CA TYR A 82 -15.26 -41.13 26.33
C TYR A 82 -13.89 -41.76 26.44
N GLU A 83 -13.69 -42.59 27.45
CA GLU A 83 -12.44 -43.33 27.58
C GLU A 83 -12.30 -44.34 26.45
N ASP A 84 -13.43 -44.91 26.02
CA ASP A 84 -13.43 -45.79 24.86
C ASP A 84 -13.09 -44.96 23.63
N MET A 85 -13.71 -43.78 23.53
CA MET A 85 -13.43 -42.89 22.42
C MET A 85 -11.95 -42.53 22.36
N GLU A 86 -11.39 -42.25 23.54
CA GLU A 86 -9.97 -41.88 23.66
C GLU A 86 -9.06 -42.93 23.06
N ARG A 87 -9.45 -44.21 23.18
CA ARG A 87 -8.60 -45.28 22.69
C ARG A 87 -8.70 -45.52 21.18
N THR A 88 -9.71 -44.95 20.54
CA THR A 88 -9.91 -45.14 19.12
C THR A 88 -9.07 -44.18 18.28
N THR A 89 -8.90 -44.52 17.01
CA THR A 89 -8.32 -43.61 16.03
C THR A 89 -9.37 -43.41 14.96
N PHE A 90 -9.13 -42.49 14.03
CA PHE A 90 -10.12 -42.25 12.98
C PHE A 90 -10.33 -43.47 12.09
N HIS A 91 -9.34 -44.36 12.03
CA HIS A 91 -9.47 -45.59 11.27
C HIS A 91 -10.64 -46.40 11.81
N ASP A 92 -10.84 -46.35 13.12
CA ASP A 92 -11.96 -47.07 13.71
C ASP A 92 -13.31 -46.53 13.31
N TRP A 93 -13.43 -45.20 13.26
CA TRP A 93 -14.66 -44.55 12.86
C TRP A 93 -14.96 -44.86 11.40
N VAL A 94 -13.92 -44.81 10.57
CA VAL A 94 -14.04 -45.15 9.17
C VAL A 94 -14.54 -46.59 9.05
N ALA A 95 -13.98 -47.47 9.85
CA ALA A 95 -14.37 -48.87 9.82
C ALA A 95 -15.85 -49.06 10.20
N SER A 96 -16.34 -48.28 11.16
CA SER A 96 -17.76 -48.36 11.56
C SER A 96 -18.69 -47.99 10.41
N VAL A 97 -18.32 -46.97 9.64
CA VAL A 97 -19.11 -46.57 8.49
C VAL A 97 -19.05 -47.64 7.39
N GLU A 98 -17.88 -48.23 7.17
CA GLU A 98 -17.72 -49.25 6.15
C GLU A 98 -18.57 -50.49 6.46
N GLU A 99 -18.68 -50.85 7.72
CA GLU A 99 -19.54 -51.96 8.11
C GLU A 99 -20.98 -51.65 7.71
N GLY A 100 -21.39 -50.41 7.92
CA GLY A 100 -22.73 -50.00 7.54
C GLY A 100 -22.89 -49.99 6.03
N TYR A 101 -21.87 -49.49 5.34
CA TYR A 101 -21.83 -49.53 3.89
C TYR A 101 -21.94 -50.97 3.39
N GLY A 102 -21.18 -51.86 4.02
CA GLY A 102 -21.17 -53.25 3.65
C GLY A 102 -22.52 -53.89 3.90
N TRP A 103 -23.14 -53.48 5.00
CA TRP A 103 -24.46 -54.00 5.33
C TRP A 103 -25.49 -53.65 4.25
N LEU A 104 -25.44 -52.41 3.76
CA LEU A 104 -26.33 -51.99 2.69
C LEU A 104 -26.01 -52.69 1.35
N LYS A 105 -24.72 -52.94 1.08
CA LYS A 105 -24.31 -53.59 -0.18
C LYS A 105 -24.92 -54.98 -0.33
N GLN A 106 -25.19 -55.62 0.80
CA GLN A 106 -25.78 -56.95 0.77
C GLN A 106 -27.27 -56.85 0.40
N ARG A 107 -27.84 -55.65 0.45
CA ARG A 107 -29.29 -55.50 0.36
C ARG A 107 -29.74 -54.53 -0.75
N CYS A 108 -28.86 -53.64 -1.18
CA CYS A 108 -29.30 -52.54 -2.03
C CYS A 108 -28.55 -52.42 -3.35
N GLN A 109 -29.29 -52.03 -4.40
CA GLN A 109 -28.70 -51.77 -5.72
C GLN A 109 -28.16 -50.35 -5.79
N THR A 110 -28.72 -49.48 -4.96
CA THR A 110 -28.40 -48.06 -5.02
C THR A 110 -28.19 -47.57 -3.59
N ILE A 111 -27.11 -46.84 -3.37
CA ILE A 111 -26.73 -46.40 -2.03
C ILE A 111 -26.45 -44.91 -1.96
N PHE A 112 -27.14 -44.22 -1.05
CA PHE A 112 -26.84 -42.83 -0.76
C PHE A 112 -26.20 -42.77 0.61
N VAL A 113 -25.36 -41.75 0.84
CA VAL A 113 -24.74 -41.57 2.16
C VAL A 113 -24.95 -40.14 2.62
N THR A 114 -25.36 -39.98 3.88
CA THR A 114 -25.55 -38.67 4.47
C THR A 114 -24.94 -38.71 5.87
N GLY A 115 -24.49 -37.54 6.35
CA GLY A 115 -23.83 -37.46 7.64
C GLY A 115 -23.72 -36.05 8.20
N LEU A 116 -23.68 -35.93 9.52
CA LEU A 116 -23.60 -34.64 10.17
C LEU A 116 -22.21 -34.39 10.70
N SER A 117 -21.68 -33.22 10.35
CA SER A 117 -20.38 -32.77 10.85
C SER A 117 -19.27 -33.75 10.43
N MET A 118 -18.63 -34.40 11.41
CA MET A 118 -17.64 -35.45 11.09
C MET A 118 -18.32 -36.61 10.36
N GLY A 119 -19.61 -36.81 10.60
CA GLY A 119 -20.36 -37.78 9.85
C GLY A 119 -20.34 -37.35 8.39
N GLY A 120 -20.39 -36.04 8.16
CA GLY A 120 -20.27 -35.49 6.82
C GLY A 120 -18.86 -35.67 6.30
N THR A 121 -17.88 -35.50 7.17
CA THR A 121 -16.48 -35.72 6.83
C THR A 121 -16.36 -37.18 6.39
N LEU A 122 -16.97 -38.09 7.15
CA LEU A 122 -16.97 -39.51 6.82
C LEU A 122 -17.77 -39.82 5.58
N THR A 123 -18.81 -39.02 5.35
CA THR A 123 -19.60 -39.15 4.13
C THR A 123 -18.76 -38.84 2.89
N LEU A 124 -17.99 -37.76 2.95
CA LEU A 124 -17.07 -37.38 1.88
C LEU A 124 -15.99 -38.44 1.69
N TYR A 125 -15.44 -38.93 2.79
CA TYR A 125 -14.39 -39.95 2.77
C TYR A 125 -14.82 -41.21 2.06
N LEU A 126 -16.06 -41.60 2.34
CA LEU A 126 -16.62 -42.79 1.79
C LEU A 126 -16.78 -42.64 0.28
N ALA A 127 -17.22 -41.47 -0.15
CA ALA A 127 -17.39 -41.18 -1.57
C ALA A 127 -16.03 -41.11 -2.28
N GLU A 128 -14.99 -40.87 -1.50
CA GLU A 128 -13.64 -40.79 -2.05
C GLU A 128 -13.09 -42.18 -2.27
N HIS A 129 -13.69 -43.19 -1.63
CA HIS A 129 -13.13 -44.54 -1.73
C HIS A 129 -14.10 -45.57 -2.24
N HIS A 130 -15.26 -45.12 -2.65
CA HIS A 130 -16.14 -46.07 -3.33
C HIS A 130 -16.61 -45.41 -4.62
N PRO A 131 -16.71 -46.19 -5.69
CA PRO A 131 -17.11 -45.73 -7.03
C PRO A 131 -18.59 -45.89 -7.25
N ASP A 132 -19.31 -46.55 -6.35
CA ASP A 132 -20.68 -46.98 -6.60
C ASP A 132 -21.71 -46.27 -5.72
N ILE A 133 -21.25 -45.19 -5.09
CA ILE A 133 -22.13 -44.34 -4.32
C ILE A 133 -22.97 -43.45 -5.22
N CYS A 134 -24.28 -43.45 -5.00
CA CYS A 134 -25.17 -42.76 -5.92
C CYS A 134 -25.28 -41.25 -5.62
N GLY A 135 -25.03 -40.88 -4.38
CA GLY A 135 -25.07 -39.48 -4.00
C GLY A 135 -24.73 -39.29 -2.55
N ILE A 136 -24.26 -38.11 -2.19
CA ILE A 136 -23.92 -37.80 -0.81
C ILE A 136 -24.64 -36.56 -0.33
N VAL A 137 -24.96 -36.53 0.96
CA VAL A 137 -25.63 -35.38 1.57
C VAL A 137 -24.86 -34.99 2.83
N PRO A 138 -23.71 -34.32 2.66
CA PRO A 138 -23.01 -33.88 3.86
C PRO A 138 -23.68 -32.67 4.49
N ILE A 139 -23.84 -32.70 5.80
CA ILE A 139 -24.48 -31.61 6.53
C ILE A 139 -23.50 -31.00 7.50
N ASN A 140 -23.11 -29.76 7.25
CA ASN A 140 -22.07 -29.11 8.03
C ASN A 140 -20.80 -29.97 8.19
N ALA A 141 -20.40 -30.62 7.10
CA ALA A 141 -19.23 -31.48 7.07
C ALA A 141 -17.96 -30.69 7.38
N ALA A 142 -17.02 -31.30 8.10
CA ALA A 142 -15.79 -30.63 8.51
C ALA A 142 -14.57 -31.06 7.68
N VAL A 143 -13.94 -30.11 7.01
CA VAL A 143 -12.71 -30.38 6.26
C VAL A 143 -11.55 -29.45 6.62
N ASP A 144 -11.87 -28.33 7.26
CA ASP A 144 -10.89 -27.35 7.69
C ASP A 144 -11.34 -26.59 8.93
N ILE A 145 -10.73 -26.92 10.06
CA ILE A 145 -10.99 -26.18 11.28
C ILE A 145 -9.67 -25.73 11.87
N PRO A 146 -9.20 -24.54 11.47
CA PRO A 146 -7.87 -24.07 11.80
C PRO A 146 -7.62 -24.09 13.30
N ALA A 147 -8.62 -23.78 14.12
CA ALA A 147 -8.41 -23.79 15.57
C ALA A 147 -7.93 -25.15 16.07
N ILE A 148 -8.41 -26.22 15.46
CA ILE A 148 -8.04 -27.57 15.86
C ILE A 148 -6.58 -27.77 15.52
N ALA A 149 -6.19 -27.16 14.41
CA ALA A 149 -4.82 -27.25 13.98
C ALA A 149 -3.79 -26.78 14.96
N ALA A 150 -4.03 -25.71 15.73
CA ALA A 150 -3.10 -25.20 16.78
C ALA A 150 -1.67 -25.80 16.79
N GLY A 151 -1.24 -26.38 15.67
CA GLY A 151 0.04 -27.06 15.55
C GLY A 151 -0.09 -28.41 16.24
N MET A 152 -0.84 -28.39 17.35
CA MET A 152 -0.91 -29.48 18.30
C MET A 152 -1.95 -29.14 19.36
N GLY A 155 0.59 -24.17 20.15
CA GLY A 155 -0.03 -23.47 21.28
C GLY A 155 0.53 -23.91 22.62
N GLY A 156 -0.27 -23.91 23.68
CA GLY A 156 0.15 -24.48 24.96
C GLY A 156 -0.34 -25.90 25.22
N GLU A 157 -0.09 -26.45 26.40
CA GLU A 157 -0.51 -27.83 26.73
C GLU A 157 -1.92 -27.90 27.25
N LEU A 158 -2.74 -28.61 26.53
CA LEU A 158 -4.12 -28.79 26.88
C LEU A 158 -4.25 -29.96 27.80
N PRO A 159 -5.26 -29.93 28.65
CA PRO A 159 -5.56 -31.04 29.55
C PRO A 159 -5.89 -32.30 28.75
N ARG A 160 -6.15 -33.40 29.44
CA ARG A 160 -6.48 -34.66 28.79
C ARG A 160 -7.88 -34.70 28.19
N TYR A 161 -8.83 -34.08 28.87
CA TYR A 161 -10.19 -34.00 28.41
C TYR A 161 -10.75 -32.59 28.39
N LEU A 162 -11.41 -32.19 27.30
CA LEU A 162 -12.02 -30.86 27.31
C LEU A 162 -13.49 -30.97 27.67
N ASP A 163 -13.94 -30.08 28.53
CA ASP A 163 -15.32 -30.11 28.97
C ASP A 163 -16.19 -29.57 27.84
N SER A 164 -17.20 -30.36 27.48
CA SER A 164 -18.31 -29.97 26.63
C SER A 164 -19.24 -29.03 27.42
N ILE A 165 -19.72 -27.95 26.80
CA ILE A 165 -20.64 -27.02 27.47
C ILE A 165 -21.98 -26.99 26.76
N GLY A 166 -22.26 -28.03 25.99
CA GLY A 166 -23.57 -28.13 25.38
C GLY A 166 -23.44 -28.11 23.88
N SER A 167 -24.52 -28.45 23.20
CA SER A 167 -24.51 -28.52 21.75
C SER A 167 -24.90 -27.19 21.13
N ASP A 168 -24.34 -26.93 19.94
CA ASP A 168 -24.64 -25.73 19.19
C ASP A 168 -25.98 -25.90 18.48
N LEU A 169 -27.04 -25.50 19.16
CA LEU A 169 -28.40 -25.65 18.64
C LEU A 169 -29.13 -24.34 18.83
N LYS A 170 -29.95 -23.96 17.85
CA LYS A 170 -30.79 -22.78 18.00
C LYS A 170 -31.96 -23.12 18.92
N ASN A 171 -32.61 -24.27 18.69
CA ASN A 171 -33.69 -24.73 19.57
C ASN A 171 -33.17 -25.14 20.94
N PRO A 172 -33.61 -24.43 22.00
CA PRO A 172 -33.16 -24.66 23.37
C PRO A 172 -33.74 -25.94 23.99
N ASP A 173 -34.87 -26.45 23.50
CA ASP A 173 -35.55 -27.57 24.18
C ASP A 173 -35.16 -28.94 23.63
N VAL A 174 -34.06 -28.97 22.88
CA VAL A 174 -33.49 -30.24 22.40
C VAL A 174 -32.25 -30.54 23.25
N LYS A 175 -32.15 -31.79 23.71
CA LYS A 175 -30.95 -32.25 24.37
C LYS A 175 -30.29 -33.29 23.48
N GLU A 176 -29.11 -32.98 22.94
CA GLU A 176 -28.40 -33.95 22.12
C GLU A 176 -27.56 -34.91 22.95
N LEU A 177 -27.63 -36.19 22.59
CA LEU A 177 -26.89 -37.23 23.29
C LEU A 177 -25.44 -37.25 22.81
N ALA A 178 -24.53 -36.74 23.65
CA ALA A 178 -23.12 -36.65 23.33
C ALA A 178 -22.30 -36.67 24.62
N TYR A 179 -21.00 -36.96 24.54
CA TYR A 179 -20.16 -37.05 25.73
C TYR A 179 -20.03 -35.67 26.37
N GLU A 180 -19.86 -35.65 27.67
CA GLU A 180 -19.68 -34.40 28.36
C GLU A 180 -18.25 -33.98 28.36
N LYS A 181 -17.38 -34.87 27.96
CA LYS A 181 -15.96 -34.58 27.81
C LYS A 181 -15.44 -35.13 26.50
N THR A 182 -14.50 -34.39 25.93
CA THR A 182 -13.80 -34.72 24.71
C THR A 182 -12.33 -35.02 24.95
N PRO A 183 -11.87 -36.24 24.61
CA PRO A 183 -10.44 -36.51 24.74
C PRO A 183 -9.64 -35.66 23.77
N THR A 184 -8.65 -34.92 24.24
CA THR A 184 -7.88 -34.07 23.33
C THR A 184 -7.10 -34.94 22.36
N ALA A 185 -6.81 -36.18 22.77
CA ALA A 185 -6.16 -37.13 21.88
C ALA A 185 -7.00 -37.41 20.62
N SER A 186 -8.33 -37.39 20.75
CA SER A 186 -9.22 -37.64 19.60
C SER A 186 -9.26 -36.47 18.62
N LEU A 187 -8.93 -35.27 19.09
CA LEU A 187 -8.92 -34.10 18.24
C LEU A 187 -7.86 -34.25 17.15
N LEU A 188 -6.72 -34.83 17.53
CA LEU A 188 -5.67 -35.08 16.57
C LEU A 188 -6.17 -36.08 15.53
N GLN A 189 -6.92 -37.09 15.99
CA GLN A 189 -7.48 -38.08 15.10
C GLN A 189 -8.45 -37.44 14.12
N LEU A 190 -9.27 -36.53 14.63
CA LEU A 190 -10.21 -35.77 13.80
C LEU A 190 -9.53 -34.93 12.75
N ALA A 191 -8.46 -34.24 13.13
CA ALA A 191 -7.74 -33.37 12.22
C ALA A 191 -7.17 -34.12 11.02
N ARG A 192 -6.64 -35.30 11.29
CA ARG A 192 -6.09 -36.18 10.27
C ARG A 192 -7.14 -36.70 9.30
N LEU A 193 -8.29 -37.10 9.83
CA LEU A 193 -9.40 -37.56 8.99
C LEU A 193 -9.75 -36.39 8.07
N MET A 194 -9.85 -35.19 8.65
CA MET A 194 -10.16 -34.00 7.86
C MET A 194 -9.10 -33.71 6.80
N ALA A 195 -7.83 -33.81 7.17
CA ALA A 195 -6.76 -33.53 6.21
C ALA A 195 -6.78 -34.47 5.02
N GLN A 196 -6.95 -35.76 5.27
CA GLN A 196 -6.95 -36.73 4.17
C GLN A 196 -8.21 -36.68 3.33
N THR A 197 -9.32 -36.38 3.97
CA THR A 197 -10.58 -36.20 3.25
C THR A 197 -10.50 -34.98 2.35
N LYS A 198 -9.98 -33.89 2.89
CA LYS A 198 -9.86 -32.66 2.14
C LYS A 198 -8.95 -32.82 0.92
N ALA A 199 -7.81 -33.49 1.14
CA ALA A 199 -6.82 -33.67 0.08
C ALA A 199 -7.28 -34.51 -1.11
N LYS A 200 -8.27 -35.37 -0.89
CA LYS A 200 -8.71 -36.31 -1.91
C LYS A 200 -10.14 -36.01 -2.41
N LEU A 201 -10.61 -34.79 -2.15
CA LEU A 201 -11.97 -34.37 -2.52
C LEU A 201 -12.29 -34.57 -3.99
N ASP A 202 -11.28 -34.44 -4.85
CA ASP A 202 -11.50 -34.53 -6.29
C ASP A 202 -11.90 -35.93 -6.77
N ARG A 203 -11.80 -36.93 -5.90
CA ARG A 203 -12.21 -38.29 -6.25
C ARG A 203 -13.72 -38.48 -6.18
N ILE A 204 -14.42 -37.56 -5.52
CA ILE A 204 -15.87 -37.64 -5.43
C ILE A 204 -16.48 -37.22 -6.77
N VAL A 205 -17.26 -38.09 -7.40
CA VAL A 205 -17.85 -37.74 -8.70
C VAL A 205 -19.36 -37.81 -8.70
N CYS A 206 -19.91 -38.38 -7.65
CA CYS A 206 -21.36 -38.55 -7.51
C CYS A 206 -22.00 -37.23 -7.17
N PRO A 207 -23.30 -37.09 -7.48
CA PRO A 207 -24.06 -35.88 -7.14
C PRO A 207 -23.95 -35.53 -5.66
N ALA A 208 -23.98 -34.25 -5.34
CA ALA A 208 -23.82 -33.85 -3.96
C ALA A 208 -24.87 -32.82 -3.59
N LEU A 209 -25.56 -33.04 -2.47
CA LEU A 209 -26.46 -32.04 -1.92
C LEU A 209 -25.84 -31.61 -0.60
N ILE A 210 -25.30 -30.40 -0.57
CA ILE A 210 -24.52 -29.93 0.57
C ILE A 210 -25.27 -28.92 1.43
N PHE A 211 -25.60 -29.31 2.67
CA PHE A 211 -26.24 -28.38 3.60
C PHE A 211 -25.21 -27.65 4.45
N VAL A 212 -25.41 -26.35 4.63
CA VAL A 212 -24.54 -25.55 5.50
C VAL A 212 -25.37 -24.49 6.25
N SER A 213 -25.16 -24.40 7.56
CA SER A 213 -25.78 -23.39 8.41
C SER A 213 -25.08 -22.04 8.27
N ASP A 214 -25.88 -21.00 8.04
CA ASP A 214 -25.37 -19.65 7.87
C ASP A 214 -24.61 -19.24 9.12
N GLU A 215 -25.23 -19.54 10.27
CA GLU A 215 -24.62 -19.37 11.58
C GLU A 215 -24.13 -20.71 12.12
N ASN A 216 -22.85 -20.80 12.43
CA ASN A 216 -22.28 -22.03 12.94
C ASN A 216 -21.16 -21.67 13.85
N HIS A 217 -21.20 -22.15 15.07
CA HIS A 217 -20.23 -21.80 16.12
C HIS A 217 -19.24 -22.93 16.38
N VAL A 218 -19.20 -23.91 15.48
CA VAL A 218 -18.34 -25.06 15.64
C VAL A 218 -17.43 -25.21 14.44
N VAL A 219 -18.07 -25.38 13.30
CA VAL A 219 -17.36 -25.55 12.03
C VAL A 219 -17.52 -24.33 11.15
N PRO A 220 -16.41 -23.73 10.70
CA PRO A 220 -16.50 -22.51 9.89
C PRO A 220 -17.34 -22.78 8.65
N PRO A 221 -18.34 -21.95 8.34
CA PRO A 221 -19.21 -22.32 7.19
C PRO A 221 -18.60 -22.05 5.80
N GLY A 222 -17.36 -21.58 5.76
CA GLY A 222 -16.61 -21.55 4.52
C GLY A 222 -16.17 -22.94 4.11
N ASN A 223 -16.41 -23.93 4.97
CA ASN A 223 -16.12 -25.31 4.64
C ASN A 223 -16.95 -25.93 3.52
N ALA A 224 -18.19 -25.49 3.42
CA ALA A 224 -19.13 -25.96 2.39
C ALA A 224 -18.59 -25.61 1.02
N ASP A 225 -17.98 -24.44 0.94
CA ASP A 225 -17.40 -23.93 -0.28
C ASP A 225 -16.13 -24.69 -0.68
N ILE A 226 -15.31 -25.05 0.31
CA ILE A 226 -14.13 -25.87 0.04
C ILE A 226 -14.57 -27.19 -0.59
N ILE A 227 -15.60 -27.75 0.00
CA ILE A 227 -16.19 -28.99 -0.48
C ILE A 227 -16.80 -28.82 -1.88
N PHE A 228 -17.61 -27.78 -2.05
CA PHE A 228 -18.30 -27.54 -3.33
C PHE A 228 -17.22 -27.39 -4.44
N GLN A 229 -16.15 -26.66 -4.16
CA GLN A 229 -15.07 -26.44 -5.13
C GLN A 229 -14.13 -27.63 -5.28
N GLY A 230 -13.95 -28.41 -4.22
CA GLY A 230 -12.97 -29.47 -4.30
C GLY A 230 -13.43 -30.71 -5.04
N ILE A 231 -14.72 -31.04 -4.96
CA ILE A 231 -15.22 -32.25 -5.60
C ILE A 231 -15.34 -32.16 -7.13
N SER A 232 -15.30 -33.32 -7.78
CA SER A 232 -15.39 -33.37 -9.25
C SER A 232 -16.82 -33.66 -9.72
N SER A 233 -17.77 -33.66 -8.80
CA SER A 233 -19.17 -33.96 -9.11
C SER A 233 -19.71 -32.99 -10.16
N THR A 234 -20.50 -33.54 -11.08
CA THR A 234 -21.13 -32.73 -12.13
C THR A 234 -22.46 -32.14 -11.70
N GLU A 235 -23.03 -32.70 -10.65
CA GLU A 235 -24.27 -32.20 -10.09
C GLU A 235 -24.06 -31.89 -8.62
N LYS A 236 -23.98 -30.61 -8.28
CA LYS A 236 -23.72 -30.26 -6.89
C LYS A 236 -24.48 -29.00 -6.51
N GLU A 237 -25.00 -29.01 -5.29
CA GLU A 237 -25.77 -27.90 -4.80
C GLU A 237 -25.52 -27.60 -3.34
N ILE A 238 -25.81 -26.36 -2.97
CA ILE A 238 -25.71 -25.93 -1.60
C ILE A 238 -27.08 -25.41 -1.19
N VAL A 239 -27.53 -25.84 -0.03
CA VAL A 239 -28.72 -25.28 0.60
C VAL A 239 -28.30 -24.62 1.89
N ARG A 240 -28.40 -23.30 1.99
CA ARG A 240 -28.05 -22.62 3.24
C ARG A 240 -29.22 -22.65 4.20
N LEU A 241 -28.96 -23.20 5.38
CA LEU A 241 -29.96 -23.33 6.44
C LEU A 241 -29.81 -22.04 7.24
N ARG A 242 -30.95 -21.38 7.38
CA ARG A 242 -31.07 -20.09 7.94
C ARG A 242 -31.70 -20.00 9.33
N ASN A 243 -32.11 -21.17 9.80
CA ASN A 243 -32.76 -21.30 11.10
C ASN A 243 -32.16 -22.39 11.97
N SER A 244 -30.91 -22.70 11.72
CA SER A 244 -30.22 -23.72 12.50
C SER A 244 -28.80 -23.29 12.76
N TYR A 245 -28.24 -23.77 13.86
CA TYR A 245 -26.81 -23.68 14.10
C TYR A 245 -26.15 -24.98 13.65
N HIS A 246 -25.04 -25.37 14.30
CA HIS A 246 -24.26 -26.50 13.83
C HIS A 246 -25.00 -27.86 13.82
N VAL A 247 -25.68 -28.20 14.90
CA VAL A 247 -26.37 -29.50 14.99
C VAL A 247 -27.70 -29.40 14.27
N ALA A 248 -27.63 -29.19 12.96
CA ALA A 248 -28.79 -28.82 12.15
C ALA A 248 -29.84 -29.92 12.04
N THR A 249 -29.42 -31.17 12.15
CA THR A 249 -30.30 -32.32 12.03
C THR A 249 -31.37 -32.40 13.11
N LEU A 250 -31.13 -31.74 14.23
CA LEU A 250 -32.09 -31.69 15.33
C LEU A 250 -32.69 -30.31 15.55
N ASP A 251 -32.28 -29.35 14.71
CA ASP A 251 -32.70 -27.97 14.86
C ASP A 251 -33.96 -27.65 14.04
N TYR A 252 -34.33 -26.36 13.98
CA TYR A 252 -35.58 -25.97 13.34
C TYR A 252 -35.66 -26.33 11.86
N ASP A 253 -34.51 -26.44 11.18
CA ASP A 253 -34.53 -26.74 9.74
C ASP A 253 -34.59 -28.22 9.42
N GLN A 254 -34.73 -29.05 10.45
CA GLN A 254 -34.86 -30.49 10.26
C GLN A 254 -35.87 -30.91 9.19
N PRO A 255 -37.10 -30.33 9.20
CA PRO A 255 -38.07 -30.75 8.18
C PRO A 255 -37.61 -30.50 6.76
N MET A 256 -36.92 -29.37 6.53
CA MET A 256 -36.43 -29.08 5.20
C MET A 256 -35.33 -30.05 4.80
N ILE A 257 -34.44 -30.33 5.74
CA ILE A 257 -33.34 -31.25 5.50
C ILE A 257 -33.92 -32.60 5.08
N ILE A 258 -34.94 -33.07 5.81
CA ILE A 258 -35.58 -34.35 5.48
C ILE A 258 -36.26 -34.30 4.10
N GLU A 259 -37.05 -33.25 3.84
CA GLU A 259 -37.77 -33.12 2.57
C GLU A 259 -36.87 -33.00 1.34
N ARG A 260 -35.91 -32.08 1.41
CA ARG A 260 -34.97 -31.84 0.31
C ARG A 260 -34.10 -33.05 -0.01
N SER A 261 -33.76 -33.81 1.02
CA SER A 261 -32.97 -35.04 0.87
C SER A 261 -33.71 -36.13 0.10
N LEU A 262 -34.99 -36.29 0.42
CA LEU A 262 -35.86 -37.26 -0.23
C LEU A 262 -35.97 -37.00 -1.72
N GLU A 263 -36.03 -35.73 -2.06
CA GLU A 263 -36.08 -35.27 -3.43
C GLU A 263 -34.79 -35.61 -4.17
N PHE A 264 -33.67 -35.50 -3.47
CA PHE A 264 -32.35 -35.81 -4.01
C PHE A 264 -32.25 -37.30 -4.32
N PHE A 265 -32.73 -38.12 -3.39
CA PHE A 265 -32.70 -39.57 -3.55
C PHE A 265 -33.52 -39.98 -4.78
N ALA A 266 -34.72 -39.41 -4.92
CA ALA A 266 -35.60 -39.75 -6.05
C ALA A 266 -35.04 -39.28 -7.41
N LYS A 267 -34.41 -38.11 -7.38
CA LYS A 267 -33.83 -37.48 -8.56
C LYS A 267 -32.71 -38.35 -9.14
N HIS A 268 -31.95 -39.01 -8.26
CA HIS A 268 -30.75 -39.73 -8.67
C HIS A 268 -30.87 -41.27 -8.68
N ALA A 269 -31.94 -41.82 -8.09
CA ALA A 269 -32.17 -43.25 -8.07
C ALA A 269 -31.90 -43.94 -9.42
N SER B 22 -35.63 3.19 -34.43
CA SER B 22 -35.81 1.79 -34.07
C SER B 22 -35.28 0.90 -35.22
N GLU B 23 -35.81 -0.33 -35.39
CA GLU B 23 -35.19 -1.24 -36.36
C GLU B 23 -35.57 -0.91 -37.78
N GLN B 24 -34.62 -1.07 -38.68
CA GLN B 24 -34.80 -0.74 -40.09
C GLN B 24 -34.88 -1.96 -40.99
N TYR B 25 -34.53 -3.13 -40.45
CA TYR B 25 -34.59 -4.36 -41.22
C TYR B 25 -35.71 -5.33 -40.77
N PRO B 26 -36.23 -6.15 -41.70
CA PRO B 26 -37.31 -7.08 -41.34
C PRO B 26 -36.83 -8.29 -40.53
N VAL B 27 -37.75 -8.89 -39.77
CA VAL B 27 -37.41 -10.04 -38.94
C VAL B 27 -37.18 -11.30 -39.76
N LEU B 28 -36.12 -12.04 -39.42
CA LEU B 28 -35.77 -13.27 -40.15
C LEU B 28 -36.60 -14.46 -39.68
N SER B 29 -36.86 -15.39 -40.59
CA SER B 29 -37.54 -16.64 -40.25
C SER B 29 -36.74 -17.44 -39.22
N GLY B 30 -37.41 -17.83 -38.13
CA GLY B 30 -36.77 -18.55 -37.05
C GLY B 30 -36.47 -17.63 -35.88
N ALA B 31 -36.59 -16.32 -36.12
CA ALA B 31 -36.28 -15.33 -35.10
C ALA B 31 -37.53 -14.72 -34.47
N GLU B 32 -38.69 -15.25 -34.80
CA GLU B 32 -39.95 -14.72 -34.24
C GLU B 32 -40.03 -14.94 -32.73
N PRO B 33 -40.61 -13.97 -32.01
CA PRO B 33 -40.80 -14.25 -30.59
C PRO B 33 -41.86 -15.36 -30.42
N PHE B 34 -41.88 -16.01 -29.26
CA PHE B 34 -42.82 -17.09 -28.99
C PHE B 34 -43.62 -16.83 -27.73
N TYR B 35 -44.95 -16.91 -27.82
CA TYR B 35 -45.80 -16.74 -26.65
C TYR B 35 -46.76 -17.93 -26.52
N ALA B 36 -47.00 -18.40 -25.31
CA ALA B 36 -47.99 -19.45 -25.11
C ALA B 36 -48.66 -19.25 -23.76
N GLU B 37 -49.99 -19.14 -23.75
CA GLU B 37 -50.75 -19.01 -22.50
C GLU B 37 -51.36 -20.34 -22.12
N ASN B 38 -50.89 -20.86 -20.99
CA ASN B 38 -51.38 -22.10 -20.42
C ASN B 38 -51.61 -21.90 -18.92
N GLY B 39 -50.78 -22.46 -18.04
CA GLY B 39 -51.02 -22.35 -16.61
C GLY B 39 -50.53 -21.07 -15.95
N PRO B 40 -50.77 -20.94 -14.63
CA PRO B 40 -50.48 -19.75 -13.82
C PRO B 40 -48.99 -19.51 -13.64
N VAL B 41 -48.18 -20.55 -13.78
CA VAL B 41 -46.74 -20.44 -13.61
C VAL B 41 -46.11 -20.08 -14.96
N GLY B 42 -45.30 -19.03 -14.97
CA GLY B 42 -44.71 -18.55 -16.21
C GLY B 42 -43.21 -18.77 -16.28
N VAL B 43 -42.71 -18.97 -17.50
CA VAL B 43 -41.28 -19.05 -17.71
C VAL B 43 -40.90 -18.03 -18.78
N LEU B 44 -39.96 -17.16 -18.44
CA LEU B 44 -39.41 -16.22 -19.39
C LEU B 44 -38.08 -16.78 -19.89
N LEU B 45 -37.92 -16.81 -21.22
CA LEU B 45 -36.72 -17.35 -21.84
C LEU B 45 -36.01 -16.29 -22.65
N VAL B 46 -34.73 -16.13 -22.37
CA VAL B 46 -33.93 -15.07 -22.98
C VAL B 46 -32.81 -15.63 -23.86
N HIS B 47 -32.80 -15.20 -25.12
CA HIS B 47 -31.75 -15.63 -26.05
C HIS B 47 -30.51 -14.74 -25.92
N GLY B 48 -29.49 -15.02 -26.73
CA GLY B 48 -28.21 -14.36 -26.56
C GLY B 48 -27.79 -13.30 -27.56
N PHE B 49 -26.58 -12.77 -27.32
CA PHE B 49 -25.93 -11.69 -28.07
C PHE B 49 -25.66 -12.10 -29.53
N THR B 50 -26.19 -11.32 -30.48
CA THR B 50 -26.18 -11.64 -31.91
C THR B 50 -27.07 -12.82 -32.30
N GLY B 51 -27.67 -13.46 -31.30
CA GLY B 51 -28.53 -14.60 -31.53
C GLY B 51 -29.98 -14.21 -31.72
N THR B 52 -30.85 -15.20 -31.69
CA THR B 52 -32.27 -15.03 -31.94
C THR B 52 -32.99 -16.00 -31.03
N PRO B 53 -34.32 -15.89 -30.93
CA PRO B 53 -35.13 -16.87 -30.19
C PRO B 53 -34.92 -18.34 -30.62
N HIS B 54 -34.36 -18.58 -31.81
CA HIS B 54 -34.12 -19.96 -32.26
C HIS B 54 -33.38 -20.85 -31.25
N SER B 55 -32.44 -20.27 -30.54
CA SER B 55 -31.63 -20.99 -29.56
C SER B 55 -32.47 -21.48 -28.37
N MET B 56 -33.54 -20.75 -28.03
CA MET B 56 -34.30 -21.09 -26.82
C MET B 56 -35.65 -21.75 -27.09
N ARG B 57 -36.05 -21.74 -28.35
CA ARG B 57 -37.36 -22.27 -28.77
C ARG B 57 -37.65 -23.75 -28.38
N PRO B 58 -36.67 -24.67 -28.54
CA PRO B 58 -36.97 -26.05 -28.14
C PRO B 58 -37.32 -26.17 -26.66
N LEU B 59 -36.70 -25.32 -25.84
CA LEU B 59 -36.98 -25.28 -24.41
C LEU B 59 -38.37 -24.72 -24.13
N ALA B 60 -38.68 -23.62 -24.81
CA ALA B 60 -39.95 -22.93 -24.65
C ALA B 60 -41.14 -23.83 -24.98
N GLU B 61 -41.02 -24.59 -26.06
CA GLU B 61 -42.07 -25.49 -26.52
C GLU B 61 -42.29 -26.64 -25.55
N ALA B 62 -41.17 -27.13 -25.00
CA ALA B 62 -41.24 -28.19 -24.01
C ALA B 62 -41.93 -27.70 -22.76
N TYR B 63 -41.64 -26.48 -22.35
CA TYR B 63 -42.25 -25.92 -21.13
C TYR B 63 -43.73 -25.63 -21.39
N ALA B 64 -44.04 -25.19 -22.61
CA ALA B 64 -45.43 -24.98 -23.01
C ALA B 64 -46.17 -26.30 -23.01
N LYS B 65 -45.51 -27.33 -23.53
CA LYS B 65 -46.11 -28.67 -23.57
C LYS B 65 -46.34 -29.20 -22.16
N ALA B 66 -45.53 -28.76 -21.21
CA ALA B 66 -45.68 -29.15 -19.82
C ALA B 66 -46.79 -28.38 -19.09
N GLY B 67 -47.36 -27.37 -19.73
CA GLY B 67 -48.49 -26.67 -19.17
C GLY B 67 -48.17 -25.28 -18.65
N TYR B 68 -46.94 -24.84 -18.89
CA TYR B 68 -46.49 -23.52 -18.45
C TYR B 68 -46.88 -22.44 -19.42
N THR B 69 -47.20 -21.27 -18.90
CA THR B 69 -47.31 -20.09 -19.75
C THR B 69 -45.87 -19.68 -20.06
N VAL B 70 -45.61 -19.39 -21.34
CA VAL B 70 -44.24 -19.25 -21.78
C VAL B 70 -44.09 -17.95 -22.55
N CYS B 71 -43.02 -17.21 -22.28
CA CYS B 71 -42.71 -16.03 -23.07
C CYS B 71 -41.25 -16.03 -23.51
N LEU B 72 -41.05 -16.07 -24.83
CA LEU B 72 -39.73 -16.00 -25.43
C LEU B 72 -39.66 -14.80 -26.38
N PRO B 73 -39.20 -13.65 -25.88
CA PRO B 73 -39.14 -12.41 -26.66
C PRO B 73 -37.96 -12.35 -27.65
N ARG B 74 -38.06 -11.46 -28.62
CA ARG B 74 -36.93 -11.18 -29.50
C ARG B 74 -36.26 -9.88 -29.05
N LEU B 75 -34.98 -9.94 -28.69
CA LEU B 75 -34.27 -8.74 -28.24
C LEU B 75 -34.18 -7.71 -29.36
N LYS B 76 -34.30 -6.43 -29.00
CA LYS B 76 -34.22 -5.35 -29.99
C LYS B 76 -32.88 -5.44 -30.71
N GLY B 77 -32.90 -5.23 -32.03
CA GLY B 77 -31.69 -5.29 -32.82
C GLY B 77 -31.29 -6.71 -33.17
N HIS B 78 -32.05 -7.69 -32.69
CA HIS B 78 -31.71 -9.08 -32.98
C HIS B 78 -32.72 -9.69 -33.95
N GLY B 79 -32.23 -10.64 -34.75
CA GLY B 79 -33.06 -11.32 -35.72
C GLY B 79 -33.46 -10.44 -36.90
N THR B 80 -32.69 -9.37 -37.13
CA THR B 80 -32.93 -8.53 -38.30
C THR B 80 -31.66 -8.33 -39.12
N HIS B 81 -30.81 -7.42 -38.64
CA HIS B 81 -29.53 -7.12 -39.28
C HIS B 81 -28.60 -6.53 -38.24
N TYR B 82 -27.31 -6.78 -38.38
CA TYR B 82 -26.35 -6.27 -37.40
C TYR B 82 -26.25 -4.75 -37.33
N GLU B 83 -26.68 -4.08 -38.40
CA GLU B 83 -26.76 -2.62 -38.40
C GLU B 83 -27.84 -2.13 -37.45
N ASP B 84 -28.92 -2.89 -37.33
CA ASP B 84 -29.94 -2.57 -36.35
C ASP B 84 -29.38 -2.81 -34.95
N MET B 85 -28.65 -3.92 -34.80
CA MET B 85 -28.04 -4.24 -33.51
C MET B 85 -27.05 -3.18 -33.06
N GLU B 86 -26.28 -2.66 -34.02
CA GLU B 86 -25.29 -1.66 -33.71
C GLU B 86 -25.86 -0.40 -33.11
N ARG B 87 -27.07 -0.07 -33.54
CA ARG B 87 -27.73 1.13 -33.08
C ARG B 87 -28.42 0.92 -31.73
N THR B 88 -28.35 -0.29 -31.17
CA THR B 88 -29.04 -0.53 -29.89
C THR B 88 -28.08 -0.44 -28.70
N THR B 89 -28.65 -0.24 -27.51
CA THR B 89 -27.86 -0.34 -26.27
C THR B 89 -28.30 -1.49 -25.42
N PHE B 90 -27.54 -1.78 -24.37
CA PHE B 90 -27.93 -2.89 -23.52
C PHE B 90 -29.21 -2.59 -22.77
N HIS B 91 -29.55 -1.30 -22.67
CA HIS B 91 -30.82 -0.90 -22.09
C HIS B 91 -31.94 -1.36 -23.01
N ASP B 92 -31.64 -1.37 -24.32
CA ASP B 92 -32.61 -1.85 -25.29
C ASP B 92 -32.86 -3.33 -25.09
N TRP B 93 -31.79 -4.09 -24.87
CA TRP B 93 -31.91 -5.51 -24.63
C TRP B 93 -32.65 -5.79 -23.32
N VAL B 94 -32.34 -5.01 -22.29
CA VAL B 94 -33.03 -5.14 -21.01
C VAL B 94 -34.51 -4.87 -21.19
N ALA B 95 -34.83 -3.84 -21.97
CA ALA B 95 -36.21 -3.48 -22.23
C ALA B 95 -37.05 -4.61 -22.89
N SER B 96 -36.44 -5.32 -23.84
CA SER B 96 -37.08 -6.46 -24.48
C SER B 96 -37.44 -7.52 -23.45
N VAL B 97 -36.50 -7.78 -22.54
CA VAL B 97 -36.69 -8.80 -21.50
C VAL B 97 -37.74 -8.31 -20.49
N GLU B 98 -37.72 -7.01 -20.21
CA GLU B 98 -38.68 -6.42 -19.27
C GLU B 98 -40.10 -6.52 -19.78
N GLU B 99 -40.26 -6.41 -21.10
CA GLU B 99 -41.58 -6.53 -21.69
C GLU B 99 -42.09 -7.95 -21.53
N GLY B 100 -41.19 -8.92 -21.71
CA GLY B 100 -41.52 -10.32 -21.49
C GLY B 100 -41.87 -10.50 -20.03
N TYR B 101 -41.10 -9.85 -19.16
CA TYR B 101 -41.41 -9.90 -17.75
C TYR B 101 -42.76 -9.31 -17.40
N GLY B 102 -43.08 -8.19 -18.03
CA GLY B 102 -44.35 -7.53 -17.81
C GLY B 102 -45.54 -8.30 -18.32
N TRP B 103 -45.34 -8.91 -19.48
CA TRP B 103 -46.35 -9.71 -20.12
C TRP B 103 -46.75 -10.90 -19.26
N LEU B 104 -45.75 -11.55 -18.68
CA LEU B 104 -45.95 -12.67 -17.75
C LEU B 104 -46.65 -12.20 -16.47
N LYS B 105 -46.26 -11.04 -15.93
CA LYS B 105 -46.82 -10.60 -14.66
C LYS B 105 -48.33 -10.33 -14.70
N GLN B 106 -48.84 -10.04 -15.89
CA GLN B 106 -50.26 -9.83 -16.12
C GLN B 106 -51.03 -11.16 -16.05
N ARG B 107 -50.28 -12.25 -16.25
CA ARG B 107 -50.80 -13.60 -16.39
C ARG B 107 -50.40 -14.62 -15.30
N CYS B 108 -49.32 -14.36 -14.61
CA CYS B 108 -48.70 -15.34 -13.72
C CYS B 108 -48.43 -14.90 -12.28
N GLN B 109 -48.73 -15.82 -11.36
CA GLN B 109 -48.46 -15.60 -9.95
C GLN B 109 -46.99 -15.91 -9.69
N THR B 110 -46.54 -16.94 -10.39
CA THR B 110 -45.19 -17.49 -10.37
C THR B 110 -44.28 -17.20 -11.59
N ILE B 111 -43.08 -16.63 -11.45
CA ILE B 111 -42.34 -16.39 -12.68
C ILE B 111 -40.90 -16.91 -12.52
N PHE B 112 -40.46 -17.72 -13.49
CA PHE B 112 -39.05 -18.16 -13.59
C PHE B 112 -38.41 -17.55 -14.82
N VAL B 113 -37.11 -17.32 -14.75
CA VAL B 113 -36.36 -16.81 -15.88
C VAL B 113 -35.19 -17.72 -16.23
N THR B 114 -35.04 -18.05 -17.50
CA THR B 114 -33.94 -18.88 -17.95
C THR B 114 -33.36 -18.22 -19.20
N GLY B 115 -32.07 -18.41 -19.44
CA GLY B 115 -31.44 -17.72 -20.54
C GLY B 115 -30.10 -18.31 -20.88
N LEU B 116 -29.74 -18.21 -22.14
CA LEU B 116 -28.48 -18.74 -22.65
C LEU B 116 -27.47 -17.64 -22.92
N SER B 117 -26.27 -17.84 -22.40
CA SER B 117 -25.15 -16.94 -22.66
C SER B 117 -25.47 -15.54 -22.14
N MET B 118 -25.57 -14.56 -23.04
CA MET B 118 -25.99 -13.21 -22.61
C MET B 118 -27.43 -13.23 -22.11
N GLY B 119 -28.19 -14.22 -22.56
CA GLY B 119 -29.52 -14.43 -22.03
C GLY B 119 -29.46 -14.76 -20.56
N GLY B 120 -28.41 -15.48 -20.16
CA GLY B 120 -28.18 -15.75 -18.76
C GLY B 120 -27.75 -14.51 -18.00
N THR B 121 -26.96 -13.67 -18.65
CA THR B 121 -26.55 -12.41 -18.06
C THR B 121 -27.79 -11.57 -17.79
N LEU B 122 -28.68 -11.52 -18.77
CA LEU B 122 -29.93 -10.78 -18.64
C LEU B 122 -30.85 -11.47 -17.64
N THR B 123 -30.74 -12.79 -17.55
CA THR B 123 -31.49 -13.54 -16.56
C THR B 123 -31.08 -13.12 -15.17
N LEU B 124 -29.77 -13.03 -14.96
CA LEU B 124 -29.22 -12.57 -13.69
C LEU B 124 -29.57 -11.11 -13.39
N TYR B 125 -29.42 -10.25 -14.41
CA TYR B 125 -29.70 -8.83 -14.31
C TYR B 125 -31.12 -8.64 -13.83
N LEU B 126 -32.03 -9.43 -14.39
CA LEU B 126 -33.43 -9.31 -14.06
C LEU B 126 -33.66 -9.72 -12.62
N ALA B 127 -32.96 -10.76 -12.18
CA ALA B 127 -33.06 -11.20 -10.80
C ALA B 127 -32.48 -10.17 -9.85
N GLU B 128 -31.55 -9.36 -10.34
CA GLU B 128 -30.91 -8.31 -9.55
C GLU B 128 -31.80 -7.08 -9.36
N HIS B 129 -32.78 -6.92 -10.23
CA HIS B 129 -33.65 -5.75 -10.24
C HIS B 129 -35.13 -6.07 -9.91
N HIS B 130 -35.50 -7.35 -9.79
CA HIS B 130 -36.91 -7.70 -9.47
C HIS B 130 -37.08 -8.73 -8.34
N PRO B 131 -37.69 -8.27 -7.24
CA PRO B 131 -37.87 -9.14 -6.07
C PRO B 131 -38.90 -10.31 -6.16
N ASP B 132 -39.79 -10.32 -7.16
CA ASP B 132 -40.77 -11.42 -7.36
C ASP B 132 -40.37 -12.65 -8.17
N ILE B 133 -39.22 -12.60 -8.82
CA ILE B 133 -38.77 -13.79 -9.54
C ILE B 133 -38.63 -15.01 -8.64
N CYS B 134 -39.28 -16.08 -9.07
CA CYS B 134 -39.40 -17.29 -8.29
C CYS B 134 -38.14 -18.15 -8.32
N GLY B 135 -37.36 -17.99 -9.39
CA GLY B 135 -36.14 -18.76 -9.55
C GLY B 135 -35.48 -18.47 -10.89
N ILE B 136 -34.17 -18.67 -10.98
CA ILE B 136 -33.49 -18.42 -12.24
C ILE B 136 -32.70 -19.64 -12.71
N VAL B 137 -32.62 -19.81 -14.02
CA VAL B 137 -31.87 -20.90 -14.61
C VAL B 137 -30.95 -20.37 -15.70
N PRO B 138 -29.83 -19.76 -15.30
CA PRO B 138 -28.86 -19.31 -16.30
C PRO B 138 -28.07 -20.45 -16.91
N ILE B 139 -27.84 -20.36 -18.23
CA ILE B 139 -27.12 -21.39 -18.97
C ILE B 139 -25.93 -20.77 -19.68
N ASN B 140 -24.74 -21.14 -19.22
CA ASN B 140 -23.49 -20.56 -19.70
C ASN B 140 -23.51 -19.04 -19.72
N ALA B 141 -24.07 -18.47 -18.65
CA ALA B 141 -24.17 -17.02 -18.52
C ALA B 141 -22.78 -16.39 -18.46
N ALA B 142 -22.67 -15.21 -19.08
CA ALA B 142 -21.43 -14.45 -19.15
C ALA B 142 -21.48 -13.24 -18.21
N VAL B 143 -20.54 -13.16 -17.28
CA VAL B 143 -20.45 -12.01 -16.37
C VAL B 143 -19.06 -11.39 -16.38
N ASP B 144 -18.09 -12.16 -16.88
CA ASP B 144 -16.67 -11.79 -16.97
C ASP B 144 -16.06 -12.49 -18.22
N ILE B 145 -15.69 -11.63 -19.19
CA ILE B 145 -15.03 -12.01 -20.46
C ILE B 145 -13.71 -11.39 -20.90
N PRO B 146 -12.66 -12.18 -20.66
CA PRO B 146 -11.26 -11.77 -20.65
C PRO B 146 -10.73 -11.65 -22.05
N ALA B 147 -11.23 -10.62 -22.73
CA ALA B 147 -10.88 -10.37 -24.11
C ALA B 147 -11.30 -8.97 -24.47
N ILE B 148 -12.55 -8.67 -24.13
CA ILE B 148 -13.11 -7.35 -24.29
C ILE B 148 -12.18 -6.33 -23.64
N ALA B 149 -11.32 -5.76 -24.46
CA ALA B 149 -10.37 -4.76 -24.04
C ALA B 149 -9.13 -4.85 -24.91
N GLU B 157 -6.86 0.55 -33.46
CA GLU B 157 -8.02 1.10 -34.15
C GLU B 157 -8.92 -0.01 -34.68
N LEU B 158 -9.62 -0.67 -33.77
CA LEU B 158 -10.53 -1.76 -34.14
C LEU B 158 -11.50 -1.32 -35.22
N PRO B 159 -11.86 -2.25 -36.11
CA PRO B 159 -12.80 -1.95 -37.19
C PRO B 159 -14.22 -1.81 -36.67
N ARG B 160 -15.14 -1.40 -37.54
CA ARG B 160 -16.50 -1.16 -37.10
C ARG B 160 -17.20 -2.53 -36.88
N TYR B 161 -16.88 -3.53 -37.69
CA TYR B 161 -17.46 -4.89 -37.56
C TYR B 161 -16.35 -5.95 -37.50
N LEU B 162 -16.55 -7.00 -36.70
CA LEU B 162 -15.61 -8.13 -36.63
C LEU B 162 -16.30 -9.35 -37.22
N ASP B 163 -15.57 -10.28 -37.84
CA ASP B 163 -16.26 -11.51 -38.21
C ASP B 163 -16.71 -12.22 -36.96
N SER B 164 -17.99 -12.61 -36.90
CA SER B 164 -18.45 -13.26 -35.69
C SER B 164 -17.87 -14.65 -35.48
N ILE B 165 -17.82 -15.07 -34.23
CA ILE B 165 -17.22 -16.35 -33.91
C ILE B 165 -18.18 -17.40 -34.44
N GLY B 166 -17.68 -18.50 -34.98
CA GLY B 166 -18.56 -19.55 -35.46
C GLY B 166 -19.34 -20.03 -34.23
N SER B 167 -20.34 -20.85 -34.49
CA SER B 167 -21.29 -21.37 -33.51
C SER B 167 -20.58 -22.53 -32.81
N ASP B 168 -20.45 -22.38 -31.49
CA ASP B 168 -19.78 -23.36 -30.63
C ASP B 168 -20.72 -24.37 -30.06
N LEU B 169 -20.73 -25.45 -30.84
CA LEU B 169 -21.62 -26.58 -30.74
C LEU B 169 -20.90 -27.88 -31.02
N LYS B 170 -21.09 -28.88 -30.17
CA LYS B 170 -20.44 -30.15 -30.42
C LYS B 170 -21.10 -30.81 -31.63
N ASN B 171 -22.43 -30.92 -31.60
CA ASN B 171 -23.22 -31.41 -32.73
C ASN B 171 -23.06 -30.62 -34.03
N PRO B 172 -22.46 -31.21 -35.06
CA PRO B 172 -22.31 -30.41 -36.28
C PRO B 172 -23.62 -30.23 -37.11
N ASP B 173 -24.69 -31.01 -36.83
CA ASP B 173 -25.97 -30.96 -37.58
C ASP B 173 -26.92 -29.81 -37.19
N VAL B 174 -26.36 -28.80 -36.57
CA VAL B 174 -27.09 -27.74 -35.90
C VAL B 174 -26.76 -26.48 -36.65
N LYS B 175 -27.77 -25.65 -36.85
CA LYS B 175 -27.50 -24.31 -37.32
C LYS B 175 -28.23 -23.44 -36.35
N GLU B 176 -27.58 -22.32 -36.09
CA GLU B 176 -28.08 -21.36 -35.14
C GLU B 176 -28.18 -20.07 -35.91
N LEU B 177 -29.20 -19.31 -35.58
CA LEU B 177 -29.31 -18.03 -36.21
C LEU B 177 -28.55 -17.00 -35.44
N ALA B 178 -27.55 -16.44 -36.09
CA ALA B 178 -26.73 -15.44 -35.46
C ALA B 178 -26.13 -14.65 -36.60
N TYR B 179 -25.81 -13.40 -36.32
CA TYR B 179 -25.21 -12.50 -37.27
C TYR B 179 -23.82 -13.01 -37.62
N GLU B 180 -23.40 -12.80 -38.85
CA GLU B 180 -22.09 -13.23 -39.24
C GLU B 180 -21.07 -12.15 -39.01
N LYS B 181 -21.54 -10.96 -38.67
CA LYS B 181 -20.69 -9.87 -38.22
C LYS B 181 -21.15 -9.34 -36.86
N THR B 182 -20.21 -8.94 -36.01
CA THR B 182 -20.54 -8.37 -34.70
C THR B 182 -20.10 -6.91 -34.60
N PRO B 183 -21.06 -5.98 -34.44
CA PRO B 183 -20.58 -4.60 -34.29
C PRO B 183 -19.76 -4.41 -33.03
N THR B 184 -18.58 -3.80 -33.17
CA THR B 184 -17.70 -3.55 -32.02
C THR B 184 -18.40 -2.60 -31.04
N ALA B 185 -19.29 -1.77 -31.55
CA ALA B 185 -20.05 -0.85 -30.71
C ALA B 185 -20.90 -1.66 -29.71
N SER B 186 -21.42 -2.78 -30.19
CA SER B 186 -22.24 -3.67 -29.38
C SER B 186 -21.42 -4.45 -28.34
N LEU B 187 -20.20 -4.79 -28.70
CA LEU B 187 -19.27 -5.46 -27.79
C LEU B 187 -19.03 -4.59 -26.55
N LEU B 188 -18.88 -3.30 -26.79
CA LEU B 188 -18.68 -2.32 -25.72
C LEU B 188 -19.95 -2.38 -24.84
N GLN B 189 -21.11 -2.48 -25.48
CA GLN B 189 -22.40 -2.60 -24.79
C GLN B 189 -22.51 -3.89 -23.96
N LEU B 190 -22.02 -4.98 -24.54
CA LEU B 190 -22.00 -6.26 -23.86
C LEU B 190 -21.17 -6.19 -22.58
N ALA B 191 -20.02 -5.54 -22.70
CA ALA B 191 -19.12 -5.37 -21.56
C ALA B 191 -19.72 -4.61 -20.38
N ARG B 192 -20.42 -3.50 -20.63
CA ARG B 192 -21.02 -2.74 -19.53
C ARG B 192 -22.12 -3.51 -18.81
N LEU B 193 -22.95 -4.18 -19.59
CA LEU B 193 -24.04 -4.98 -19.05
C LEU B 193 -23.48 -6.04 -18.13
N MET B 194 -22.43 -6.72 -18.59
CA MET B 194 -21.79 -7.74 -17.77
C MET B 194 -21.21 -7.16 -16.49
N ALA B 195 -20.53 -6.02 -16.63
CA ALA B 195 -19.92 -5.34 -15.50
C ALA B 195 -20.93 -4.98 -14.43
N GLN B 196 -22.03 -4.36 -14.83
CA GLN B 196 -23.04 -3.97 -13.88
C GLN B 196 -23.70 -5.19 -13.24
N THR B 197 -23.93 -6.21 -14.05
CA THR B 197 -24.51 -7.47 -13.57
C THR B 197 -23.59 -8.16 -12.58
N LYS B 198 -22.29 -8.19 -12.87
CA LYS B 198 -21.35 -8.84 -11.97
C LYS B 198 -21.30 -8.11 -10.63
N ALA B 199 -21.33 -6.78 -10.69
CA ALA B 199 -21.23 -5.97 -9.48
C ALA B 199 -22.45 -6.11 -8.54
N LYS B 200 -23.59 -6.54 -9.06
CA LYS B 200 -24.82 -6.57 -8.25
C LYS B 200 -25.40 -7.97 -8.04
N LEU B 201 -24.57 -8.99 -8.22
CA LEU B 201 -24.97 -10.39 -8.08
C LEU B 201 -25.58 -10.68 -6.71
N ASP B 202 -25.13 -9.94 -5.71
CA ASP B 202 -25.52 -10.18 -4.33
C ASP B 202 -26.98 -9.82 -4.04
N ARG B 203 -27.66 -9.20 -5.00
CA ARG B 203 -29.06 -8.82 -4.81
C ARG B 203 -29.94 -10.00 -5.20
N ILE B 204 -29.35 -10.99 -5.84
CA ILE B 204 -30.09 -12.19 -6.22
C ILE B 204 -30.27 -13.10 -5.01
N VAL B 205 -31.53 -13.39 -4.67
CA VAL B 205 -31.82 -14.23 -3.51
C VAL B 205 -32.63 -15.48 -3.85
N CYS B 206 -33.19 -15.49 -5.05
CA CYS B 206 -34.04 -16.58 -5.52
C CYS B 206 -33.23 -17.84 -5.83
N PRO B 207 -33.86 -19.02 -5.73
CA PRO B 207 -33.19 -20.27 -6.10
C PRO B 207 -32.55 -20.21 -7.50
N ALA B 208 -31.40 -20.86 -7.65
CA ALA B 208 -30.70 -20.81 -8.93
C ALA B 208 -30.26 -22.20 -9.35
N LEU B 209 -30.53 -22.55 -10.61
CA LEU B 209 -30.00 -23.76 -11.21
C LEU B 209 -29.09 -23.30 -12.33
N ILE B 210 -27.79 -23.43 -12.11
CA ILE B 210 -26.77 -22.90 -13.02
C ILE B 210 -26.15 -24.00 -13.89
N PHE B 211 -26.37 -23.90 -15.19
CA PHE B 211 -25.79 -24.83 -16.14
C PHE B 211 -24.47 -24.30 -16.67
N VAL B 212 -23.47 -25.18 -16.75
CA VAL B 212 -22.18 -24.82 -17.32
C VAL B 212 -21.54 -25.95 -18.14
N SER B 213 -21.11 -25.56 -19.33
CA SER B 213 -20.45 -26.41 -20.32
C SER B 213 -18.96 -26.48 -20.01
N ASP B 214 -18.57 -27.62 -19.47
CA ASP B 214 -17.19 -27.93 -19.09
C ASP B 214 -16.21 -27.36 -20.16
N GLU B 215 -16.38 -27.84 -21.39
CA GLU B 215 -15.65 -27.49 -22.62
C GLU B 215 -16.33 -26.27 -23.28
N ASN B 216 -15.96 -25.07 -22.88
CA ASN B 216 -16.56 -23.93 -23.49
C ASN B 216 -15.54 -22.99 -24.08
N HIS B 217 -15.64 -22.81 -25.38
CA HIS B 217 -14.75 -21.97 -26.19
C HIS B 217 -15.20 -20.53 -26.41
N VAL B 218 -16.22 -20.08 -25.69
CA VAL B 218 -16.74 -18.71 -25.86
C VAL B 218 -16.69 -17.94 -24.54
N VAL B 219 -17.36 -18.50 -23.53
CA VAL B 219 -17.38 -17.94 -22.19
C VAL B 219 -16.57 -18.82 -21.25
N PRO B 220 -15.57 -18.23 -20.58
CA PRO B 220 -14.74 -19.00 -19.64
C PRO B 220 -15.64 -19.63 -18.59
N PRO B 221 -15.49 -20.96 -18.39
CA PRO B 221 -16.28 -21.74 -17.44
C PRO B 221 -16.16 -21.26 -16.00
N GLY B 222 -15.15 -20.46 -15.70
CA GLY B 222 -14.98 -19.87 -14.40
C GLY B 222 -16.11 -18.92 -14.04
N ASN B 223 -16.85 -18.47 -15.05
CA ASN B 223 -18.00 -17.59 -14.88
C ASN B 223 -19.12 -18.15 -14.01
N ALA B 224 -19.34 -19.46 -14.09
CA ALA B 224 -20.39 -20.08 -13.28
C ALA B 224 -20.09 -19.98 -11.80
N ASP B 225 -18.81 -20.09 -11.47
CA ASP B 225 -18.37 -19.97 -10.08
C ASP B 225 -18.51 -18.56 -9.55
N ILE B 226 -18.18 -17.58 -10.38
CA ILE B 226 -18.35 -16.19 -10.02
C ILE B 226 -19.83 -15.97 -9.71
N ILE B 227 -20.68 -16.52 -10.57
CA ILE B 227 -22.12 -16.43 -10.37
C ILE B 227 -22.52 -17.18 -9.10
N PHE B 228 -22.05 -18.41 -8.94
CA PHE B 228 -22.39 -19.24 -7.77
C PHE B 228 -22.00 -18.55 -6.46
N GLN B 229 -20.78 -18.01 -6.44
CA GLN B 229 -20.24 -17.37 -5.25
C GLN B 229 -20.83 -15.99 -5.02
N GLY B 230 -21.25 -15.33 -6.10
CA GLY B 230 -21.69 -13.96 -6.03
C GLY B 230 -23.11 -13.80 -5.52
N ILE B 231 -23.95 -14.79 -5.79
CA ILE B 231 -25.34 -14.70 -5.37
C ILE B 231 -25.56 -14.98 -3.89
N SER B 232 -26.70 -14.46 -3.41
CA SER B 232 -27.13 -14.52 -2.02
C SER B 232 -28.22 -15.58 -1.87
N SER B 233 -28.40 -16.39 -2.90
CA SER B 233 -29.43 -17.43 -2.92
C SER B 233 -29.28 -18.43 -1.77
N THR B 234 -30.39 -18.85 -1.17
CA THR B 234 -30.28 -19.85 -0.11
C THR B 234 -30.19 -21.24 -0.70
N GLU B 235 -30.68 -21.36 -1.93
CA GLU B 235 -30.61 -22.60 -2.68
CA GLU B 235 -30.62 -22.60 -2.69
C GLU B 235 -29.97 -22.37 -4.04
N LYS B 236 -28.86 -23.02 -4.29
CA LYS B 236 -28.19 -22.80 -5.56
C LYS B 236 -27.46 -24.07 -5.98
N GLU B 237 -27.53 -24.37 -7.28
CA GLU B 237 -26.84 -25.54 -7.76
C GLU B 237 -26.13 -25.34 -9.09
N ILE B 238 -25.12 -26.15 -9.34
CA ILE B 238 -24.40 -26.19 -10.60
C ILE B 238 -24.56 -27.58 -11.19
N VAL B 239 -24.91 -27.60 -12.47
CA VAL B 239 -24.94 -28.79 -13.31
C VAL B 239 -23.94 -28.60 -14.43
N ARG B 240 -22.90 -29.42 -14.43
CA ARG B 240 -21.87 -29.34 -15.45
C ARG B 240 -22.20 -30.15 -16.70
N LEU B 241 -22.42 -29.48 -17.84
CA LEU B 241 -22.77 -30.23 -19.05
C LEU B 241 -21.47 -30.78 -19.64
N ARG B 242 -21.50 -32.06 -19.99
CA ARG B 242 -20.29 -32.78 -20.40
C ARG B 242 -20.33 -33.29 -21.82
N ASN B 243 -21.37 -32.88 -22.55
CA ASN B 243 -21.52 -33.27 -23.95
C ASN B 243 -21.99 -32.11 -24.78
N SER B 244 -21.68 -30.91 -24.30
CA SER B 244 -22.07 -29.70 -24.99
C SER B 244 -20.99 -28.64 -24.94
N TYR B 245 -20.95 -27.80 -25.97
CA TYR B 245 -20.14 -26.59 -25.93
C TYR B 245 -21.05 -25.42 -25.54
N HIS B 246 -20.70 -24.21 -25.98
CA HIS B 246 -21.38 -23.01 -25.49
C HIS B 246 -22.88 -22.95 -25.76
N VAL B 247 -23.30 -23.26 -26.97
CA VAL B 247 -24.71 -23.15 -27.34
C VAL B 247 -25.44 -24.40 -26.87
N ALA B 248 -25.44 -24.60 -25.56
CA ALA B 248 -25.88 -25.86 -24.95
C ALA B 248 -27.35 -26.21 -25.19
N THR B 249 -28.21 -25.21 -25.33
CA THR B 249 -29.64 -25.44 -25.48
C THR B 249 -29.98 -26.17 -26.78
N LEU B 250 -29.08 -26.11 -27.76
CA LEU B 250 -29.28 -26.82 -29.03
C LEU B 250 -28.35 -28.03 -29.16
N ASP B 251 -27.48 -28.22 -28.18
CA ASP B 251 -26.46 -29.24 -28.26
C ASP B 251 -26.94 -30.56 -27.67
N TYR B 252 -26.03 -31.53 -27.55
CA TYR B 252 -26.35 -32.89 -27.13
C TYR B 252 -27.06 -32.99 -25.78
N ASP B 253 -26.76 -32.06 -24.87
CA ASP B 253 -27.32 -32.08 -23.52
C ASP B 253 -28.69 -31.43 -23.40
N GLN B 254 -29.28 -31.01 -24.52
CA GLN B 254 -30.61 -30.37 -24.49
C GLN B 254 -31.71 -31.06 -23.69
N PRO B 255 -31.89 -32.39 -23.84
CA PRO B 255 -32.93 -33.07 -23.06
C PRO B 255 -32.69 -32.94 -21.54
N MET B 256 -31.43 -33.01 -21.13
CA MET B 256 -31.10 -32.91 -19.71
C MET B 256 -31.34 -31.50 -19.19
N ILE B 257 -31.02 -30.50 -20.01
CA ILE B 257 -31.30 -29.11 -19.65
C ILE B 257 -32.80 -28.94 -19.40
N ILE B 258 -33.63 -29.47 -20.29
CA ILE B 258 -35.07 -29.38 -20.16
C ILE B 258 -35.67 -30.10 -18.95
N GLU B 259 -35.29 -31.35 -18.76
CA GLU B 259 -35.84 -32.14 -17.67
C GLU B 259 -35.45 -31.53 -16.31
N ARG B 260 -34.17 -31.18 -16.14
CA ARG B 260 -33.73 -30.59 -14.86
C ARG B 260 -34.39 -29.25 -14.59
N SER B 261 -34.63 -28.49 -15.65
CA SER B 261 -35.33 -27.22 -15.51
C SER B 261 -36.76 -27.44 -15.07
N LEU B 262 -37.42 -28.43 -15.67
CA LEU B 262 -38.79 -28.76 -15.30
C LEU B 262 -38.84 -29.20 -13.83
N GLU B 263 -37.81 -29.94 -13.39
CA GLU B 263 -37.72 -30.37 -12.00
C GLU B 263 -37.51 -29.18 -11.09
N PHE B 264 -36.70 -28.23 -11.55
CA PHE B 264 -36.45 -26.98 -10.82
C PHE B 264 -37.70 -26.14 -10.63
N PHE B 265 -38.49 -26.02 -11.69
CA PHE B 265 -39.70 -25.23 -11.66
C PHE B 265 -40.69 -25.82 -10.64
N ALA B 266 -40.91 -27.13 -10.73
CA ALA B 266 -41.85 -27.82 -9.84
C ALA B 266 -41.39 -27.80 -8.37
N LYS B 267 -40.09 -27.80 -8.17
CA LYS B 267 -39.53 -27.82 -6.83
C LYS B 267 -39.89 -26.48 -6.17
N HIS B 268 -39.93 -25.42 -6.97
CA HIS B 268 -40.17 -24.08 -6.42
C HIS B 268 -41.54 -23.42 -6.71
N ALA B 269 -42.38 -24.09 -7.52
CA ALA B 269 -43.72 -23.57 -7.84
C ALA B 269 -44.63 -23.34 -6.63
N SER C 22 -19.17 -7.24 42.14
CA SER C 22 -19.40 -8.39 43.02
C SER C 22 -19.48 -9.63 42.15
N GLU C 23 -18.59 -10.51 42.53
CA GLU C 23 -18.40 -11.88 42.12
C GLU C 23 -19.39 -12.94 42.62
N GLN C 24 -19.91 -13.83 41.77
CA GLN C 24 -20.88 -14.79 42.29
C GLN C 24 -20.29 -16.16 42.79
N TYR C 25 -19.05 -16.46 42.42
CA TYR C 25 -18.42 -17.75 42.72
C TYR C 25 -17.35 -17.55 43.80
N PRO C 26 -17.10 -18.58 44.61
CA PRO C 26 -16.09 -18.49 45.67
C PRO C 26 -14.68 -18.48 45.14
N VAL C 27 -13.78 -17.85 45.89
CA VAL C 27 -12.39 -17.78 45.48
C VAL C 27 -11.78 -19.16 45.60
N LEU C 28 -10.96 -19.52 44.62
CA LEU C 28 -10.31 -20.82 44.59
C LEU C 28 -9.02 -20.82 45.42
N SER C 29 -8.69 -21.97 45.99
CA SER C 29 -7.45 -22.17 46.72
C SER C 29 -6.24 -21.93 45.79
N GLY C 30 -5.34 -21.04 46.16
CA GLY C 30 -4.19 -20.73 45.33
C GLY C 30 -4.36 -19.40 44.59
N ALA C 31 -5.56 -18.86 44.63
CA ALA C 31 -5.87 -17.63 43.93
C ALA C 31 -5.95 -16.41 44.86
N GLU C 32 -5.64 -16.60 46.13
CA GLU C 32 -5.71 -15.50 47.11
C GLU C 32 -4.68 -14.41 46.83
N PRO C 33 -5.10 -13.14 47.01
CA PRO C 33 -4.14 -12.04 46.88
C PRO C 33 -3.10 -12.10 47.98
N PHE C 34 -1.95 -11.46 47.79
CA PHE C 34 -0.90 -11.55 48.79
C PHE C 34 -0.41 -10.14 49.18
N TYR C 35 -0.37 -9.86 50.48
CA TYR C 35 0.10 -8.58 50.99
C TYR C 35 1.19 -8.90 52.01
N ALA C 36 2.24 -8.08 52.00
CA ALA C 36 3.37 -8.12 52.93
C ALA C 36 3.82 -6.74 53.27
N GLU C 37 3.81 -6.40 54.56
CA GLU C 37 4.26 -5.10 54.97
C GLU C 37 5.76 -5.06 55.42
N ASN C 38 6.61 -4.38 54.64
CA ASN C 38 7.99 -4.23 55.09
C ASN C 38 8.59 -2.82 55.02
N GLY C 39 9.56 -2.65 54.12
CA GLY C 39 10.25 -1.40 53.98
C GLY C 39 9.37 -0.38 53.29
N PRO C 40 9.92 0.80 53.02
CA PRO C 40 9.18 1.87 52.37
C PRO C 40 9.10 1.65 50.86
N VAL C 41 9.99 0.81 50.32
CA VAL C 41 9.97 0.56 48.88
C VAL C 41 9.00 -0.59 48.57
N GLY C 42 8.07 -0.34 47.65
CA GLY C 42 7.02 -1.30 47.33
C GLY C 42 7.05 -1.91 45.95
N VAL C 43 6.58 -3.15 45.85
CA VAL C 43 6.46 -3.82 44.55
C VAL C 43 5.02 -4.27 44.34
N LEU C 44 4.45 -3.87 43.21
CA LEU C 44 3.10 -4.28 42.81
C LEU C 44 3.18 -5.38 41.77
N LEU C 45 2.52 -6.52 42.02
CA LEU C 45 2.61 -7.64 41.09
C LEU C 45 1.26 -7.99 40.45
N VAL C 46 1.24 -8.07 39.12
CA VAL C 46 -0.02 -8.26 38.40
C VAL C 46 -0.04 -9.56 37.62
N HIS C 47 -1.03 -10.39 37.89
CA HIS C 47 -1.15 -11.65 37.16
C HIS C 47 -1.91 -11.41 35.86
N GLY C 48 -2.13 -12.49 35.11
CA GLY C 48 -2.66 -12.39 33.76
C GLY C 48 -4.10 -12.79 33.52
N PHE C 49 -4.46 -12.69 32.24
CA PHE C 49 -5.78 -12.99 31.69
C PHE C 49 -6.17 -14.45 31.92
N THR C 50 -7.28 -14.66 32.61
CA THR C 50 -7.76 -15.98 33.08
C THR C 50 -6.91 -16.65 34.18
N GLY C 51 -5.84 -15.99 34.57
CA GLY C 51 -4.93 -16.50 35.58
C GLY C 51 -5.30 -16.08 36.99
N THR C 52 -4.39 -16.32 37.93
CA THR C 52 -4.61 -16.04 39.35
C THR C 52 -3.29 -15.55 39.93
N PRO C 53 -3.30 -15.02 41.16
CA PRO C 53 -2.06 -14.66 41.88
C PRO C 53 -1.03 -15.78 41.95
N HIS C 54 -1.44 -17.02 41.72
CA HIS C 54 -0.54 -18.17 41.74
C HIS C 54 0.73 -18.04 40.89
N SER C 55 0.58 -17.44 39.71
CA SER C 55 1.67 -17.31 38.76
C SER C 55 2.73 -16.33 39.23
N MET C 56 2.36 -15.41 40.10
CA MET C 56 3.25 -14.36 40.56
C MET C 56 3.73 -14.55 42.00
N ARG C 57 3.11 -15.50 42.71
CA ARG C 57 3.37 -15.71 44.14
C ARG C 57 4.85 -15.96 44.52
N PRO C 58 5.57 -16.79 43.75
CA PRO C 58 6.98 -17.01 44.09
C PRO C 58 7.80 -15.71 43.99
N LEU C 59 7.46 -14.85 43.04
CA LEU C 59 8.14 -13.56 42.95
C LEU C 59 7.78 -12.69 44.15
N ALA C 60 6.49 -12.62 44.48
CA ALA C 60 6.00 -11.83 45.60
C ALA C 60 6.66 -12.23 46.94
N GLU C 61 6.72 -13.52 47.20
CA GLU C 61 7.29 -14.01 48.46
C GLU C 61 8.77 -13.75 48.57
N ALA C 62 9.47 -13.86 47.44
CA ALA C 62 10.90 -13.58 47.40
C ALA C 62 11.17 -12.11 47.69
N TYR C 63 10.37 -11.21 47.12
CA TYR C 63 10.59 -9.78 47.30
C TYR C 63 10.22 -9.38 48.74
N ALA C 64 9.21 -10.02 49.31
CA ALA C 64 8.84 -9.76 50.70
C ALA C 64 10.01 -10.17 51.59
N LYS C 65 10.57 -11.34 51.30
CA LYS C 65 11.72 -11.86 52.03
C LYS C 65 12.92 -10.91 51.85
N ALA C 66 12.97 -10.21 50.72
CA ALA C 66 14.07 -9.29 50.48
C ALA C 66 13.91 -7.97 51.22
N GLY C 67 12.75 -7.77 51.81
CA GLY C 67 12.50 -6.60 52.64
C GLY C 67 11.58 -5.58 52.00
N TYR C 68 10.99 -5.93 50.87
CA TYR C 68 10.07 -5.04 50.16
C TYR C 68 8.65 -5.19 50.67
N THR C 69 7.93 -4.09 50.72
CA THR C 69 6.49 -4.15 50.93
C THR C 69 5.91 -4.63 49.61
N VAL C 70 5.00 -5.59 49.68
CA VAL C 70 4.54 -6.30 48.49
C VAL C 70 3.03 -6.34 48.38
N CYS C 71 2.53 -6.07 47.18
CA CYS C 71 1.11 -6.19 46.91
C CYS C 71 0.83 -7.01 45.65
N LEU C 72 0.18 -8.16 45.84
CA LEU C 72 -0.20 -9.00 44.71
C LEU C 72 -1.71 -9.19 44.75
N PRO C 73 -2.46 -8.32 44.05
CA PRO C 73 -3.92 -8.40 44.09
C PRO C 73 -4.53 -9.47 43.20
N ARG C 74 -5.79 -9.81 43.46
CA ARG C 74 -6.57 -10.69 42.59
C ARG C 74 -7.51 -9.87 41.72
N LEU C 75 -7.31 -9.99 40.40
CA LEU C 75 -8.13 -9.29 39.40
C LEU C 75 -9.60 -9.68 39.48
N LYS C 76 -10.48 -8.71 39.25
CA LYS C 76 -11.91 -8.98 39.32
C LYS C 76 -12.32 -10.05 38.32
N GLY C 77 -13.13 -11.00 38.76
CA GLY C 77 -13.58 -12.07 37.88
C GLY C 77 -12.58 -13.19 37.72
N HIS C 78 -11.42 -13.06 38.36
CA HIS C 78 -10.39 -14.09 38.25
C HIS C 78 -10.25 -14.88 39.53
N GLY C 79 -9.84 -16.14 39.39
CA GLY C 79 -9.65 -17.00 40.53
C GLY C 79 -10.94 -17.44 41.19
N THR C 80 -12.04 -17.35 40.45
CA THR C 80 -13.32 -17.80 40.94
C THR C 80 -13.91 -18.74 39.90
N HIS C 81 -14.50 -18.16 38.87
CA HIS C 81 -15.10 -18.93 37.78
C HIS C 81 -15.15 -18.06 36.53
N TYR C 82 -15.03 -18.69 35.37
CA TYR C 82 -15.00 -17.94 34.11
C TYR C 82 -16.29 -17.19 33.83
N GLU C 83 -17.38 -17.61 34.47
CA GLU C 83 -18.64 -16.89 34.34
C GLU C 83 -18.55 -15.53 35.02
N ASP C 84 -17.80 -15.50 36.12
CA ASP C 84 -17.53 -14.26 36.82
C ASP C 84 -16.68 -13.39 35.93
N MET C 85 -15.66 -13.98 35.30
CA MET C 85 -14.77 -13.23 34.42
C MET C 85 -15.56 -12.62 33.25
N GLU C 86 -16.53 -13.38 32.74
CA GLU C 86 -17.37 -12.96 31.61
C GLU C 86 -18.11 -11.67 31.91
N ARG C 87 -18.39 -11.46 33.18
CA ARG C 87 -19.14 -10.31 33.64
C ARG C 87 -18.23 -9.08 33.79
N THR C 88 -16.93 -9.26 33.58
CA THR C 88 -15.98 -8.15 33.76
C THR C 88 -15.59 -7.44 32.46
N THR C 89 -15.26 -6.16 32.57
CA THR C 89 -14.69 -5.35 31.48
C THR C 89 -13.20 -5.11 31.79
N PHE C 90 -12.40 -4.60 30.85
CA PHE C 90 -10.97 -4.35 31.20
C PHE C 90 -10.74 -3.26 32.24
N HIS C 91 -11.72 -2.37 32.41
CA HIS C 91 -11.65 -1.34 33.45
C HIS C 91 -11.80 -2.00 34.83
N ASP C 92 -12.52 -3.12 34.90
CA ASP C 92 -12.61 -3.86 36.16
C ASP C 92 -11.24 -4.36 36.51
N TRP C 93 -10.51 -4.86 35.51
CA TRP C 93 -9.17 -5.35 35.73
C TRP C 93 -8.23 -4.22 36.13
N VAL C 94 -8.35 -3.08 35.47
CA VAL C 94 -7.58 -1.90 35.82
C VAL C 94 -7.86 -1.48 37.27
N ALA C 95 -9.13 -1.50 37.63
CA ALA C 95 -9.54 -1.10 38.97
C ALA C 95 -8.89 -1.96 40.06
N SER C 96 -8.82 -3.26 39.84
CA SER C 96 -8.17 -4.15 40.80
C SER C 96 -6.72 -3.77 40.98
N VAL C 97 -6.05 -3.43 39.88
CA VAL C 97 -4.65 -3.03 39.95
C VAL C 97 -4.46 -1.64 40.58
N GLU C 98 -5.34 -0.72 40.23
CA GLU C 98 -5.30 0.61 40.82
C GLU C 98 -5.44 0.55 42.34
N GLU C 99 -6.36 -0.28 42.83
CA GLU C 99 -6.57 -0.46 44.26
C GLU C 99 -5.32 -0.94 44.97
N GLY C 100 -4.60 -1.87 44.34
CA GLY C 100 -3.36 -2.33 44.92
C GLY C 100 -2.24 -1.30 44.92
N TYR C 101 -2.13 -0.57 43.81
CA TYR C 101 -1.19 0.53 43.67
C TYR C 101 -1.53 1.54 44.77
N GLY C 102 -2.82 1.80 44.93
CA GLY C 102 -3.27 2.74 45.93
C GLY C 102 -2.94 2.23 47.31
N TRP C 103 -3.02 0.92 47.51
CA TRP C 103 -2.64 0.35 48.80
C TRP C 103 -1.16 0.58 49.11
N LEU C 104 -0.30 0.39 48.09
CA LEU C 104 1.14 0.64 48.27
C LEU C 104 1.54 2.09 48.38
N LYS C 105 0.85 2.92 47.61
CA LYS C 105 1.10 4.36 47.57
C LYS C 105 0.89 4.91 48.96
N GLN C 106 0.00 4.25 49.70
CA GLN C 106 -0.34 4.65 51.04
C GLN C 106 0.75 4.31 52.03
N ARG C 107 1.69 3.46 51.63
CA ARG C 107 2.67 2.90 52.56
C ARG C 107 4.05 3.16 52.01
N CYS C 108 4.14 3.42 50.72
CA CYS C 108 5.48 3.45 50.13
C CYS C 108 5.71 4.74 49.37
N GLN C 109 6.93 5.27 49.46
CA GLN C 109 7.33 6.43 48.67
C GLN C 109 7.75 5.93 47.30
N THR C 110 8.26 4.71 47.21
CA THR C 110 8.82 4.29 45.95
C THR C 110 8.18 2.96 45.65
N ILE C 111 7.70 2.91 44.42
CA ILE C 111 6.94 1.79 43.90
C ILE C 111 7.38 1.26 42.54
N PHE C 112 7.65 -0.03 42.46
CA PHE C 112 7.90 -0.68 41.17
C PHE C 112 6.68 -1.53 40.82
N VAL C 113 6.46 -1.76 39.52
CA VAL C 113 5.35 -2.60 39.08
C VAL C 113 5.86 -3.66 38.12
N THR C 114 5.46 -4.91 38.35
CA THR C 114 5.84 -6.02 37.48
C THR C 114 4.62 -6.90 37.19
N GLY C 115 4.60 -7.54 36.02
CA GLY C 115 3.46 -8.33 35.63
C GLY C 115 3.74 -9.31 34.51
N LEU C 116 2.99 -10.40 34.48
CA LEU C 116 3.15 -11.41 33.45
C LEU C 116 2.01 -11.33 32.44
N SER C 117 2.38 -11.31 31.16
CA SER C 117 1.41 -11.32 30.07
C SER C 117 0.50 -10.10 30.13
N MET C 118 -0.80 -10.33 30.35
CA MET C 118 -1.73 -9.21 30.52
C MET C 118 -1.38 -8.44 31.79
N GLY C 119 -0.74 -9.12 32.74
CA GLY C 119 -0.23 -8.43 33.91
C GLY C 119 0.84 -7.44 33.50
N GLY C 120 1.59 -7.81 32.48
CA GLY C 120 2.57 -6.91 31.89
C GLY C 120 1.91 -5.77 31.15
N THR C 121 0.80 -6.09 30.49
CA THR C 121 0.03 -5.07 29.78
C THR C 121 -0.48 -4.04 30.76
N LEU C 122 -0.99 -4.51 31.89
CA LEU C 122 -1.53 -3.66 32.95
C LEU C 122 -0.41 -2.88 33.62
N THR C 123 0.77 -3.49 33.65
CA THR C 123 1.97 -2.82 34.16
C THR C 123 2.27 -1.62 33.27
N LEU C 124 2.22 -1.83 31.96
CA LEU C 124 2.42 -0.74 31.00
C LEU C 124 1.30 0.31 31.17
N TYR C 125 0.05 -0.14 31.22
CA TYR C 125 -1.10 0.77 31.38
C TYR C 125 -0.95 1.64 32.60
N LEU C 126 -0.46 1.06 33.68
CA LEU C 126 -0.34 1.77 34.93
C LEU C 126 0.73 2.85 34.84
N ALA C 127 1.85 2.51 34.21
CA ALA C 127 2.96 3.45 34.03
C ALA C 127 2.58 4.61 33.09
N GLU C 128 1.53 4.41 32.30
CA GLU C 128 1.07 5.44 31.39
C GLU C 128 0.19 6.42 32.16
N HIS C 129 -0.29 6.04 33.35
CA HIS C 129 -1.24 6.92 34.03
C HIS C 129 -0.66 7.30 35.36
N HIS C 130 0.56 6.83 35.59
CA HIS C 130 1.34 7.26 36.73
C HIS C 130 2.77 7.46 36.24
N PRO C 131 3.22 8.71 36.25
CA PRO C 131 4.61 9.01 35.89
C PRO C 131 5.45 9.21 37.14
N ASP C 132 4.96 8.70 38.27
CA ASP C 132 5.64 8.87 39.53
C ASP C 132 5.95 7.48 40.07
N ILE C 133 5.80 6.54 39.15
CA ILE C 133 6.15 5.12 39.30
C ILE C 133 7.65 5.01 39.10
N CYS C 134 8.37 4.38 40.03
CA CYS C 134 9.83 4.39 39.99
C CYS C 134 10.43 3.48 38.91
N GLY C 135 9.69 2.45 38.52
CA GLY C 135 10.17 1.53 37.48
C GLY C 135 9.22 0.38 37.16
N ILE C 136 9.34 -0.19 35.97
CA ILE C 136 8.47 -1.30 35.59
C ILE C 136 9.27 -2.51 35.11
N VAL C 137 8.72 -3.69 35.37
CA VAL C 137 9.31 -4.95 34.93
C VAL C 137 8.25 -5.81 34.26
N PRO C 138 7.91 -5.49 33.00
CA PRO C 138 6.94 -6.35 32.31
C PRO C 138 7.56 -7.68 31.87
N ILE C 139 6.82 -8.77 32.05
CA ILE C 139 7.33 -10.09 31.69
C ILE C 139 6.43 -10.73 30.66
N ASN C 140 6.95 -10.88 29.45
CA ASN C 140 6.17 -11.37 28.30
C ASN C 140 4.87 -10.61 28.16
N ALA C 141 4.95 -9.29 28.30
CA ALA C 141 3.79 -8.41 28.21
C ALA C 141 3.19 -8.46 26.81
N ALA C 142 1.87 -8.42 26.74
CA ALA C 142 1.15 -8.49 25.47
C ALA C 142 0.61 -7.12 25.02
N VAL C 143 0.99 -6.70 23.82
CA VAL C 143 0.45 -5.44 23.27
C VAL C 143 -0.13 -5.64 21.87
N ASP C 144 0.24 -6.75 21.23
CA ASP C 144 -0.22 -7.11 19.88
C ASP C 144 -0.20 -8.61 19.70
N ILE C 145 -1.39 -9.20 19.72
CA ILE C 145 -1.60 -10.62 19.47
C ILE C 145 -2.64 -10.83 18.36
N PRO C 146 -2.18 -11.02 17.12
CA PRO C 146 -3.14 -11.11 16.02
C PRO C 146 -4.19 -12.20 16.25
N ALA C 147 -5.45 -11.75 16.24
CA ALA C 147 -6.68 -12.54 16.46
C ALA C 147 -7.75 -11.62 17.01
N GLU C 157 -20.59 -14.45 15.88
CA GLU C 157 -20.49 -15.73 15.20
C GLU C 157 -19.67 -16.73 16.01
N LEU C 158 -18.83 -16.21 16.90
CA LEU C 158 -17.98 -17.05 17.74
C LEU C 158 -18.75 -17.57 18.95
N PRO C 159 -18.38 -18.75 19.41
CA PRO C 159 -19.04 -19.36 20.56
C PRO C 159 -18.99 -18.43 21.74
N ARG C 160 -19.73 -18.76 22.78
CA ARG C 160 -19.73 -17.94 23.96
C ARG C 160 -18.44 -18.16 24.72
N TYR C 161 -18.01 -19.42 24.75
CA TYR C 161 -16.75 -19.75 25.36
C TYR C 161 -15.81 -20.53 24.43
N LEU C 162 -14.54 -20.19 24.45
CA LEU C 162 -13.51 -20.93 23.73
C LEU C 162 -12.70 -21.73 24.74
N ASP C 163 -12.27 -22.91 24.32
CA ASP C 163 -11.33 -23.68 25.09
C ASP C 163 -10.08 -22.82 25.20
N SER C 164 -9.63 -22.71 26.45
CA SER C 164 -8.49 -21.91 26.84
C SER C 164 -7.24 -22.56 26.30
N ILE C 165 -6.37 -21.71 25.76
CA ILE C 165 -5.07 -22.14 25.32
C ILE C 165 -4.37 -22.72 26.56
N GLY C 166 -3.70 -23.84 26.35
CA GLY C 166 -2.99 -24.52 27.43
C GLY C 166 -1.89 -23.82 28.18
N SER C 167 -1.41 -24.43 29.26
CA SER C 167 -0.34 -23.76 29.96
C SER C 167 0.92 -23.85 29.12
N ASP C 168 1.54 -22.72 28.81
CA ASP C 168 2.79 -22.78 28.06
C ASP C 168 3.98 -22.90 29.03
N LEU C 169 4.41 -24.09 29.41
CA LEU C 169 5.55 -24.16 30.32
C LEU C 169 6.48 -25.22 29.77
N LYS C 170 7.77 -24.93 29.84
CA LYS C 170 8.79 -25.92 29.52
C LYS C 170 8.89 -26.98 30.59
N ASN C 171 8.94 -26.53 31.84
CA ASN C 171 8.99 -27.42 32.97
C ASN C 171 7.67 -28.18 33.05
N PRO C 172 7.74 -29.50 32.97
CA PRO C 172 6.52 -30.32 33.01
C PRO C 172 6.02 -30.51 34.45
N ASP C 173 6.90 -30.34 35.43
CA ASP C 173 6.53 -30.59 36.82
C ASP C 173 5.79 -29.42 37.48
N VAL C 174 5.42 -28.43 36.67
CA VAL C 174 4.67 -27.25 37.13
C VAL C 174 3.25 -27.26 36.59
N LYS C 175 2.24 -27.16 37.47
CA LYS C 175 0.92 -26.80 36.99
C LYS C 175 0.52 -25.35 37.26
N GLU C 176 0.00 -24.68 36.24
CA GLU C 176 -0.52 -23.33 36.45
C GLU C 176 -2.02 -23.36 36.77
N LEU C 177 -2.45 -22.51 37.70
CA LEU C 177 -3.86 -22.31 38.01
C LEU C 177 -4.55 -21.29 37.10
N ALA C 178 -5.36 -21.76 36.15
CA ALA C 178 -6.02 -20.85 35.21
C ALA C 178 -7.31 -21.49 34.69
N TYR C 179 -8.26 -20.66 34.25
CA TYR C 179 -9.55 -21.16 33.77
C TYR C 179 -9.40 -22.07 32.56
N GLU C 180 -10.26 -23.06 32.41
CA GLU C 180 -10.20 -23.94 31.27
C GLU C 180 -10.96 -23.44 30.10
N LYS C 181 -11.78 -22.44 30.33
CA LYS C 181 -12.54 -21.81 29.25
C LYS C 181 -12.31 -20.33 29.24
N THR C 182 -12.25 -19.76 28.04
CA THR C 182 -12.05 -18.35 27.86
C THR C 182 -13.30 -17.74 27.26
N PRO C 183 -13.93 -16.82 28.01
CA PRO C 183 -15.11 -16.13 27.49
C PRO C 183 -14.70 -15.23 26.35
N THR C 184 -15.41 -15.30 25.23
CA THR C 184 -15.07 -14.48 24.05
C THR C 184 -15.32 -13.01 24.34
N ALA C 185 -16.28 -12.72 25.21
CA ALA C 185 -16.53 -11.34 25.60
C ALA C 185 -15.30 -10.77 26.29
N SER C 186 -14.56 -11.64 26.98
CA SER C 186 -13.34 -11.22 27.66
C SER C 186 -12.22 -10.98 26.65
N LEU C 187 -12.23 -11.73 25.54
CA LEU C 187 -11.26 -11.52 24.47
C LEU C 187 -11.39 -10.11 23.89
N LEU C 188 -12.62 -9.62 23.76
CA LEU C 188 -12.86 -8.28 23.23
C LEU C 188 -12.25 -7.25 24.17
N GLN C 189 -12.51 -7.40 25.46
CA GLN C 189 -11.98 -6.52 26.50
C GLN C 189 -10.45 -6.55 26.51
N LEU C 190 -9.88 -7.73 26.37
CA LEU C 190 -8.44 -7.86 26.26
C LEU C 190 -7.92 -7.08 25.07
N ALA C 191 -8.58 -7.25 23.92
CA ALA C 191 -8.15 -6.57 22.71
C ALA C 191 -8.18 -5.04 22.81
N ARG C 192 -9.22 -4.51 23.45
CA ARG C 192 -9.33 -3.06 23.66
C ARG C 192 -8.27 -2.53 24.62
N LEU C 193 -7.98 -3.29 25.67
CA LEU C 193 -6.95 -2.93 26.64
C LEU C 193 -5.58 -2.87 25.94
N MET C 194 -5.25 -3.92 25.18
CA MET C 194 -3.99 -3.96 24.44
C MET C 194 -3.84 -2.80 23.45
N ALA C 195 -4.94 -2.46 22.77
CA ALA C 195 -4.92 -1.40 21.76
C ALA C 195 -4.60 -0.05 22.38
N GLN C 196 -5.26 0.23 23.50
CA GLN C 196 -5.05 1.46 24.23
C GLN C 196 -3.64 1.54 24.80
N THR C 197 -3.21 0.44 25.41
CA THR C 197 -1.88 0.32 25.99
C THR C 197 -0.80 0.48 24.94
N LYS C 198 -0.96 -0.15 23.78
CA LYS C 198 0.03 -0.01 22.71
C LYS C 198 0.16 1.43 22.25
N ALA C 199 -0.98 2.11 22.12
CA ALA C 199 -0.98 3.47 21.62
C ALA C 199 -0.38 4.59 22.53
N LYS C 200 -0.38 4.39 23.84
CA LYS C 200 0.07 5.44 24.79
C LYS C 200 1.43 5.10 25.39
N LEU C 201 2.14 4.20 24.71
CA LEU C 201 3.43 3.71 25.19
C LEU C 201 4.40 4.88 25.41
N ASP C 202 4.24 5.93 24.61
CA ASP C 202 5.14 7.07 24.72
C ASP C 202 5.03 7.87 26.02
N ARG C 203 3.96 7.68 26.80
CA ARG C 203 3.83 8.35 28.09
C ARG C 203 4.72 7.73 29.16
N ILE C 204 5.19 6.51 28.94
CA ILE C 204 6.03 5.84 29.94
C ILE C 204 7.46 6.42 29.89
N VAL C 205 7.94 6.89 31.03
CA VAL C 205 9.26 7.50 31.13
C VAL C 205 10.13 6.84 32.20
N CYS C 206 9.51 6.00 33.04
CA CYS C 206 10.24 5.34 34.12
C CYS C 206 11.13 4.24 33.56
N PRO C 207 12.22 3.90 34.27
CA PRO C 207 13.13 2.81 33.87
C PRO C 207 12.39 1.51 33.60
N ALA C 208 12.88 0.73 32.63
CA ALA C 208 12.19 -0.49 32.26
C ALA C 208 13.12 -1.70 32.12
N LEU C 209 12.73 -2.79 32.75
CA LEU C 209 13.39 -4.08 32.58
C LEU C 209 12.43 -5.03 31.91
N ILE C 210 12.68 -5.36 30.65
CA ILE C 210 11.74 -6.15 29.87
C ILE C 210 12.21 -7.61 29.71
N PHE C 211 11.48 -8.54 30.33
CA PHE C 211 11.76 -9.96 30.19
C PHE C 211 10.94 -10.48 29.01
N VAL C 212 11.57 -11.30 28.18
CA VAL C 212 10.90 -11.92 27.04
C VAL C 212 11.41 -13.34 26.80
N SER C 213 10.50 -14.30 26.65
CA SER C 213 10.91 -15.66 26.31
C SER C 213 11.19 -15.85 24.83
N ASP C 214 12.39 -16.33 24.51
CA ASP C 214 12.78 -16.60 23.12
C ASP C 214 11.79 -17.54 22.48
N GLU C 215 11.39 -18.54 23.23
CA GLU C 215 10.36 -19.47 22.77
C GLU C 215 9.06 -19.16 23.50
N ASN C 216 8.04 -18.79 22.75
CA ASN C 216 6.77 -18.44 23.33
C ASN C 216 5.66 -18.85 22.42
N HIS C 217 4.80 -19.72 22.89
CA HIS C 217 3.77 -20.27 22.03
C HIS C 217 2.43 -19.57 22.25
N VAL C 218 2.47 -18.44 22.95
CA VAL C 218 1.26 -17.68 23.23
C VAL C 218 1.33 -16.25 22.76
N VAL C 219 2.31 -15.53 23.29
CA VAL C 219 2.54 -14.14 22.97
C VAL C 219 3.78 -13.94 22.14
N PRO C 220 3.65 -13.36 20.93
CA PRO C 220 4.80 -13.31 20.02
C PRO C 220 5.90 -12.49 20.71
N PRO C 221 7.19 -12.89 20.58
CA PRO C 221 8.23 -12.16 21.32
C PRO C 221 8.52 -10.80 20.69
N GLY C 222 8.01 -10.54 19.50
CA GLY C 222 8.15 -9.23 18.88
C GLY C 222 7.34 -8.16 19.60
N ASN C 223 6.41 -8.59 20.44
CA ASN C 223 5.80 -7.73 21.44
C ASN C 223 6.83 -6.98 22.29
N ALA C 224 7.91 -7.66 22.66
CA ALA C 224 8.95 -7.04 23.47
C ALA C 224 9.59 -5.81 22.80
N ASP C 225 9.82 -5.90 21.50
CA ASP C 225 10.43 -4.78 20.77
C ASP C 225 9.48 -3.61 20.62
N ILE C 226 8.20 -3.91 20.41
CA ILE C 226 7.20 -2.85 20.34
C ILE C 226 7.22 -2.05 21.63
N ILE C 227 7.28 -2.74 22.76
CA ILE C 227 7.34 -2.04 24.02
C ILE C 227 8.63 -1.25 24.12
N PHE C 228 9.76 -1.90 23.83
CA PHE C 228 11.08 -1.28 23.92
C PHE C 228 11.23 -0.03 23.04
N GLN C 229 10.76 -0.11 21.79
CA GLN C 229 10.85 1.00 20.86
C GLN C 229 9.80 2.07 21.17
N GLY C 230 8.69 1.63 21.75
CA GLY C 230 7.56 2.50 21.98
C GLY C 230 7.70 3.41 23.17
N ILE C 231 8.35 2.94 24.22
CA ILE C 231 8.47 3.71 25.45
C ILE C 231 9.48 4.85 25.36
N SER C 232 9.29 5.86 26.19
CA SER C 232 10.15 7.05 26.21
C SER C 232 11.19 7.03 27.33
N SER C 233 11.35 5.89 27.98
CA SER C 233 12.31 5.74 29.09
C SER C 233 13.75 5.99 28.64
N THR C 234 14.54 6.63 29.48
CA THR C 234 15.93 6.93 29.17
C THR C 234 16.86 5.87 29.76
N GLU C 235 16.29 4.73 30.12
CA GLU C 235 17.07 3.63 30.70
C GLU C 235 16.34 2.30 30.57
N LYS C 236 16.18 1.83 29.35
CA LYS C 236 15.50 0.56 29.09
C LYS C 236 16.47 -0.62 29.17
N GLU C 237 15.94 -1.83 29.11
CA GLU C 237 16.77 -3.03 29.18
C GLU C 237 15.94 -4.29 28.87
N ILE C 238 16.55 -5.21 28.13
CA ILE C 238 15.89 -6.46 27.78
C ILE C 238 16.68 -7.68 28.22
N VAL C 239 16.01 -8.64 28.84
CA VAL C 239 16.62 -9.94 29.07
C VAL C 239 15.84 -11.05 28.34
N ARG C 240 16.46 -11.68 27.34
CA ARG C 240 15.74 -12.78 26.67
C ARG C 240 15.98 -14.05 27.47
N LEU C 241 14.88 -14.69 27.85
CA LEU C 241 14.90 -15.90 28.64
C LEU C 241 14.95 -17.07 27.67
N ARG C 242 15.96 -17.93 27.86
CA ARG C 242 16.19 -19.02 26.93
C ARG C 242 15.78 -20.41 27.42
N ASN C 243 15.28 -20.50 28.65
CA ASN C 243 14.85 -21.77 29.23
C ASN C 243 13.41 -21.73 29.73
N SER C 244 12.58 -20.87 29.16
CA SER C 244 11.18 -20.75 29.57
C SER C 244 10.30 -20.50 28.37
N TYR C 245 9.05 -20.93 28.50
CA TYR C 245 8.02 -20.53 27.56
C TYR C 245 7.25 -19.32 28.10
N HIS C 246 5.96 -19.23 27.78
CA HIS C 246 5.21 -18.01 28.11
C HIS C 246 5.09 -17.71 29.61
N VAL C 247 4.71 -18.71 30.39
CA VAL C 247 4.52 -18.52 31.82
C VAL C 247 5.89 -18.56 32.54
N ALA C 248 6.74 -17.59 32.22
CA ALA C 248 8.14 -17.60 32.66
C ALA C 248 8.30 -17.50 34.17
N THR C 249 7.36 -16.84 34.85
CA THR C 249 7.50 -16.62 36.29
C THR C 249 7.43 -17.94 37.09
N LEU C 250 6.87 -18.99 36.51
CA LEU C 250 6.80 -20.29 37.19
C LEU C 250 7.73 -21.31 36.53
N ASP C 251 8.39 -20.89 35.45
CA ASP C 251 9.25 -21.76 34.64
C ASP C 251 10.71 -21.78 35.11
N TYR C 252 11.57 -22.46 34.35
CA TYR C 252 12.97 -22.64 34.74
C TYR C 252 13.76 -21.34 34.94
N ASP C 253 13.35 -20.27 34.28
CA ASP C 253 14.10 -19.02 34.39
C ASP C 253 13.66 -18.17 35.58
N GLN C 254 12.77 -18.72 36.40
CA GLN C 254 12.28 -18.02 37.58
C GLN C 254 13.34 -17.43 38.53
N PRO C 255 14.41 -18.19 38.83
CA PRO C 255 15.42 -17.59 39.69
C PRO C 255 16.03 -16.34 39.07
N MET C 256 16.27 -16.38 37.75
CA MET C 256 16.85 -15.23 37.09
C MET C 256 15.90 -14.05 37.05
N ILE C 257 14.61 -14.31 36.84
CA ILE C 257 13.64 -13.24 36.82
C ILE C 257 13.68 -12.54 38.18
N ILE C 258 13.72 -13.33 39.24
CA ILE C 258 13.79 -12.82 40.61
C ILE C 258 15.08 -12.04 40.88
N GLU C 259 16.22 -12.63 40.50
CA GLU C 259 17.51 -12.00 40.74
C GLU C 259 17.73 -10.66 40.03
N ARG C 260 17.48 -10.67 38.72
CA ARG C 260 17.67 -9.51 37.89
C ARG C 260 16.70 -8.39 38.31
N SER C 261 15.49 -8.77 38.69
CA SER C 261 14.50 -7.80 39.16
C SER C 261 14.89 -7.12 40.47
N LEU C 262 15.43 -7.90 41.41
CA LEU C 262 15.89 -7.36 42.68
C LEU C 262 17.03 -6.39 42.47
N GLU C 263 17.91 -6.74 41.54
CA GLU C 263 19.03 -5.88 41.18
C GLU C 263 18.51 -4.58 40.60
N PHE C 264 17.43 -4.69 39.85
CA PHE C 264 16.78 -3.56 39.21
C PHE C 264 16.14 -2.62 40.25
N PHE C 265 15.45 -3.20 41.24
CA PHE C 265 14.79 -2.39 42.27
C PHE C 265 15.81 -1.60 43.10
N ALA C 266 16.88 -2.26 43.52
CA ALA C 266 17.94 -1.63 44.31
C ALA C 266 18.67 -0.51 43.55
N LYS C 267 18.80 -0.71 42.24
CA LYS C 267 19.52 0.19 41.36
C LYS C 267 18.82 1.54 41.15
N HIS C 268 17.51 1.51 41.30
CA HIS C 268 16.62 2.66 41.04
C HIS C 268 15.95 3.26 42.29
N ALA C 269 16.09 2.61 43.46
CA ALA C 269 15.50 3.13 44.70
C ALA C 269 16.39 4.12 45.48
N SER D 22 -16.21 6.54 -45.20
CA SER D 22 -15.64 7.88 -45.36
C SER D 22 -16.72 8.95 -45.14
N GLU D 23 -16.41 10.20 -45.47
CA GLU D 23 -17.40 11.25 -45.36
C GLU D 23 -18.52 11.30 -46.40
N GLN D 24 -19.76 11.30 -45.90
CA GLN D 24 -20.99 11.34 -46.71
C GLN D 24 -21.64 12.72 -46.80
N TYR D 25 -21.22 13.66 -45.95
CA TYR D 25 -21.85 14.98 -45.91
C TYR D 25 -20.86 15.94 -46.59
N PRO D 26 -21.37 16.98 -47.27
CA PRO D 26 -20.55 17.97 -47.98
C PRO D 26 -19.84 18.95 -47.06
N VAL D 27 -18.69 19.47 -47.51
CA VAL D 27 -17.94 20.43 -46.71
C VAL D 27 -18.72 21.75 -46.63
N LEU D 28 -18.72 22.36 -45.45
CA LEU D 28 -19.44 23.62 -45.22
C LEU D 28 -18.64 24.84 -45.67
N SER D 29 -19.36 25.89 -46.07
CA SER D 29 -18.71 27.14 -46.44
C SER D 29 -17.95 27.69 -45.25
N GLY D 30 -16.65 27.95 -45.47
CA GLY D 30 -15.80 28.45 -44.41
C GLY D 30 -14.92 27.39 -43.78
N ALA D 31 -15.17 26.13 -44.12
CA ALA D 31 -14.43 25.01 -43.56
C ALA D 31 -13.40 24.43 -44.51
N GLU D 32 -13.22 25.07 -45.66
CA GLU D 32 -12.24 24.60 -46.64
C GLU D 32 -10.81 24.70 -46.12
N PRO D 33 -9.97 23.74 -46.48
CA PRO D 33 -8.55 23.79 -46.11
C PRO D 33 -7.86 24.92 -46.87
N PHE D 34 -6.72 25.39 -46.36
CA PHE D 34 -6.02 26.51 -46.98
C PHE D 34 -4.56 26.14 -47.29
N TYR D 35 -4.15 26.35 -48.52
CA TYR D 35 -2.76 26.09 -48.92
C TYR D 35 -2.17 27.34 -49.57
N ALA D 36 -0.92 27.65 -49.24
CA ALA D 36 -0.19 28.72 -49.92
C ALA D 36 1.27 28.29 -50.05
N GLU D 37 1.78 28.30 -51.28
CA GLU D 37 3.17 27.99 -51.57
C GLU D 37 4.02 29.27 -51.73
N ASN D 38 4.96 29.54 -50.81
CA ASN D 38 5.89 30.66 -51.01
C ASN D 38 7.38 30.38 -50.81
N GLY D 39 7.82 30.33 -49.55
CA GLY D 39 9.21 30.10 -49.22
C GLY D 39 9.56 28.71 -48.75
N PRO D 40 10.84 28.48 -48.42
CA PRO D 40 11.30 27.14 -48.04
C PRO D 40 10.85 26.79 -46.62
N VAL D 41 10.55 27.82 -45.84
CA VAL D 41 10.08 27.70 -44.45
C VAL D 41 8.57 27.66 -44.30
N GLY D 42 7.99 26.48 -44.24
CA GLY D 42 6.54 26.32 -44.08
C GLY D 42 5.99 26.23 -42.67
N VAL D 43 4.67 26.42 -42.52
CA VAL D 43 4.04 26.34 -41.22
C VAL D 43 2.82 25.43 -41.35
N LEU D 44 2.47 24.72 -40.27
CA LEU D 44 1.33 23.82 -40.32
C LEU D 44 0.30 24.29 -39.29
N LEU D 45 -0.95 24.49 -39.69
CA LEU D 45 -1.93 25.00 -38.74
C LEU D 45 -3.06 24.01 -38.48
N VAL D 46 -3.33 23.74 -37.21
CA VAL D 46 -4.32 22.71 -36.83
C VAL D 46 -5.51 23.28 -36.02
N HIS D 47 -6.72 23.02 -36.50
CA HIS D 47 -7.91 23.47 -35.79
C HIS D 47 -8.36 22.43 -34.77
N GLY D 48 -9.47 22.70 -34.09
CA GLY D 48 -9.87 21.89 -32.95
C GLY D 48 -11.03 20.92 -33.11
N PHE D 49 -11.36 20.27 -32.00
CA PHE D 49 -12.39 19.25 -31.88
C PHE D 49 -13.78 19.89 -32.16
N THR D 50 -14.48 19.35 -33.16
CA THR D 50 -15.74 19.91 -33.73
C THR D 50 -15.57 21.23 -34.50
N GLY D 51 -14.35 21.77 -34.54
CA GLY D 51 -14.10 23.02 -35.23
C GLY D 51 -13.76 22.85 -36.69
N THR D 52 -13.30 23.92 -37.32
CA THR D 52 -12.98 23.93 -38.74
C THR D 52 -11.76 24.79 -38.98
N PRO D 53 -11.21 24.75 -40.20
CA PRO D 53 -10.12 25.67 -40.54
C PRO D 53 -10.47 27.15 -40.28
N HIS D 54 -11.75 27.45 -40.11
CA HIS D 54 -12.17 28.82 -39.83
C HIS D 54 -11.47 29.49 -38.64
N SER D 55 -11.24 28.71 -37.59
CA SER D 55 -10.58 29.17 -36.36
C SER D 55 -9.13 29.62 -36.59
N MET D 56 -8.43 28.97 -37.52
CA MET D 56 -6.99 29.19 -37.71
C MET D 56 -6.70 30.02 -38.96
N ARG D 57 -7.73 30.27 -39.76
CA ARG D 57 -7.57 30.99 -41.03
C ARG D 57 -6.89 32.37 -40.95
N PRO D 58 -7.27 33.22 -39.97
CA PRO D 58 -6.60 34.52 -39.92
C PRO D 58 -5.11 34.37 -39.69
N LEU D 59 -4.75 33.38 -38.88
CA LEU D 59 -3.35 33.09 -38.64
C LEU D 59 -2.66 32.59 -39.91
N ALA D 60 -3.30 31.65 -40.59
CA ALA D 60 -2.74 31.07 -41.81
C ALA D 60 -2.50 32.15 -42.87
N GLU D 61 -3.46 33.05 -43.02
CA GLU D 61 -3.35 34.13 -44.02
C GLU D 61 -2.26 35.13 -43.68
N ALA D 62 -2.14 35.46 -42.41
CA ALA D 62 -1.09 36.38 -41.96
C ALA D 62 0.31 35.82 -42.22
N TYR D 63 0.48 34.52 -41.96
CA TYR D 63 1.77 33.89 -42.15
C TYR D 63 2.13 33.81 -43.63
N ALA D 64 1.11 33.54 -44.45
CA ALA D 64 1.28 33.50 -45.90
C ALA D 64 1.70 34.85 -46.46
N LYS D 65 1.09 35.92 -45.97
CA LYS D 65 1.42 37.28 -46.38
C LYS D 65 2.84 37.63 -45.98
N ALA D 66 3.28 37.05 -44.86
CA ALA D 66 4.61 37.31 -44.36
C ALA D 66 5.71 36.55 -45.13
N GLY D 67 5.30 35.63 -46.00
CA GLY D 67 6.24 34.92 -46.86
C GLY D 67 6.42 33.44 -46.59
N TYR D 68 5.68 32.91 -45.63
CA TYR D 68 5.79 31.50 -45.26
C TYR D 68 4.91 30.59 -46.16
N THR D 69 5.37 29.37 -46.39
CA THR D 69 4.52 28.34 -47.00
C THR D 69 3.58 27.83 -45.91
N VAL D 70 2.31 27.70 -46.25
CA VAL D 70 1.28 27.46 -45.25
C VAL D 70 0.38 26.28 -45.58
N CYS D 71 0.14 25.43 -44.59
CA CYS D 71 -0.82 24.33 -44.75
C CYS D 71 -1.82 24.31 -43.61
N LEU D 72 -3.09 24.55 -43.94
CA LEU D 72 -4.13 24.48 -42.93
C LEU D 72 -5.14 23.43 -43.38
N PRO D 73 -4.92 22.17 -42.98
CA PRO D 73 -5.78 21.06 -43.42
C PRO D 73 -7.10 21.01 -42.66
N ARG D 74 -8.07 20.28 -43.21
CA ARG D 74 -9.33 20.01 -42.52
C ARG D 74 -9.36 18.60 -41.93
N LEU D 75 -9.52 18.50 -40.63
CA LEU D 75 -9.57 17.21 -39.94
C LEU D 75 -10.75 16.40 -40.49
N LYS D 76 -10.56 15.08 -40.63
CA LYS D 76 -11.63 14.22 -41.13
C LYS D 76 -12.85 14.28 -40.23
N GLY D 77 -14.03 14.32 -40.84
CA GLY D 77 -15.25 14.37 -40.04
C GLY D 77 -15.59 15.76 -39.56
N HIS D 78 -14.74 16.73 -39.87
CA HIS D 78 -15.00 18.08 -39.42
C HIS D 78 -15.44 18.98 -40.57
N GLY D 79 -16.24 19.98 -40.26
CA GLY D 79 -16.71 20.92 -41.26
C GLY D 79 -17.71 20.31 -42.22
N THR D 80 -18.32 19.19 -41.82
CA THR D 80 -19.36 18.56 -42.61
C THR D 80 -20.64 18.33 -41.78
N HIS D 81 -20.63 17.28 -40.97
CA HIS D 81 -21.77 16.94 -40.11
C HIS D 81 -21.30 16.07 -38.95
N TYR D 82 -21.93 16.18 -37.79
CA TYR D 82 -21.49 15.43 -36.62
C TYR D 82 -21.61 13.91 -36.75
N GLU D 83 -22.41 13.46 -37.70
CA GLU D 83 -22.55 12.04 -38.00
C GLU D 83 -21.28 11.54 -38.65
N ASP D 84 -20.67 12.41 -39.44
CA ASP D 84 -19.38 12.11 -40.03
C ASP D 84 -18.30 12.07 -38.97
N MET D 85 -18.35 13.02 -38.05
CA MET D 85 -17.36 13.08 -36.98
C MET D 85 -17.44 11.81 -36.13
N GLU D 86 -18.66 11.36 -35.90
CA GLU D 86 -18.91 10.18 -35.08
C GLU D 86 -18.24 8.93 -35.63
N ARG D 87 -18.07 8.88 -36.95
CA ARG D 87 -17.52 7.70 -37.61
C ARG D 87 -16.00 7.74 -37.68
N THR D 88 -15.39 8.80 -37.14
CA THR D 88 -13.93 8.94 -37.22
C THR D 88 -13.24 8.54 -35.92
N THR D 89 -12.01 8.06 -36.05
CA THR D 89 -11.21 7.78 -34.86
C THR D 89 -10.23 8.94 -34.77
N PHE D 90 -9.49 9.01 -33.68
CA PHE D 90 -8.49 10.06 -33.50
C PHE D 90 -7.31 9.88 -34.45
N HIS D 91 -7.13 8.65 -34.90
CA HIS D 91 -6.10 8.32 -35.87
C HIS D 91 -6.42 9.01 -37.18
N ASP D 92 -7.71 9.16 -37.44
CA ASP D 92 -8.16 9.88 -38.61
C ASP D 92 -7.74 11.34 -38.54
N TRP D 93 -7.85 11.91 -37.34
CA TRP D 93 -7.48 13.30 -37.11
C TRP D 93 -5.97 13.49 -37.25
N VAL D 94 -5.22 12.54 -36.70
CA VAL D 94 -3.76 12.53 -36.81
C VAL D 94 -3.34 12.45 -38.28
N ALA D 95 -4.02 11.58 -39.01
CA ALA D 95 -3.72 11.36 -40.42
C ALA D 95 -3.93 12.62 -41.25
N SER D 96 -4.97 13.37 -40.91
CA SER D 96 -5.26 14.64 -41.56
C SER D 96 -4.09 15.61 -41.39
N VAL D 97 -3.54 15.64 -40.19
CA VAL D 97 -2.38 16.46 -39.87
C VAL D 97 -1.12 15.91 -40.54
N GLU D 98 -1.00 14.58 -40.59
CA GLU D 98 0.16 13.93 -41.20
C GLU D 98 0.25 14.29 -42.68
N GLU D 99 -0.90 14.40 -43.35
CA GLU D 99 -0.92 14.78 -44.75
C GLU D 99 -0.38 16.19 -44.95
N GLY D 100 -0.70 17.09 -44.02
CA GLY D 100 -0.21 18.45 -44.13
C GLY D 100 1.28 18.54 -43.91
N TYR D 101 1.77 17.79 -42.92
CA TYR D 101 3.20 17.67 -42.68
C TYR D 101 3.87 17.15 -43.94
N GLY D 102 3.28 16.10 -44.51
CA GLY D 102 3.81 15.52 -45.73
C GLY D 102 3.73 16.50 -46.88
N TRP D 103 2.65 17.26 -46.93
CA TRP D 103 2.52 18.25 -47.98
C TRP D 103 3.61 19.30 -47.83
N LEU D 104 3.87 19.68 -46.58
CA LEU D 104 4.93 20.65 -46.30
C LEU D 104 6.34 20.09 -46.52
N LYS D 105 6.54 18.82 -46.17
CA LYS D 105 7.87 18.20 -46.32
C LYS D 105 8.35 18.15 -47.77
N GLN D 106 7.42 18.03 -48.70
CA GLN D 106 7.73 17.95 -50.13
C GLN D 106 8.22 19.30 -50.64
N ARG D 107 7.96 20.37 -49.88
CA ARG D 107 8.13 21.72 -50.38
C ARG D 107 9.02 22.52 -49.46
N CYS D 108 9.19 22.05 -48.22
CA CYS D 108 9.82 22.91 -47.22
C CYS D 108 11.07 22.32 -46.52
N GLN D 109 12.08 23.17 -46.30
CA GLN D 109 13.30 22.77 -45.59
C GLN D 109 13.14 22.86 -44.07
N THR D 110 12.12 23.60 -43.63
CA THR D 110 11.95 23.88 -42.21
C THR D 110 10.46 23.93 -41.95
N ILE D 111 10.02 23.27 -40.88
CA ILE D 111 8.59 23.18 -40.61
C ILE D 111 8.19 23.56 -39.19
N PHE D 112 7.28 24.52 -39.04
CA PHE D 112 6.71 24.81 -37.74
C PHE D 112 5.27 24.31 -37.69
N VAL D 113 4.80 23.97 -36.48
CA VAL D 113 3.41 23.54 -36.29
C VAL D 113 2.72 24.33 -35.16
N THR D 114 1.51 24.81 -35.43
CA THR D 114 0.72 25.53 -34.44
C THR D 114 -0.74 25.04 -34.48
N GLY D 115 -1.44 25.14 -33.35
CA GLY D 115 -2.79 24.63 -33.25
C GLY D 115 -3.59 25.07 -32.04
N LEU D 116 -4.91 25.12 -32.19
CA LEU D 116 -5.79 25.56 -31.09
C LEU D 116 -6.52 24.37 -30.44
N SER D 117 -6.45 24.29 -29.11
CA SER D 117 -7.17 23.27 -28.30
C SER D 117 -6.70 21.86 -28.70
N MET D 118 -7.59 21.05 -29.27
CA MET D 118 -7.15 19.74 -29.74
C MET D 118 -6.13 19.88 -30.87
N GLY D 119 -6.23 20.99 -31.59
CA GLY D 119 -5.23 21.34 -32.58
C GLY D 119 -3.88 21.56 -31.91
N GLY D 120 -3.92 22.10 -30.70
CA GLY D 120 -2.72 22.25 -29.92
C GLY D 120 -2.23 20.89 -29.46
N THR D 121 -3.18 20.02 -29.12
CA THR D 121 -2.86 18.67 -28.71
C THR D 121 -2.15 17.91 -29.82
N LEU D 122 -2.70 18.03 -31.02
CA LEU D 122 -2.17 17.35 -32.20
C LEU D 122 -0.83 17.93 -32.58
N THR D 123 -0.65 19.21 -32.27
CA THR D 123 0.62 19.87 -32.49
C THR D 123 1.70 19.20 -31.65
N LEU D 124 1.40 18.96 -30.37
CA LEU D 124 2.31 18.25 -29.45
C LEU D 124 2.55 16.82 -29.94
N TYR D 125 1.46 16.14 -30.32
CA TYR D 125 1.50 14.75 -30.80
C TYR D 125 2.46 14.64 -31.97
N LEU D 126 2.38 15.63 -32.85
CA LEU D 126 3.20 15.63 -34.04
C LEU D 126 4.66 15.77 -33.66
N ALA D 127 4.94 16.61 -32.67
CA ALA D 127 6.30 16.83 -32.19
C ALA D 127 6.84 15.62 -31.41
N GLU D 128 5.94 14.77 -30.93
CA GLU D 128 6.34 13.58 -30.22
C GLU D 128 6.72 12.45 -31.16
N HIS D 129 6.37 12.59 -32.43
CA HIS D 129 6.56 11.52 -33.39
C HIS D 129 7.36 11.98 -34.61
N HIS D 130 7.91 13.18 -34.56
CA HIS D 130 8.80 13.60 -35.61
C HIS D 130 9.96 14.32 -34.96
N PRO D 131 11.17 14.00 -35.43
CA PRO D 131 12.42 14.55 -34.91
C PRO D 131 12.78 15.87 -35.63
N ASP D 132 12.08 16.19 -36.73
CA ASP D 132 12.52 17.29 -37.63
C ASP D 132 11.59 18.51 -37.58
N ILE D 133 10.70 18.52 -36.60
CA ILE D 133 9.84 19.70 -36.44
C ILE D 133 10.69 20.75 -35.76
N CYS D 134 10.79 21.91 -36.40
N CYS D 134 10.81 21.92 -36.41
CA CYS D 134 11.72 22.96 -35.98
CA CYS D 134 11.72 22.96 -35.96
C CYS D 134 11.24 23.69 -34.72
C CYS D 134 11.25 23.65 -34.67
N GLY D 135 9.93 23.72 -34.49
CA GLY D 135 9.37 24.42 -33.34
C GLY D 135 7.85 24.34 -33.32
N ILE D 136 7.26 24.47 -32.12
CA ILE D 136 5.81 24.39 -32.00
C ILE D 136 5.18 25.60 -31.30
N VAL D 137 3.96 25.92 -31.73
CA VAL D 137 3.21 27.01 -31.14
C VAL D 137 1.81 26.52 -30.77
N PRO D 138 1.72 25.77 -29.65
CA PRO D 138 0.41 25.30 -29.18
C PRO D 138 -0.37 26.45 -28.53
N ILE D 139 -1.65 26.53 -28.84
CA ILE D 139 -2.51 27.58 -28.29
C ILE D 139 -3.66 26.97 -27.51
N ASN D 140 -3.64 27.16 -26.19
CA ASN D 140 -4.60 26.52 -25.30
C ASN D 140 -4.71 25.03 -25.58
N ALA D 141 -3.57 24.38 -25.77
CA ALA D 141 -3.55 22.95 -26.07
C ALA D 141 -4.15 22.16 -24.93
N ALA D 142 -4.91 21.12 -25.26
CA ALA D 142 -5.54 20.28 -24.25
C ALA D 142 -4.82 18.96 -24.07
N VAL D 143 -4.39 18.70 -22.84
CA VAL D 143 -3.75 17.43 -22.50
C VAL D 143 -4.38 16.77 -21.28
N ASP D 144 -5.11 17.54 -20.49
CA ASP D 144 -5.79 17.00 -19.32
C ASP D 144 -7.06 17.75 -18.98
N ILE D 145 -8.18 17.10 -19.27
CA ILE D 145 -9.51 17.60 -18.92
C ILE D 145 -10.41 16.69 -18.12
N PRO D 146 -10.43 16.90 -16.79
CA PRO D 146 -11.19 16.01 -15.92
C PRO D 146 -12.66 16.06 -16.33
N ALA D 147 -13.14 15.04 -17.03
CA ALA D 147 -14.51 14.88 -17.55
C ALA D 147 -14.52 13.99 -18.80
N PRO D 159 -26.30 8.80 -23.80
CA PRO D 159 -26.69 9.96 -24.61
C PRO D 159 -25.91 9.86 -25.88
N ARG D 160 -26.49 9.64 -27.05
CA ARG D 160 -25.60 9.51 -28.21
C ARG D 160 -24.86 10.79 -28.63
N TYR D 161 -25.55 11.93 -28.62
CA TYR D 161 -24.91 13.19 -29.00
C TYR D 161 -25.16 14.19 -27.89
N LEU D 162 -24.11 14.91 -27.47
CA LEU D 162 -24.30 15.94 -26.46
C LEU D 162 -24.33 17.32 -27.12
N ASP D 163 -25.16 18.21 -26.58
CA ASP D 163 -25.19 19.62 -26.97
C ASP D 163 -23.86 20.31 -26.64
N SER D 164 -23.21 20.87 -27.65
CA SER D 164 -21.94 21.58 -27.47
C SER D 164 -21.88 22.95 -26.77
N ILE D 165 -21.06 23.00 -25.72
CA ILE D 165 -20.80 24.17 -24.88
C ILE D 165 -20.09 25.29 -25.65
N GLY D 166 -20.40 26.54 -25.36
CA GLY D 166 -19.73 27.64 -26.05
C GLY D 166 -20.38 28.06 -27.34
N SER D 167 -19.64 28.67 -28.25
CA SER D 167 -18.19 28.94 -28.25
C SER D 167 -17.66 29.94 -27.22
N ASP D 168 -16.57 29.55 -26.54
CA ASP D 168 -15.93 30.37 -25.50
C ASP D 168 -14.99 31.49 -25.95
N LEU D 169 -15.58 32.68 -26.09
CA LEU D 169 -14.90 33.90 -26.53
C LEU D 169 -15.32 35.10 -25.70
N LYS D 170 -14.41 36.06 -25.54
CA LYS D 170 -14.79 37.34 -24.97
C LYS D 170 -15.50 38.13 -26.05
N ASN D 171 -14.87 38.20 -27.22
CA ASN D 171 -15.45 38.90 -28.38
C ASN D 171 -16.76 38.32 -28.91
N PRO D 172 -17.83 39.13 -28.86
CA PRO D 172 -19.21 38.75 -29.20
C PRO D 172 -19.45 38.84 -30.73
N ASP D 173 -18.63 39.61 -31.47
CA ASP D 173 -18.84 39.77 -32.92
C ASP D 173 -17.93 38.83 -33.71
N VAL D 174 -17.73 37.65 -33.13
CA VAL D 174 -17.08 36.49 -33.73
C VAL D 174 -18.13 35.39 -33.88
N LYS D 175 -18.39 34.92 -35.10
CA LYS D 175 -19.27 33.75 -35.24
C LYS D 175 -18.39 32.54 -35.50
N GLU D 176 -18.24 31.70 -34.47
CA GLU D 176 -17.49 30.47 -34.68
C GLU D 176 -18.24 29.46 -35.54
N LEU D 177 -17.52 28.79 -36.44
CA LEU D 177 -18.06 27.71 -37.25
C LEU D 177 -17.79 26.38 -36.53
N ALA D 178 -18.77 25.80 -35.84
CA ALA D 178 -18.47 24.56 -35.15
C ALA D 178 -19.71 23.73 -34.96
N TYR D 179 -19.54 22.42 -34.83
CA TYR D 179 -20.69 21.56 -34.61
C TYR D 179 -21.43 21.93 -33.34
N GLU D 180 -22.75 21.82 -33.44
CA GLU D 180 -23.64 22.06 -32.33
C GLU D 180 -23.92 20.80 -31.53
N LYS D 181 -23.92 19.64 -32.20
CA LYS D 181 -24.03 18.40 -31.44
C LYS D 181 -22.63 17.79 -31.30
N THR D 182 -22.29 17.26 -30.13
CA THR D 182 -20.98 16.63 -29.93
C THR D 182 -21.15 15.12 -29.68
N PRO D 183 -20.68 14.27 -30.60
CA PRO D 183 -20.75 12.82 -30.42
C PRO D 183 -19.97 12.27 -29.23
N THR D 184 -20.64 11.65 -28.25
CA THR D 184 -19.94 11.09 -27.09
C THR D 184 -18.84 10.10 -27.47
N ALA D 185 -19.08 9.34 -28.54
CA ALA D 185 -18.08 8.38 -28.97
C ALA D 185 -16.81 9.06 -29.42
N SER D 186 -16.96 10.24 -30.00
CA SER D 186 -15.81 10.99 -30.46
C SER D 186 -15.05 11.61 -29.30
N LEU D 187 -15.77 11.86 -28.21
CA LEU D 187 -15.18 12.42 -27.01
C LEU D 187 -14.20 11.43 -26.36
N LEU D 188 -14.53 10.14 -26.42
CA LEU D 188 -13.64 9.10 -25.90
C LEU D 188 -12.37 9.09 -26.75
N GLN D 189 -12.54 9.26 -28.07
CA GLN D 189 -11.40 9.35 -29.00
C GLN D 189 -10.50 10.49 -28.59
N LEU D 190 -11.13 11.61 -28.25
CA LEU D 190 -10.40 12.78 -27.75
C LEU D 190 -9.64 12.40 -26.48
N ALA D 191 -10.31 11.74 -25.55
CA ALA D 191 -9.69 11.37 -24.29
C ALA D 191 -8.44 10.51 -24.49
N ARG D 192 -8.48 9.55 -25.42
CA ARG D 192 -7.26 8.76 -25.67
C ARG D 192 -6.15 9.61 -26.26
N LEU D 193 -6.51 10.49 -27.17
CA LEU D 193 -5.53 11.37 -27.78
C LEU D 193 -4.88 12.27 -26.74
N MET D 194 -5.66 12.86 -25.85
CA MET D 194 -5.09 13.69 -24.81
C MET D 194 -4.15 12.80 -23.96
N ALA D 195 -4.64 11.63 -23.56
CA ALA D 195 -3.86 10.70 -22.75
C ALA D 195 -2.53 10.24 -23.35
N GLN D 196 -2.52 9.84 -24.62
CA GLN D 196 -1.28 9.42 -25.26
C GLN D 196 -0.28 10.58 -25.39
N THR D 197 -0.78 11.73 -25.83
CA THR D 197 0.04 12.93 -26.01
C THR D 197 0.70 13.39 -24.72
N LYS D 198 -0.05 13.38 -23.62
CA LYS D 198 0.48 13.81 -22.33
C LYS D 198 1.60 12.88 -21.90
N ALA D 199 1.43 11.59 -22.19
CA ALA D 199 2.36 10.57 -21.75
C ALA D 199 3.69 10.66 -22.47
N LYS D 200 3.69 11.26 -23.65
CA LYS D 200 4.90 11.30 -24.45
C LYS D 200 5.52 12.68 -24.57
N LEU D 201 5.16 13.58 -23.67
CA LEU D 201 5.64 14.96 -23.71
C LEU D 201 7.17 15.09 -23.69
N ASP D 202 7.85 14.19 -22.99
CA ASP D 202 9.30 14.25 -22.86
C ASP D 202 10.07 14.02 -24.16
N ARG D 203 9.35 13.52 -25.17
CA ARG D 203 9.89 13.27 -26.50
C ARG D 203 10.11 14.58 -27.30
N ILE D 204 9.40 15.63 -26.91
CA ILE D 204 9.46 16.92 -27.63
C ILE D 204 10.75 17.65 -27.28
N VAL D 205 11.54 18.01 -28.29
CA VAL D 205 12.82 18.69 -28.00
C VAL D 205 12.93 20.03 -28.73
N CYS D 206 12.04 20.28 -29.68
CA CYS D 206 12.06 21.51 -30.44
C CYS D 206 11.58 22.70 -29.62
N PRO D 207 12.04 23.92 -29.95
CA PRO D 207 11.60 25.13 -29.25
C PRO D 207 10.08 25.25 -29.22
N ALA D 208 9.56 25.78 -28.11
CA ALA D 208 8.11 25.88 -27.95
C ALA D 208 7.68 27.28 -27.49
N LEU D 209 6.66 27.81 -28.14
CA LEU D 209 6.01 29.04 -27.70
C LEU D 209 4.59 28.65 -27.31
N ILE D 210 4.32 28.67 -26.01
CA ILE D 210 3.04 28.17 -25.50
C ILE D 210 2.10 29.31 -25.09
N PHE D 211 1.00 29.45 -25.82
CA PHE D 211 -0.03 30.44 -25.49
C PHE D 211 -1.10 29.87 -24.59
N VAL D 212 -1.48 30.63 -23.57
CA VAL D 212 -2.55 30.24 -22.65
C VAL D 212 -3.44 31.39 -22.22
N SER D 213 -4.75 31.21 -22.35
CA SER D 213 -5.71 32.20 -21.86
C SER D 213 -5.87 32.07 -20.36
N ASP D 214 -5.68 33.18 -19.63
CA ASP D 214 -5.83 33.18 -18.18
C ASP D 214 -7.22 32.70 -17.76
N GLU D 215 -8.24 33.18 -18.47
CA GLU D 215 -9.59 32.70 -18.23
C GLU D 215 -9.97 31.82 -19.40
N ASN D 216 -10.30 30.58 -19.10
CA ASN D 216 -10.65 29.63 -20.09
C ASN D 216 -11.61 28.67 -19.50
N HIS D 217 -12.79 28.58 -20.08
CA HIS D 217 -13.86 27.80 -19.51
C HIS D 217 -14.00 26.44 -20.19
N VAL D 218 -12.99 26.05 -20.97
CA VAL D 218 -13.07 24.80 -21.72
C VAL D 218 -11.88 23.94 -21.34
N VAL D 219 -10.67 24.46 -21.57
CA VAL D 219 -9.45 23.73 -21.21
C VAL D 219 -8.80 24.43 -20.04
N PRO D 220 -8.56 23.71 -18.95
CA PRO D 220 -7.91 24.26 -17.75
C PRO D 220 -6.57 24.92 -18.05
N PRO D 221 -6.38 26.17 -17.61
CA PRO D 221 -5.12 26.87 -17.92
C PRO D 221 -3.91 26.13 -17.32
N GLY D 222 -4.14 25.37 -16.26
CA GLY D 222 -3.13 24.49 -15.70
C GLY D 222 -2.53 23.49 -16.68
N ASN D 223 -3.20 23.25 -17.80
CA ASN D 223 -2.66 22.40 -18.87
C ASN D 223 -1.36 22.95 -19.45
N ALA D 224 -1.26 24.27 -19.47
CA ALA D 224 -0.07 24.94 -19.98
C ALA D 224 1.19 24.62 -19.21
N ASP D 225 1.06 24.48 -17.90
CA ASP D 225 2.20 24.17 -17.04
C ASP D 225 2.62 22.72 -17.22
N ILE D 226 1.64 21.85 -17.40
CA ILE D 226 1.91 20.44 -17.69
C ILE D 226 2.75 20.30 -18.94
N ILE D 227 2.34 21.04 -19.97
CA ILE D 227 3.06 21.06 -21.23
C ILE D 227 4.43 21.68 -21.00
N PHE D 228 4.48 22.82 -20.32
CA PHE D 228 5.78 23.49 -20.11
C PHE D 228 6.82 22.66 -19.35
N GLN D 229 6.40 22.02 -18.25
CA GLN D 229 7.33 21.23 -17.46
C GLN D 229 7.61 19.87 -18.08
N GLY D 230 6.62 19.33 -18.80
CA GLY D 230 6.69 17.97 -19.31
C GLY D 230 7.59 17.81 -20.53
N ILE D 231 7.64 18.83 -21.38
CA ILE D 231 8.46 18.78 -22.58
C ILE D 231 9.94 18.95 -22.28
N SER D 232 10.80 18.43 -23.16
CA SER D 232 12.23 18.48 -22.92
C SER D 232 12.93 19.60 -23.70
N SER D 233 12.16 20.46 -24.35
CA SER D 233 12.75 21.53 -25.13
C SER D 233 13.65 22.39 -24.25
N THR D 234 14.76 22.84 -24.82
CA THR D 234 15.69 23.72 -24.12
C THR D 234 15.28 25.20 -24.26
N GLU D 235 14.46 25.53 -25.25
CA GLU D 235 13.97 26.89 -25.43
C GLU D 235 12.44 26.78 -25.45
N LYS D 236 11.81 27.26 -24.39
CA LYS D 236 10.37 27.18 -24.25
C LYS D 236 9.91 28.42 -23.53
N GLU D 237 8.76 28.93 -23.93
CA GLU D 237 8.21 30.11 -23.30
C GLU D 237 6.71 30.06 -23.17
N ILE D 238 6.17 30.83 -22.22
CA ILE D 238 4.75 30.91 -22.06
C ILE D 238 4.35 32.36 -22.27
N VAL D 239 3.31 32.55 -23.07
CA VAL D 239 2.65 33.84 -23.20
C VAL D 239 1.21 33.68 -22.75
N ARG D 240 0.90 34.36 -21.65
CA ARG D 240 -0.42 34.45 -21.03
C ARG D 240 -1.34 35.53 -21.57
N LEU D 241 -2.45 35.09 -22.16
CA LEU D 241 -3.42 36.01 -22.72
C LEU D 241 -4.47 36.42 -21.69
N ARG D 242 -4.69 37.72 -21.51
CA ARG D 242 -5.60 38.19 -20.48
C ARG D 242 -6.83 38.83 -21.11
N ASN D 243 -6.86 38.86 -22.44
CA ASN D 243 -7.97 39.44 -23.16
C ASN D 243 -8.62 38.48 -24.15
N SER D 244 -8.52 37.19 -23.85
CA SER D 244 -9.10 36.16 -24.68
C SER D 244 -9.63 35.03 -23.81
N TYR D 245 -10.62 34.30 -24.31
CA TYR D 245 -10.99 33.03 -23.69
C TYR D 245 -10.35 31.90 -24.49
N HIS D 246 -11.02 30.77 -24.55
CA HIS D 246 -10.43 29.56 -25.12
C HIS D 246 -10.08 29.74 -26.61
N VAL D 247 -10.99 30.31 -27.40
CA VAL D 247 -10.77 30.48 -28.84
C VAL D 247 -9.92 31.73 -29.11
N ALA D 248 -8.67 31.69 -28.66
CA ALA D 248 -7.82 32.89 -28.67
C ALA D 248 -7.51 33.37 -30.07
N THR D 249 -7.51 32.45 -31.04
CA THR D 249 -7.15 32.80 -32.41
C THR D 249 -8.13 33.76 -33.08
N LEU D 250 -9.37 33.78 -32.59
CA LEU D 250 -10.39 34.66 -33.13
C LEU D 250 -10.77 35.73 -32.11
N ASP D 251 -10.14 35.68 -30.95
CA ASP D 251 -10.49 36.61 -29.88
C ASP D 251 -9.59 37.85 -29.95
N TYR D 252 -9.71 38.72 -28.94
CA TYR D 252 -9.00 40.00 -28.94
C TYR D 252 -7.47 39.96 -29.02
N ASP D 253 -6.86 38.89 -28.54
CA ASP D 253 -5.40 38.80 -28.53
C ASP D 253 -4.81 38.27 -29.82
N GLN D 254 -5.65 38.09 -30.83
CA GLN D 254 -5.20 37.61 -32.13
C GLN D 254 -3.98 38.32 -32.72
N PRO D 255 -3.97 39.66 -32.72
CA PRO D 255 -2.77 40.27 -33.30
C PRO D 255 -1.48 39.93 -32.58
N MET D 256 -1.53 39.81 -31.25
CA MET D 256 -0.35 39.48 -30.49
C MET D 256 0.10 38.05 -30.83
N ILE D 257 -0.86 37.15 -30.94
CA ILE D 257 -0.55 35.77 -31.27
C ILE D 257 0.16 35.71 -32.61
N ILE D 258 -0.38 36.43 -33.58
CA ILE D 258 0.20 36.49 -34.90
C ILE D 258 1.59 37.13 -34.85
N GLU D 259 1.74 38.24 -34.11
CA GLU D 259 3.05 38.91 -34.02
C GLU D 259 4.11 38.04 -33.39
N ARG D 260 3.77 37.49 -32.24
CA ARG D 260 4.68 36.65 -31.50
C ARG D 260 5.09 35.38 -32.23
N SER D 261 4.14 34.78 -32.95
CA SER D 261 4.42 33.56 -33.72
C SER D 261 5.43 33.83 -34.82
N LEU D 262 5.26 34.95 -35.52
CA LEU D 262 6.15 35.34 -36.58
C LEU D 262 7.57 35.61 -36.08
N GLU D 263 7.67 36.22 -34.90
CA GLU D 263 8.95 36.49 -34.26
C GLU D 263 9.64 35.18 -33.89
N PHE D 264 8.82 34.22 -33.48
CA PHE D 264 9.28 32.89 -33.12
C PHE D 264 9.83 32.12 -34.31
N PHE D 265 9.11 32.17 -35.42
CA PHE D 265 9.51 31.49 -36.63
C PHE D 265 10.85 32.02 -37.15
N ALA D 266 10.99 33.34 -37.17
CA ALA D 266 12.23 33.94 -37.69
C ALA D 266 13.50 33.65 -36.88
N LYS D 267 13.38 33.68 -35.56
CA LYS D 267 14.50 33.46 -34.64
C LYS D 267 15.02 32.03 -34.84
N HIS D 268 14.13 31.09 -35.13
CA HIS D 268 14.43 29.65 -35.15
C HIS D 268 14.65 29.09 -36.57
N ALA D 269 14.31 29.86 -37.60
CA ALA D 269 14.53 29.43 -38.98
C ALA D 269 15.95 28.92 -39.20
N GLN E 24 38.35 50.39 1.05
CA GLN E 24 39.65 50.81 1.55
C GLN E 24 40.82 50.33 0.67
N TYR E 25 40.50 49.43 -0.26
CA TYR E 25 41.40 48.93 -1.30
C TYR E 25 41.04 49.50 -2.68
N PRO E 26 42.03 49.66 -3.58
CA PRO E 26 41.75 50.24 -4.90
C PRO E 26 41.10 49.25 -5.89
N VAL E 27 40.51 49.78 -6.96
CA VAL E 27 39.89 48.96 -8.01
C VAL E 27 40.97 48.28 -8.82
N LEU E 28 40.86 46.97 -8.94
CA LEU E 28 41.82 46.17 -9.69
C LEU E 28 41.75 46.50 -11.20
N SER E 29 42.42 45.72 -12.03
CA SER E 29 42.33 45.93 -13.47
C SER E 29 41.35 44.86 -13.93
N GLY E 30 40.31 45.29 -14.62
CA GLY E 30 39.27 44.41 -15.08
C GLY E 30 38.10 44.56 -14.14
N ALA E 31 38.29 45.21 -12.99
CA ALA E 31 37.13 45.28 -12.12
C ALA E 31 36.46 46.67 -12.12
N GLU E 32 36.92 47.58 -12.99
CA GLU E 32 36.32 48.92 -13.14
C GLU E 32 34.92 48.82 -13.81
N PRO E 33 33.95 49.67 -13.39
CA PRO E 33 32.62 49.75 -14.01
C PRO E 33 32.67 50.29 -15.44
N PHE E 34 31.64 49.98 -16.25
CA PHE E 34 31.58 50.39 -17.66
C PHE E 34 30.29 51.16 -17.94
N TYR E 35 30.45 52.33 -18.57
CA TYR E 35 29.32 53.18 -18.95
C TYR E 35 29.47 53.51 -20.43
N ALA E 36 28.34 53.47 -21.13
CA ALA E 36 28.29 53.86 -22.53
C ALA E 36 26.98 54.58 -22.82
N GLU E 37 27.10 55.81 -23.28
CA GLU E 37 25.98 56.67 -23.65
C GLU E 37 25.74 56.57 -25.17
N ASN E 38 24.63 55.95 -25.58
CA ASN E 38 24.24 55.82 -26.96
C ASN E 38 22.79 56.21 -27.13
N GLY E 39 21.98 55.25 -27.48
CA GLY E 39 20.55 55.48 -27.70
C GLY E 39 19.66 55.57 -26.42
N PRO E 40 18.36 55.87 -26.61
CA PRO E 40 17.40 56.07 -25.54
C PRO E 40 16.97 54.78 -24.87
N VAL E 41 17.53 53.65 -25.31
CA VAL E 41 17.27 52.38 -24.62
C VAL E 41 18.50 51.92 -23.83
N GLY E 42 18.30 51.70 -22.54
CA GLY E 42 19.41 51.38 -21.67
C GLY E 42 19.38 49.96 -21.13
N VAL E 43 20.56 49.40 -20.92
CA VAL E 43 20.69 48.07 -20.30
C VAL E 43 21.55 48.16 -19.04
N LEU E 44 21.03 47.63 -17.94
CA LEU E 44 21.81 47.56 -16.71
C LEU E 44 22.33 46.16 -16.51
N LEU E 45 23.65 46.04 -16.34
CA LEU E 45 24.28 44.72 -16.18
C LEU E 45 24.90 44.62 -14.80
N VAL E 46 24.54 43.54 -14.11
CA VAL E 46 24.94 43.34 -12.72
C VAL E 46 25.82 42.12 -12.58
N HIS E 47 27.02 42.29 -12.03
CA HIS E 47 27.90 41.15 -11.83
C HIS E 47 27.56 40.46 -10.53
N GLY E 48 28.34 39.45 -10.18
CA GLY E 48 27.97 38.58 -9.08
C GLY E 48 28.77 38.70 -7.80
N PHE E 49 28.43 37.82 -6.86
CA PHE E 49 29.00 37.75 -5.52
C PHE E 49 30.48 37.35 -5.58
N THR E 50 31.36 38.20 -5.02
CA THR E 50 32.83 38.07 -5.10
C THR E 50 33.39 38.31 -6.50
N GLY E 51 32.51 38.60 -7.46
CA GLY E 51 32.90 38.79 -8.83
C GLY E 51 33.22 40.24 -9.15
N THR E 52 33.38 40.53 -10.43
CA THR E 52 33.74 41.86 -10.88
C THR E 52 32.98 42.18 -12.16
N PRO E 53 33.02 43.44 -12.61
CA PRO E 53 32.44 43.80 -13.91
C PRO E 53 32.94 42.94 -15.07
N HIS E 54 34.05 42.25 -14.86
CA HIS E 54 34.64 41.36 -15.86
C HIS E 54 33.70 40.32 -16.42
N SER E 55 32.88 39.78 -15.54
CA SER E 55 31.91 38.76 -15.84
C SER E 55 30.95 39.19 -16.94
N MET E 56 30.53 40.45 -16.87
CA MET E 56 29.46 40.92 -17.74
C MET E 56 29.95 41.80 -18.90
N ARG E 57 31.25 42.11 -18.90
CA ARG E 57 31.84 43.02 -19.90
C ARG E 57 31.64 42.61 -21.38
N PRO E 58 31.82 41.33 -21.73
CA PRO E 58 31.60 41.00 -23.14
C PRO E 58 30.16 41.27 -23.60
N LEU E 59 29.19 41.08 -22.70
CA LEU E 59 27.78 41.36 -23.01
C LEU E 59 27.53 42.85 -23.18
N ALA E 60 28.03 43.63 -22.22
CA ALA E 60 27.87 45.09 -22.18
C ALA E 60 28.42 45.74 -23.45
N GLU E 61 29.60 45.31 -23.89
CA GLU E 61 30.24 45.87 -25.08
C GLU E 61 29.46 45.55 -26.36
N ALA E 62 28.89 44.36 -26.43
CA ALA E 62 28.06 43.94 -27.55
C ALA E 62 26.79 44.79 -27.65
N TYR E 63 26.19 45.06 -26.50
CA TYR E 63 24.96 45.85 -26.46
C TYR E 63 25.26 47.30 -26.85
N ALA E 64 26.44 47.81 -26.49
CA ALA E 64 26.79 49.18 -26.89
C ALA E 64 26.91 49.28 -28.41
N LYS E 65 27.51 48.27 -29.04
CA LYS E 65 27.62 48.19 -30.50
C LYS E 65 26.24 48.18 -31.15
N ALA E 66 25.25 47.59 -30.48
CA ALA E 66 23.93 47.50 -31.07
C ALA E 66 23.14 48.80 -30.93
N GLY E 67 23.68 49.75 -30.17
CA GLY E 67 23.06 51.05 -30.05
C GLY E 67 22.45 51.31 -28.68
N TYR E 68 22.62 50.38 -27.77
CA TYR E 68 22.08 50.52 -26.43
C TYR E 68 22.95 51.39 -25.54
N THR E 69 22.30 52.19 -24.70
CA THR E 69 22.98 52.86 -23.60
C THR E 69 23.28 51.79 -22.55
N VAL E 70 24.49 51.78 -22.03
CA VAL E 70 24.90 50.66 -21.20
C VAL E 70 25.46 51.09 -19.84
N CYS E 71 25.01 50.43 -18.78
CA CYS E 71 25.57 50.67 -17.47
C CYS E 71 25.99 49.36 -16.79
N LEU E 72 27.29 49.19 -16.58
CA LEU E 72 27.81 48.01 -15.88
C LEU E 72 28.58 48.46 -14.64
N PRO E 73 27.88 48.59 -13.51
CA PRO E 73 28.50 49.08 -12.28
C PRO E 73 29.32 48.03 -11.56
N ARG E 74 30.13 48.50 -10.61
CA ARG E 74 30.89 47.65 -9.70
C ARG E 74 30.23 47.67 -8.32
N LEU E 75 29.83 46.48 -7.83
CA LEU E 75 29.20 46.39 -6.52
C LEU E 75 30.17 46.89 -5.46
N LYS E 76 29.64 47.58 -4.47
CA LYS E 76 30.48 48.10 -3.40
C LYS E 76 31.18 46.96 -2.69
N GLY E 77 32.47 47.11 -2.44
CA GLY E 77 33.23 46.06 -1.79
C GLY E 77 33.76 44.98 -2.73
N HIS E 78 33.43 45.09 -4.01
CA HIS E 78 33.87 44.12 -5.01
C HIS E 78 34.98 44.68 -5.90
N GLY E 79 35.86 43.81 -6.39
CA GLY E 79 36.95 44.23 -7.25
C GLY E 79 38.09 44.94 -6.54
N THR E 80 38.15 44.79 -5.22
CA THR E 80 39.20 45.42 -4.45
C THR E 80 39.99 44.38 -3.65
N HIS E 81 39.44 44.01 -2.50
CA HIS E 81 40.04 42.97 -1.69
C HIS E 81 38.90 42.48 -0.80
N TYR E 82 38.93 41.22 -0.42
CA TYR E 82 37.84 40.62 0.35
C TYR E 82 37.68 41.19 1.76
N GLU E 83 38.66 41.98 2.20
CA GLU E 83 38.55 42.72 3.46
C GLU E 83 37.51 43.85 3.34
N ASP E 84 37.47 44.52 2.18
CA ASP E 84 36.44 45.54 1.94
C ASP E 84 35.05 44.94 1.90
N MET E 85 34.94 43.78 1.24
CA MET E 85 33.66 43.12 1.10
C MET E 85 33.07 42.64 2.42
N GLU E 86 33.91 42.11 3.31
CA GLU E 86 33.47 41.63 4.61
C GLU E 86 32.76 42.81 5.34
N ARG E 87 33.13 44.06 5.06
CA ARG E 87 32.54 45.18 5.80
C ARG E 87 31.34 45.83 5.11
N THR E 88 30.87 45.23 4.03
CA THR E 88 29.65 45.69 3.36
C THR E 88 28.48 44.79 3.75
N THR E 89 27.27 45.34 3.66
CA THR E 89 26.05 44.55 3.83
C THR E 89 25.46 44.45 2.43
N PHE E 90 24.41 43.65 2.27
CA PHE E 90 23.78 43.50 0.96
C PHE E 90 23.06 44.77 0.48
N HIS E 91 22.75 45.65 1.41
CA HIS E 91 22.15 46.93 1.09
C HIS E 91 23.08 47.82 0.28
N ASP E 92 24.38 47.68 0.54
CA ASP E 92 25.39 48.40 -0.23
C ASP E 92 25.38 47.92 -1.68
N TRP E 93 25.29 46.61 -1.86
CA TRP E 93 25.20 46.04 -3.21
C TRP E 93 23.94 46.47 -3.93
N VAL E 94 22.81 46.49 -3.23
CA VAL E 94 21.57 46.95 -3.82
C VAL E 94 21.80 48.40 -4.27
N ALA E 95 22.44 49.15 -3.39
CA ALA E 95 22.76 50.54 -3.65
C ALA E 95 23.65 50.74 -4.88
N SER E 96 24.66 49.87 -5.06
CA SER E 96 25.53 49.98 -6.22
C SER E 96 24.79 49.80 -7.54
N VAL E 97 23.88 48.84 -7.54
CA VAL E 97 22.99 48.53 -8.67
C VAL E 97 21.94 49.60 -8.86
N GLU E 98 21.40 50.05 -7.73
CA GLU E 98 20.34 51.06 -7.70
C GLU E 98 20.82 52.38 -8.30
N GLU E 99 22.08 52.73 -8.09
CA GLU E 99 22.63 53.93 -8.70
C GLU E 99 22.64 53.80 -10.21
N GLY E 100 22.94 52.59 -10.70
CA GLY E 100 22.98 52.33 -12.13
C GLY E 100 21.60 52.47 -12.73
N TYR E 101 20.59 51.99 -12.02
CA TYR E 101 19.21 52.19 -12.46
C TYR E 101 18.95 53.69 -12.56
N GLY E 102 19.38 54.42 -11.53
CA GLY E 102 19.23 55.86 -11.50
C GLY E 102 19.99 56.55 -12.61
N TRP E 103 21.18 56.04 -12.91
CA TRP E 103 21.99 56.60 -14.00
C TRP E 103 21.25 56.45 -15.33
N LEU E 104 20.61 55.29 -15.52
CA LEU E 104 19.83 55.06 -16.74
C LEU E 104 18.55 55.87 -16.82
N LYS E 105 17.91 56.09 -15.68
CA LYS E 105 16.68 56.88 -15.61
C LYS E 105 16.94 58.30 -16.06
N GLN E 106 18.18 58.77 -15.91
CA GLN E 106 18.49 60.15 -16.29
C GLN E 106 18.65 60.29 -17.79
N ARG E 107 18.79 59.16 -18.48
CA ARG E 107 19.19 59.16 -19.89
C ARG E 107 18.27 58.37 -20.82
N CYS E 108 17.52 57.42 -20.27
CA CYS E 108 16.80 56.47 -21.12
C CYS E 108 15.30 56.44 -20.92
N GLN E 109 14.59 56.10 -21.99
CA GLN E 109 13.15 55.97 -21.95
C GLN E 109 12.74 54.55 -21.60
N THR E 110 13.65 53.62 -21.82
CA THR E 110 13.38 52.19 -21.63
C THR E 110 14.56 51.59 -20.90
N ILE E 111 14.29 50.77 -19.89
CA ILE E 111 15.36 50.18 -19.10
C ILE E 111 15.24 48.68 -18.95
N PHE E 112 16.28 47.98 -19.38
CA PHE E 112 16.37 46.55 -19.13
C PHE E 112 17.44 46.25 -18.08
N VAL E 113 17.27 45.14 -17.38
CA VAL E 113 18.24 44.71 -16.39
C VAL E 113 18.62 43.24 -16.61
N THR E 114 19.91 42.96 -16.58
CA THR E 114 20.43 41.61 -16.71
C THR E 114 21.55 41.42 -15.69
N GLY E 115 21.78 40.19 -15.26
CA GLY E 115 22.78 39.92 -14.24
C GLY E 115 23.13 38.46 -14.11
N LEU E 116 24.34 38.18 -13.63
CA LEU E 116 24.78 36.80 -13.48
C LEU E 116 24.77 36.41 -12.01
N SER E 117 24.14 35.27 -11.72
CA SER E 117 24.11 34.75 -10.35
C SER E 117 23.43 35.71 -9.39
N MET E 118 24.20 36.26 -8.45
CA MET E 118 23.68 37.26 -7.54
C MET E 118 23.33 38.52 -8.33
N GLY E 119 23.98 38.70 -9.47
CA GLY E 119 23.60 39.75 -10.40
C GLY E 119 22.17 39.50 -10.86
N GLY E 120 21.83 38.24 -11.05
CA GLY E 120 20.47 37.85 -11.34
C GLY E 120 19.55 38.07 -10.15
N THR E 121 20.08 37.80 -8.96
CA THR E 121 19.34 38.02 -7.73
C THR E 121 18.98 39.49 -7.62
N LEU E 122 19.98 40.35 -7.85
CA LEU E 122 19.77 41.79 -7.79
C LEU E 122 18.89 42.27 -8.94
N THR E 123 18.96 41.57 -10.06
CA THR E 123 18.09 41.86 -11.20
C THR E 123 16.63 41.59 -10.83
N LEU E 124 16.37 40.43 -10.22
CA LEU E 124 15.01 40.11 -9.77
C LEU E 124 14.58 41.12 -8.72
N TYR E 125 15.46 41.41 -7.77
CA TYR E 125 15.20 42.36 -6.70
C TYR E 125 14.79 43.71 -7.22
N LEU E 126 15.49 44.15 -8.26
CA LEU E 126 15.25 45.45 -8.85
C LEU E 126 13.84 45.51 -9.44
N ALA E 127 13.45 44.47 -10.15
CA ALA E 127 12.12 44.36 -10.75
C ALA E 127 11.00 44.24 -9.69
N GLU E 128 11.37 43.86 -8.48
CA GLU E 128 10.40 43.71 -7.40
C GLU E 128 10.13 45.06 -6.74
N HIS E 129 11.01 46.04 -6.97
CA HIS E 129 10.90 47.30 -6.25
C HIS E 129 10.77 48.51 -7.18
N HIS E 130 10.65 48.25 -8.48
CA HIS E 130 10.32 49.27 -9.46
C HIS E 130 9.23 48.77 -10.40
N PRO E 131 8.33 49.69 -10.82
CA PRO E 131 7.20 49.36 -11.68
C PRO E 131 7.51 49.57 -13.18
N ASP E 132 8.62 50.23 -13.51
CA ASP E 132 8.86 50.67 -14.88
C ASP E 132 9.99 49.94 -15.59
N ILE E 133 10.40 48.80 -15.08
CA ILE E 133 11.42 48.02 -15.78
C ILE E 133 10.80 47.27 -16.95
N CYS E 134 11.40 47.43 -18.13
CA CYS E 134 10.79 46.95 -19.36
C CYS E 134 10.93 45.43 -19.51
N GLY E 135 12.00 44.87 -18.95
CA GLY E 135 12.26 43.45 -19.02
C GLY E 135 13.50 43.07 -18.25
N ILE E 136 13.58 41.82 -17.80
CA ILE E 136 14.76 41.37 -17.06
C ILE E 136 15.33 40.11 -17.69
N VAL E 137 16.65 40.00 -17.63
CA VAL E 137 17.34 38.84 -18.16
C VAL E 137 18.27 38.24 -17.12
N PRO E 138 17.70 37.47 -16.19
CA PRO E 138 18.54 36.79 -15.18
C PRO E 138 19.27 35.58 -15.73
N ILE E 139 20.56 35.47 -15.39
CA ILE E 139 21.39 34.37 -15.84
C ILE E 139 21.89 33.57 -14.64
N ASN E 140 21.40 32.35 -14.49
CA ASN E 140 21.69 31.51 -13.32
C ASN E 140 21.48 32.25 -12.00
N ALA E 141 20.38 33.00 -11.91
CA ALA E 141 20.08 33.74 -10.68
C ALA E 141 19.87 32.83 -9.48
N ALA E 142 20.34 33.29 -8.32
CA ALA E 142 20.20 32.53 -7.06
C ALA E 142 19.10 33.12 -6.16
N VAL E 143 18.10 32.30 -5.85
CA VAL E 143 17.02 32.66 -4.95
C VAL E 143 16.91 31.63 -3.82
N ASP E 144 17.57 30.49 -4.04
CA ASP E 144 17.61 29.35 -3.12
C ASP E 144 18.86 28.50 -3.26
N ILE E 145 19.76 28.68 -2.31
CA ILE E 145 20.97 27.87 -2.16
C ILE E 145 20.92 27.17 -0.80
N PRO E 146 20.56 25.88 -0.81
CA PRO E 146 20.24 25.11 0.40
C PRO E 146 21.40 25.10 1.40
N ALA E 147 22.64 25.09 0.93
CA ALA E 147 23.80 25.08 1.81
C ALA E 147 23.77 26.28 2.75
N ASP E 168 33.52 28.32 -11.88
CA ASP E 168 32.78 27.20 -12.47
C ASP E 168 32.43 27.56 -13.92
N LEU E 169 33.28 27.10 -14.84
CA LEU E 169 33.13 27.26 -16.28
C LEU E 169 33.46 25.91 -16.93
N LYS E 170 32.90 25.56 -18.08
CA LYS E 170 33.45 24.42 -18.81
C LYS E 170 34.69 24.83 -19.55
N ASN E 171 34.68 26.04 -20.08
CA ASN E 171 35.83 26.55 -20.78
C ASN E 171 36.91 26.89 -19.76
N PRO E 172 38.06 26.20 -19.86
CA PRO E 172 39.19 26.37 -18.95
C PRO E 172 40.02 27.59 -19.42
N ASP E 173 39.73 28.05 -20.64
CA ASP E 173 40.45 29.18 -21.26
C ASP E 173 39.94 30.56 -20.81
N VAL E 174 39.54 30.63 -19.55
CA VAL E 174 38.99 31.87 -19.00
C VAL E 174 39.56 31.92 -17.59
N LYS E 175 40.23 33.00 -17.25
CA LYS E 175 40.38 33.30 -15.84
C LYS E 175 39.31 34.29 -15.44
N GLU E 176 38.82 34.07 -14.23
CA GLU E 176 37.83 34.94 -13.64
C GLU E 176 38.22 35.70 -12.42
N LEU E 177 38.33 37.01 -12.67
CA LEU E 177 38.68 38.00 -11.68
C LEU E 177 37.67 37.79 -10.58
N ALA E 178 38.08 37.18 -9.47
CA ALA E 178 37.20 36.97 -8.34
C ALA E 178 38.07 36.79 -7.12
N TYR E 179 37.55 37.13 -5.95
CA TYR E 179 38.35 37.02 -4.73
C TYR E 179 38.79 35.62 -4.40
N GLU E 180 40.03 35.51 -3.93
CA GLU E 180 40.53 34.21 -3.54
C GLU E 180 40.04 33.73 -2.16
N LYS E 181 39.53 34.64 -1.32
CA LYS E 181 38.96 34.23 -0.04
C LYS E 181 37.54 34.79 0.12
N THR E 182 36.60 33.98 0.64
CA THR E 182 35.23 34.47 0.84
C THR E 182 34.83 34.62 2.33
N PRO E 183 34.58 35.86 2.77
CA PRO E 183 34.12 36.19 4.14
C PRO E 183 32.73 35.65 4.49
N THR E 184 32.62 34.84 5.54
CA THR E 184 31.34 34.26 5.94
C THR E 184 30.31 35.32 6.38
N ALA E 185 30.78 36.48 6.85
CA ALA E 185 29.85 37.55 7.18
C ALA E 185 29.12 38.02 5.92
N SER E 186 29.84 38.01 4.80
CA SER E 186 29.24 38.40 3.53
C SER E 186 28.30 37.32 3.02
N LEU E 187 28.54 36.06 3.41
CA LEU E 187 27.66 34.97 3.02
C LEU E 187 26.25 35.09 3.60
N LEU E 188 26.18 35.51 4.86
CA LEU E 188 24.93 35.78 5.54
C LEU E 188 24.15 36.89 4.85
N GLN E 189 24.86 37.94 4.46
CA GLN E 189 24.27 39.09 3.80
C GLN E 189 23.61 38.60 2.52
N LEU E 190 24.31 37.71 1.83
CA LEU E 190 23.78 37.10 0.62
C LEU E 190 22.52 36.30 0.98
N ALA E 191 22.57 35.50 2.04
CA ALA E 191 21.42 34.68 2.43
C ALA E 191 20.13 35.48 2.72
N ARG E 192 20.24 36.65 3.35
CA ARG E 192 19.05 37.45 3.58
C ARG E 192 18.57 38.02 2.25
N LEU E 193 19.49 38.52 1.44
CA LEU E 193 19.11 39.04 0.14
C LEU E 193 18.37 37.98 -0.68
N MET E 194 18.89 36.76 -0.71
CA MET E 194 18.21 35.68 -1.42
C MET E 194 16.81 35.38 -0.84
N ALA E 195 16.72 35.32 0.49
CA ALA E 195 15.42 35.03 1.13
C ALA E 195 14.36 36.08 0.81
N GLN E 196 14.74 37.37 0.93
CA GLN E 196 13.85 38.50 0.59
C GLN E 196 13.39 38.50 -0.86
N THR E 197 14.34 38.33 -1.78
CA THR E 197 14.07 38.35 -3.21
C THR E 197 13.13 37.20 -3.55
N LYS E 198 13.40 36.03 -3.01
CA LYS E 198 12.54 34.88 -3.26
C LYS E 198 11.12 35.14 -2.80
N ALA E 199 10.97 35.80 -1.66
CA ALA E 199 9.66 36.03 -1.05
C ALA E 199 8.78 37.01 -1.82
N LYS E 200 9.41 37.87 -2.60
CA LYS E 200 8.69 38.93 -3.28
C LYS E 200 8.61 38.74 -4.80
N LEU E 201 8.87 37.52 -5.26
CA LEU E 201 8.89 37.22 -6.69
C LEU E 201 7.57 37.55 -7.37
N ASP E 202 6.47 37.45 -6.63
CA ASP E 202 5.16 37.71 -7.21
C ASP E 202 4.93 39.16 -7.59
N ARG E 203 5.77 40.06 -7.10
CA ARG E 203 5.69 41.46 -7.51
C ARG E 203 6.23 41.71 -8.92
N ILE E 204 7.02 40.79 -9.47
CA ILE E 204 7.59 40.98 -10.80
C ILE E 204 6.55 40.77 -11.89
N VAL E 205 6.36 41.76 -12.76
CA VAL E 205 5.35 41.65 -13.81
C VAL E 205 5.92 41.86 -15.20
N CYS E 206 7.15 42.37 -15.28
CA CYS E 206 7.78 42.64 -16.57
C CYS E 206 8.24 41.33 -17.23
N PRO E 207 8.34 41.34 -18.58
CA PRO E 207 8.85 40.17 -19.30
C PRO E 207 10.19 39.67 -18.77
N ALA E 208 10.37 38.36 -18.81
CA ALA E 208 11.59 37.75 -18.28
C ALA E 208 12.14 36.69 -19.20
N LEU E 209 13.42 36.81 -19.53
CA LEU E 209 14.13 35.77 -20.25
C LEU E 209 15.11 35.14 -19.26
N ILE E 210 14.86 33.89 -18.86
CA ILE E 210 15.65 33.24 -17.82
C ILE E 210 16.63 32.20 -18.39
N PHE E 211 17.92 32.50 -18.32
CA PHE E 211 18.96 31.56 -18.74
C PHE E 211 19.35 30.64 -17.57
N VAL E 212 19.50 29.34 -17.85
CA VAL E 212 19.94 28.37 -16.85
C VAL E 212 20.85 27.30 -17.44
N SER E 213 21.99 27.08 -16.80
CA SER E 213 22.90 26.03 -17.20
C SER E 213 22.41 24.65 -16.72
N ASP E 214 22.32 23.67 -17.62
CA ASP E 214 21.88 22.30 -17.26
C ASP E 214 22.73 21.71 -16.18
N GLU E 215 24.02 21.96 -16.33
CA GLU E 215 25.00 21.60 -15.33
C GLU E 215 25.56 22.85 -14.66
N ASN E 216 25.37 22.93 -13.34
CA ASN E 216 25.85 24.01 -12.53
C ASN E 216 26.24 23.47 -11.19
N HIS E 217 27.49 23.66 -10.79
CA HIS E 217 27.98 23.02 -9.59
C HIS E 217 27.94 24.02 -8.45
N VAL E 218 27.27 25.14 -8.71
CA VAL E 218 27.17 26.24 -7.74
C VAL E 218 25.75 26.60 -7.35
N VAL E 219 24.95 26.98 -8.34
CA VAL E 219 23.55 27.31 -8.11
C VAL E 219 22.75 26.21 -8.77
N PRO E 220 21.84 25.59 -7.99
CA PRO E 220 20.96 24.54 -8.52
C PRO E 220 20.15 25.04 -9.70
N PRO E 221 20.17 24.29 -10.80
CA PRO E 221 19.37 24.65 -11.98
C PRO E 221 17.88 24.75 -11.59
N GLY E 222 17.47 24.06 -10.52
CA GLY E 222 16.10 24.14 -10.03
C GLY E 222 15.67 25.53 -9.60
N ASN E 223 16.63 26.44 -9.41
CA ASN E 223 16.32 27.85 -9.12
C ASN E 223 15.56 28.52 -10.25
N ALA E 224 15.82 28.07 -11.47
CA ALA E 224 15.21 28.62 -12.66
C ALA E 224 13.70 28.41 -12.59
N ASP E 225 13.29 27.28 -12.02
CA ASP E 225 11.87 26.97 -11.92
C ASP E 225 11.15 27.69 -10.78
N ILE E 226 11.85 27.92 -9.69
CA ILE E 226 11.31 28.69 -8.58
C ILE E 226 11.02 30.09 -9.07
N ILE E 227 11.95 30.64 -9.84
CA ILE E 227 11.78 31.96 -10.42
C ILE E 227 10.62 32.00 -11.41
N PHE E 228 10.61 31.04 -12.33
CA PHE E 228 9.61 30.97 -13.39
C PHE E 228 8.19 30.83 -12.81
N GLN E 229 8.03 29.99 -11.78
CA GLN E 229 6.71 29.76 -11.18
C GLN E 229 6.36 30.92 -10.23
N GLY E 230 7.38 31.56 -9.68
CA GLY E 230 7.17 32.57 -8.67
C GLY E 230 6.79 33.95 -9.21
N ILE E 231 7.30 34.31 -10.37
CA ILE E 231 7.02 35.63 -10.91
C ILE E 231 5.61 35.68 -11.48
N SER E 232 5.06 36.88 -11.58
CA SER E 232 3.69 37.09 -12.04
C SER E 232 3.62 37.54 -13.50
N SER E 233 4.76 37.52 -14.16
CA SER E 233 4.88 37.98 -15.54
C SER E 233 3.97 37.18 -16.50
N THR E 234 3.37 37.88 -17.45
CA THR E 234 2.53 37.24 -18.47
C THR E 234 3.34 36.68 -19.64
N GLU E 235 4.55 37.20 -19.76
CA GLU E 235 5.51 36.83 -20.77
C GLU E 235 6.85 36.37 -20.18
N LYS E 236 7.10 35.06 -20.19
CA LYS E 236 8.34 34.55 -19.60
C LYS E 236 8.89 33.34 -20.35
N GLU E 237 10.21 33.30 -20.50
CA GLU E 237 10.84 32.21 -21.22
C GLU E 237 11.94 31.59 -20.39
N ILE E 238 12.24 30.34 -20.70
CA ILE E 238 13.46 29.74 -20.20
C ILE E 238 14.26 29.32 -21.40
N VAL E 239 15.54 29.64 -21.35
CA VAL E 239 16.52 29.13 -22.28
C VAL E 239 17.57 28.39 -21.46
N ARG E 240 17.59 27.08 -21.69
CA ARG E 240 18.51 26.14 -21.06
C ARG E 240 19.82 26.02 -21.83
N LEU E 241 20.92 26.38 -21.17
CA LEU E 241 22.23 26.33 -21.79
C LEU E 241 22.91 24.99 -21.53
N ARG E 242 23.39 24.39 -22.62
CA ARG E 242 23.94 23.05 -22.58
C ARG E 242 25.45 22.98 -22.79
N ASN E 243 26.09 24.11 -23.02
CA ASN E 243 27.53 24.10 -23.22
C ASN E 243 28.21 25.10 -22.28
N SER E 244 27.61 25.33 -21.12
CA SER E 244 28.14 26.26 -20.12
C SER E 244 27.86 25.76 -18.72
N TYR E 245 28.72 26.15 -17.78
CA TYR E 245 28.39 26.02 -16.36
C TYR E 245 27.89 27.34 -15.79
N HIS E 246 28.21 27.57 -14.52
CA HIS E 246 27.67 28.71 -13.79
C HIS E 246 28.01 30.05 -14.44
N VAL E 247 29.30 30.28 -14.69
CA VAL E 247 29.75 31.54 -15.26
C VAL E 247 29.49 31.53 -16.77
N ALA E 248 28.21 31.52 -17.13
CA ALA E 248 27.80 31.30 -18.52
C ALA E 248 28.21 32.44 -19.44
N THR E 249 28.26 33.65 -18.89
CA THR E 249 28.62 34.84 -19.66
C THR E 249 30.03 34.79 -20.24
N LEU E 250 30.89 33.99 -19.63
CA LEU E 250 32.25 33.83 -20.12
C LEU E 250 32.46 32.44 -20.73
N ASP E 251 31.41 31.64 -20.72
CA ASP E 251 31.51 30.26 -21.21
C ASP E 251 31.11 30.15 -22.68
N TYR E 252 31.04 28.92 -23.19
CA TYR E 252 30.80 28.71 -24.62
C TYR E 252 29.47 29.22 -25.18
N ASP E 253 28.45 29.36 -24.34
CA ASP E 253 27.14 29.79 -24.81
C ASP E 253 26.96 31.30 -24.88
N GLN E 254 28.02 32.04 -24.57
CA GLN E 254 27.98 33.50 -24.62
C GLN E 254 27.36 34.10 -25.88
N PRO E 255 27.73 33.61 -27.08
CA PRO E 255 27.09 34.21 -28.25
C PRO E 255 25.57 34.02 -28.27
N MET E 256 25.08 32.87 -27.81
CA MET E 256 23.63 32.63 -27.78
C MET E 256 22.95 33.57 -26.83
N ILE E 257 23.55 33.73 -25.66
CA ILE E 257 23.02 34.63 -24.64
C ILE E 257 22.93 36.04 -25.19
N ILE E 258 23.99 36.48 -25.87
CA ILE E 258 24.04 37.81 -26.44
C ILE E 258 22.98 37.96 -27.52
N GLU E 259 22.89 36.99 -28.42
CA GLU E 259 21.91 37.04 -29.52
C GLU E 259 20.45 36.99 -29.01
N ARG E 260 20.14 36.04 -28.13
CA ARG E 260 18.79 35.89 -27.60
C ARG E 260 18.36 37.11 -26.79
N SER E 261 19.31 37.72 -26.07
CA SER E 261 19.04 38.92 -25.30
C SER E 261 18.73 40.12 -26.18
N LEU E 262 19.50 40.27 -27.25
CA LEU E 262 19.28 41.36 -28.20
C LEU E 262 17.90 41.24 -28.82
N GLU E 263 17.49 40.01 -29.12
CA GLU E 263 16.15 39.75 -29.65
C GLU E 263 15.09 40.09 -28.60
N PHE E 264 15.41 39.82 -27.34
CA PHE E 264 14.51 40.12 -26.22
C PHE E 264 14.28 41.61 -26.04
N PHE E 265 15.36 42.39 -26.12
CA PHE E 265 15.24 43.83 -26.00
C PHE E 265 14.37 44.41 -27.13
N ALA E 266 14.62 43.96 -28.35
CA ALA E 266 13.89 44.42 -29.54
C ALA E 266 12.41 44.08 -29.46
N LYS E 267 12.13 42.87 -28.97
CA LYS E 267 10.78 42.35 -28.87
C LYS E 267 9.94 43.15 -27.87
N HIS E 268 10.53 43.53 -26.75
CA HIS E 268 9.76 44.12 -25.65
C HIS E 268 9.85 45.65 -25.47
N ALA E 269 10.79 46.30 -26.14
CA ALA E 269 10.99 47.74 -26.01
C ALA E 269 9.69 48.54 -26.18
N GLN F 24 57.38 8.53 15.28
CA GLN F 24 58.44 9.50 15.02
C GLN F 24 58.38 10.72 15.93
N TYR F 25 57.30 10.83 16.70
CA TYR F 25 57.12 11.95 17.64
C TYR F 25 56.90 11.44 19.06
N PRO F 26 57.26 12.26 20.07
CA PRO F 26 57.05 11.76 21.43
C PRO F 26 55.61 11.88 21.90
N VAL F 27 55.29 11.22 23.01
CA VAL F 27 53.95 11.22 23.58
C VAL F 27 53.63 12.50 24.34
N LEU F 28 52.55 13.17 23.95
CA LEU F 28 52.06 14.37 24.63
C LEU F 28 51.71 14.10 26.10
N SER F 29 51.95 15.07 26.97
CA SER F 29 51.53 14.95 28.37
C SER F 29 49.99 14.80 28.40
N GLY F 30 49.50 13.77 29.07
CA GLY F 30 48.06 13.52 29.18
C GLY F 30 47.51 12.45 28.25
N ALA F 31 48.36 12.01 27.32
CA ALA F 31 48.00 10.98 26.36
C ALA F 31 48.66 9.66 26.78
N GLU F 32 49.20 9.65 28.00
CA GLU F 32 49.85 8.45 28.52
C GLU F 32 48.90 7.27 28.71
N PRO F 33 49.39 6.06 28.39
CA PRO F 33 48.53 4.92 28.68
C PRO F 33 48.42 4.71 30.19
N PHE F 34 47.39 4.03 30.67
CA PHE F 34 47.25 3.87 32.11
C PHE F 34 47.05 2.37 32.41
N TYR F 35 47.80 1.80 33.35
CA TYR F 35 47.61 0.40 33.75
C TYR F 35 47.51 0.34 35.26
N ALA F 36 46.66 -0.56 35.76
CA ALA F 36 46.53 -0.76 37.21
C ALA F 36 46.13 -2.20 37.58
N GLU F 37 47.00 -2.87 38.34
CA GLU F 37 46.83 -4.25 38.80
C GLU F 37 46.25 -4.27 40.22
N ASN F 38 45.02 -4.74 40.31
CA ASN F 38 44.29 -4.86 41.55
C ASN F 38 43.67 -6.26 41.60
N GLY F 39 42.35 -6.37 41.47
CA GLY F 39 41.68 -7.66 41.57
C GLY F 39 41.65 -8.51 40.32
N PRO F 40 41.02 -9.69 40.40
CA PRO F 40 40.96 -10.69 39.32
C PRO F 40 40.12 -10.22 38.14
N VAL F 41 39.15 -9.33 38.36
CA VAL F 41 38.34 -8.75 37.28
C VAL F 41 39.06 -7.56 36.62
N GLY F 42 39.05 -7.51 35.29
CA GLY F 42 39.74 -6.45 34.55
C GLY F 42 38.80 -5.65 33.65
N VAL F 43 39.23 -4.46 33.27
CA VAL F 43 38.45 -3.59 32.39
C VAL F 43 39.34 -2.97 31.33
N LEU F 44 38.97 -3.15 30.06
CA LEU F 44 39.70 -2.54 28.97
C LEU F 44 38.95 -1.29 28.51
N LEU F 45 39.65 -0.16 28.54
CA LEU F 45 39.05 1.10 28.13
C LEU F 45 39.69 1.56 26.84
N VAL F 46 38.86 1.87 25.87
CA VAL F 46 39.36 2.21 24.55
C VAL F 46 38.91 3.62 24.21
N HIS F 47 39.87 4.49 23.91
CA HIS F 47 39.56 5.86 23.52
C HIS F 47 39.28 5.94 22.03
N GLY F 48 39.01 7.14 21.54
CA GLY F 48 38.53 7.26 20.17
C GLY F 48 39.48 7.82 19.13
N PHE F 49 38.92 8.03 17.94
CA PHE F 49 39.60 8.46 16.72
C PHE F 49 40.13 9.89 16.85
N THR F 50 41.43 10.07 16.66
CA THR F 50 42.16 11.34 16.89
C THR F 50 42.24 11.70 18.37
N GLY F 51 41.72 10.82 19.21
CA GLY F 51 41.67 11.07 20.64
C GLY F 51 42.88 10.51 21.33
N THR F 52 42.84 10.52 22.66
CA THR F 52 43.95 10.04 23.49
C THR F 52 43.34 9.32 24.67
N PRO F 53 44.17 8.64 25.45
CA PRO F 53 43.71 8.03 26.71
C PRO F 53 43.02 8.98 27.69
N HIS F 54 43.18 10.29 27.50
CA HIS F 54 42.57 11.30 28.35
C HIS F 54 41.05 11.19 28.51
N SER F 55 40.37 10.84 27.41
CA SER F 55 38.92 10.77 27.37
C SER F 55 38.39 9.69 28.29
N MET F 56 39.19 8.66 28.54
CA MET F 56 38.72 7.53 29.32
C MET F 56 39.32 7.50 30.73
N ARG F 57 40.31 8.37 30.98
CA ARG F 57 41.00 8.38 32.28
C ARG F 57 40.10 8.50 33.52
N PRO F 58 39.09 9.39 33.51
CA PRO F 58 38.26 9.47 34.71
C PRO F 58 37.53 8.14 35.01
N LEU F 59 37.09 7.45 33.96
CA LEU F 59 36.43 6.15 34.11
C LEU F 59 37.42 5.11 34.64
N ALA F 60 38.62 5.06 34.05
CA ALA F 60 39.67 4.10 34.43
C ALA F 60 40.04 4.27 35.89
N GLU F 61 40.17 5.53 36.32
CA GLU F 61 40.59 5.83 37.73
C GLU F 61 39.48 5.46 38.69
N ALA F 62 38.22 5.65 38.30
CA ALA F 62 37.14 5.26 39.17
C ALA F 62 37.14 3.73 39.37
N TYR F 63 37.37 2.99 38.29
CA TYR F 63 37.34 1.52 38.30
C TYR F 63 38.51 0.92 39.08
N ALA F 64 39.66 1.57 38.96
CA ALA F 64 40.85 1.15 39.69
C ALA F 64 40.56 1.31 41.17
N LYS F 65 39.93 2.42 41.52
CA LYS F 65 39.51 2.69 42.88
C LYS F 65 38.52 1.64 43.39
N ALA F 66 37.68 1.13 42.49
CA ALA F 66 36.71 0.09 42.86
C ALA F 66 37.34 -1.30 43.04
N GLY F 67 38.60 -1.46 42.65
CA GLY F 67 39.30 -2.71 42.87
C GLY F 67 39.48 -3.50 41.58
N TYR F 68 39.11 -2.87 40.47
CA TYR F 68 39.26 -3.48 39.16
C TYR F 68 40.67 -3.30 38.58
N THR F 69 41.19 -4.36 37.97
CA THR F 69 42.40 -4.27 37.17
C THR F 69 42.08 -3.50 35.89
N VAL F 70 42.91 -2.52 35.55
CA VAL F 70 42.56 -1.56 34.53
C VAL F 70 43.64 -1.43 33.46
N CYS F 71 43.21 -1.43 32.21
CA CYS F 71 44.09 -1.19 31.10
C CYS F 71 43.47 -0.11 30.20
N LEU F 72 44.13 1.03 30.09
CA LEU F 72 43.71 2.11 29.20
C LEU F 72 44.85 2.36 28.24
N PRO F 73 44.85 1.61 27.13
CA PRO F 73 45.96 1.79 26.21
C PRO F 73 45.86 3.07 25.40
N ARG F 74 46.99 3.45 24.82
CA ARG F 74 47.07 4.52 23.86
C ARG F 74 47.16 3.85 22.50
N LEU F 75 46.21 4.17 21.64
CA LEU F 75 46.18 3.60 20.30
C LEU F 75 47.44 4.03 19.55
N LYS F 76 47.94 3.16 18.67
CA LYS F 76 49.10 3.50 17.86
C LYS F 76 48.77 4.71 17.01
N GLY F 77 49.70 5.64 16.89
CA GLY F 77 49.48 6.84 16.10
C GLY F 77 48.65 7.92 16.77
N HIS F 78 48.24 7.67 18.01
CA HIS F 78 47.42 8.61 18.75
C HIS F 78 48.24 9.18 19.90
N GLY F 79 47.94 10.41 20.29
CA GLY F 79 48.64 11.07 21.39
C GLY F 79 50.07 11.51 21.09
N THR F 80 50.40 11.64 19.80
CA THR F 80 51.70 12.13 19.36
C THR F 80 51.59 13.31 18.38
N HIS F 81 51.27 12.99 17.13
CA HIS F 81 51.08 13.97 16.06
C HIS F 81 50.21 13.38 14.95
N TYR F 82 49.49 14.23 14.23
CA TYR F 82 48.56 13.74 13.21
C TYR F 82 49.25 13.06 12.03
N GLU F 83 50.53 13.37 11.86
CA GLU F 83 51.37 12.69 10.89
C GLU F 83 51.63 11.22 11.19
N ASP F 84 51.77 10.92 12.47
CA ASP F 84 51.91 9.55 12.95
C ASP F 84 50.65 8.76 12.70
N MET F 85 49.52 9.39 12.99
CA MET F 85 48.23 8.74 12.84
C MET F 85 47.92 8.44 11.37
N GLU F 86 48.36 9.35 10.51
CA GLU F 86 48.19 9.25 9.06
C GLU F 86 48.84 7.95 8.54
N ARG F 87 49.87 7.45 9.22
CA ARG F 87 50.61 6.31 8.68
C ARG F 87 50.21 4.98 9.33
N THR F 88 49.08 5.02 10.01
CA THR F 88 48.45 3.84 10.59
C THR F 88 47.23 3.37 9.83
N THR F 89 46.94 2.08 9.96
CA THR F 89 45.71 1.51 9.44
C THR F 89 44.87 1.22 10.68
N PHE F 90 43.60 0.90 10.47
CA PHE F 90 42.73 0.56 11.59
C PHE F 90 43.18 -0.72 12.27
N HIS F 91 43.92 -1.55 11.51
CA HIS F 91 44.50 -2.79 12.01
C HIS F 91 45.53 -2.54 13.12
N ASP F 92 46.24 -1.43 12.99
CA ASP F 92 47.22 -0.96 13.98
C ASP F 92 46.56 -0.57 15.29
N TRP F 93 45.44 0.12 15.16
CA TRP F 93 44.63 0.57 16.28
C TRP F 93 44.10 -0.66 17.00
N VAL F 94 43.53 -1.58 16.21
CA VAL F 94 43.06 -2.87 16.69
C VAL F 94 44.19 -3.60 17.41
N ALA F 95 45.38 -3.55 16.83
CA ALA F 95 46.52 -4.20 17.45
C ALA F 95 46.82 -3.59 18.82
N SER F 96 46.65 -2.28 18.95
CA SER F 96 46.83 -1.64 20.25
C SER F 96 45.79 -2.15 21.26
N VAL F 97 44.58 -2.36 20.77
CA VAL F 97 43.51 -2.87 21.60
C VAL F 97 43.69 -4.33 21.94
N GLU F 98 44.06 -5.11 20.93
CA GLU F 98 44.30 -6.54 21.12
C GLU F 98 45.39 -6.79 22.14
N GLU F 99 46.41 -5.96 22.11
CA GLU F 99 47.53 -6.04 23.03
C GLU F 99 47.14 -5.76 24.49
N GLY F 100 46.27 -4.78 24.70
CA GLY F 100 45.77 -4.43 26.02
C GLY F 100 44.96 -5.58 26.57
N TYR F 101 44.15 -6.17 25.71
CA TYR F 101 43.35 -7.33 26.07
C TYR F 101 44.22 -8.48 26.52
N GLY F 102 45.32 -8.70 25.82
CA GLY F 102 46.25 -9.76 26.17
C GLY F 102 46.90 -9.51 27.51
N TRP F 103 47.16 -8.24 27.81
CA TRP F 103 47.71 -7.87 29.11
C TRP F 103 46.73 -8.27 30.21
N LEU F 104 45.44 -8.04 29.96
CA LEU F 104 44.39 -8.40 30.91
C LEU F 104 44.17 -9.91 31.04
N LYS F 105 44.27 -10.66 29.94
CA LYS F 105 44.06 -12.10 30.02
C LYS F 105 45.07 -12.84 30.89
N GLN F 106 46.28 -12.31 30.97
CA GLN F 106 47.32 -12.89 31.83
C GLN F 106 47.09 -12.60 33.33
N ARG F 107 46.15 -11.72 33.65
CA ARG F 107 45.95 -11.23 35.01
C ARG F 107 44.51 -11.51 35.48
N CYS F 108 43.57 -11.58 34.55
CA CYS F 108 42.14 -11.67 34.87
C CYS F 108 41.38 -12.81 34.17
N GLN F 109 40.55 -13.52 34.93
CA GLN F 109 39.70 -14.54 34.33
C GLN F 109 38.41 -13.93 33.78
N THR F 110 38.08 -12.77 34.31
CA THR F 110 36.89 -12.00 33.96
C THR F 110 37.23 -10.65 33.34
N ILE F 111 36.81 -10.38 32.10
CA ILE F 111 37.26 -9.15 31.47
C ILE F 111 36.11 -8.41 30.81
N PHE F 112 35.99 -7.13 31.13
CA PHE F 112 35.04 -6.25 30.46
C PHE F 112 35.77 -5.27 29.55
N VAL F 113 35.11 -4.85 28.49
CA VAL F 113 35.68 -3.90 27.56
C VAL F 113 34.74 -2.71 27.38
N THR F 114 35.27 -1.51 27.48
CA THR F 114 34.48 -0.29 27.29
C THR F 114 35.23 0.69 26.43
N GLY F 115 34.48 1.54 25.73
CA GLY F 115 35.10 2.48 24.83
C GLY F 115 34.20 3.62 24.40
N LEU F 116 34.80 4.75 24.06
CA LEU F 116 34.06 5.91 23.61
C LEU F 116 34.23 6.06 22.10
N SER F 117 33.11 6.24 21.40
CA SER F 117 33.13 6.43 19.94
C SER F 117 33.79 5.29 19.19
N MET F 118 34.94 5.57 18.59
CA MET F 118 35.68 4.52 17.90
C MET F 118 36.18 3.54 18.91
N GLY F 119 36.32 3.99 20.15
CA GLY F 119 36.62 3.09 21.24
C GLY F 119 35.46 2.12 21.40
N GLY F 120 34.24 2.61 21.20
CA GLY F 120 33.08 1.74 21.19
C GLY F 120 33.11 0.83 19.97
N THR F 121 33.53 1.39 18.84
CA THR F 121 33.67 0.62 17.62
C THR F 121 34.69 -0.49 17.80
N LEU F 122 35.82 -0.14 18.40
CA LEU F 122 36.85 -1.12 18.64
C LEU F 122 36.41 -2.09 19.73
N THR F 123 35.59 -1.61 20.66
CA THR F 123 35.01 -2.45 21.71
C THR F 123 34.11 -3.53 21.13
N LEU F 124 33.26 -3.13 20.18
CA LEU F 124 32.36 -4.05 19.50
C LEU F 124 33.18 -5.04 18.70
N TYR F 125 34.16 -4.52 17.97
CA TYR F 125 35.03 -5.33 17.13
C TYR F 125 35.73 -6.47 17.87
N LEU F 126 36.22 -6.17 19.08
CA LEU F 126 36.93 -7.15 19.88
C LEU F 126 36.00 -8.29 20.31
N ALA F 127 34.77 -7.95 20.65
CA ALA F 127 33.78 -8.94 21.06
C ALA F 127 33.45 -9.94 19.93
N GLU F 128 33.58 -9.52 18.69
CA GLU F 128 33.25 -10.34 17.54
C GLU F 128 34.32 -11.40 17.25
N HIS F 129 35.46 -11.28 17.93
CA HIS F 129 36.59 -12.19 17.74
C HIS F 129 37.00 -12.84 19.05
N HIS F 130 36.39 -12.43 20.17
CA HIS F 130 36.75 -12.98 21.50
C HIS F 130 35.49 -13.27 22.30
N PRO F 131 34.97 -14.48 22.14
CA PRO F 131 33.71 -14.73 22.88
C PRO F 131 33.90 -14.92 24.43
N ASP F 132 35.13 -14.96 24.96
CA ASP F 132 35.37 -15.13 26.43
C ASP F 132 35.20 -13.78 27.18
N ILE F 133 35.04 -12.69 26.42
CA ILE F 133 34.77 -11.35 26.99
C ILE F 133 33.42 -11.33 27.77
N CYS F 134 33.40 -10.86 29.00
CA CYS F 134 32.20 -10.99 29.84
C CYS F 134 31.10 -9.94 29.58
N GLY F 135 31.48 -8.78 29.05
CA GLY F 135 30.50 -7.74 28.77
C GLY F 135 31.14 -6.50 28.14
N ILE F 136 30.34 -5.73 27.42
CA ILE F 136 30.86 -4.54 26.77
C ILE F 136 30.06 -3.28 27.09
N VAL F 137 30.77 -2.15 27.17
CA VAL F 137 30.09 -0.89 27.42
C VAL F 137 30.52 0.16 26.40
N PRO F 138 29.94 0.08 25.18
CA PRO F 138 30.20 1.09 24.16
C PRO F 138 29.45 2.37 24.46
N ILE F 139 30.16 3.48 24.37
CA ILE F 139 29.58 4.79 24.64
C ILE F 139 29.59 5.63 23.37
N ASN F 140 28.39 5.92 22.84
CA ASN F 140 28.24 6.62 21.56
C ASN F 140 29.06 6.03 20.42
N ALA F 141 29.01 4.71 20.35
CA ALA F 141 29.73 3.90 19.38
C ALA F 141 29.26 4.23 17.96
N ALA F 142 30.20 4.19 17.02
CA ALA F 142 29.96 4.54 15.62
C ALA F 142 29.93 3.31 14.71
N VAL F 143 28.80 3.12 14.01
CA VAL F 143 28.65 2.01 13.07
C VAL F 143 28.16 2.40 11.67
N ASP F 144 27.49 3.54 11.57
CA ASP F 144 27.04 4.09 10.28
C ASP F 144 27.12 5.60 10.30
N ILE F 145 28.21 6.11 9.74
CA ILE F 145 28.35 7.53 9.43
C ILE F 145 28.45 7.80 7.95
N PRO F 146 27.39 8.36 7.37
CA PRO F 146 27.39 8.52 5.92
C PRO F 146 28.32 9.67 5.57
N ALA F 147 29.54 9.25 5.23
CA ALA F 147 30.61 10.15 4.86
C ALA F 147 31.66 9.42 4.03
N SER F 167 35.86 19.53 21.99
CA SER F 167 35.07 19.12 20.83
C SER F 167 33.58 19.18 21.13
N ASP F 168 32.85 18.09 20.90
CA ASP F 168 31.44 18.11 21.22
C ASP F 168 31.18 17.84 22.70
N LEU F 169 31.09 18.92 23.47
CA LEU F 169 30.86 18.84 24.91
C LEU F 169 29.81 19.86 25.29
N LYS F 170 28.88 19.48 26.14
CA LYS F 170 27.90 20.41 26.63
C LYS F 170 28.51 21.31 27.71
N ASN F 171 29.36 20.70 28.53
CA ASN F 171 30.16 21.42 29.52
C ASN F 171 31.34 22.12 28.86
N PRO F 172 31.31 23.45 28.87
CA PRO F 172 32.31 24.28 28.22
C PRO F 172 33.55 24.28 29.09
N ASP F 173 33.52 23.68 30.28
CA ASP F 173 34.75 23.78 31.03
C ASP F 173 35.69 22.58 30.89
N VAL F 174 35.35 21.65 30.00
CA VAL F 174 36.23 20.51 29.74
C VAL F 174 36.71 20.66 28.29
N LYS F 175 38.00 20.63 28.03
CA LYS F 175 38.54 20.64 26.66
C LYS F 175 39.06 19.21 26.45
N GLU F 176 38.77 18.63 25.29
CA GLU F 176 39.25 17.28 24.99
C GLU F 176 40.51 17.41 24.14
N LEU F 177 41.48 16.56 24.47
CA LEU F 177 42.76 16.47 23.77
C LEU F 177 42.67 15.63 22.53
N ALA F 178 42.82 16.33 21.41
CA ALA F 178 42.66 15.81 20.06
C ALA F 178 43.44 16.64 19.03
N TYR F 179 43.89 15.96 17.97
CA TYR F 179 44.64 16.54 16.85
C TYR F 179 43.80 17.67 16.26
N GLU F 180 44.36 18.73 15.70
CA GLU F 180 43.37 19.71 15.24
C GLU F 180 42.85 19.48 13.81
N LYS F 181 43.58 18.75 12.97
CA LYS F 181 43.07 18.40 11.65
C LYS F 181 43.22 16.88 11.66
N THR F 182 42.28 16.22 11.02
CA THR F 182 42.22 14.77 10.91
C THR F 182 42.51 14.35 9.47
N PRO F 183 43.61 13.60 9.28
CA PRO F 183 44.00 13.09 7.96
C PRO F 183 42.92 12.18 7.35
N THR F 184 42.58 12.44 6.09
CA THR F 184 41.53 11.72 5.37
C THR F 184 41.90 10.25 5.05
N ALA F 185 43.20 9.90 5.02
CA ALA F 185 43.56 8.49 4.89
C ALA F 185 42.99 7.80 6.13
N SER F 186 43.16 8.42 7.28
CA SER F 186 42.63 7.85 8.51
C SER F 186 41.09 7.75 8.44
N LEU F 187 40.41 8.71 7.80
CA LEU F 187 38.94 8.63 7.65
C LEU F 187 38.62 7.41 6.82
N LEU F 188 39.54 7.05 5.93
CA LEU F 188 39.36 5.87 5.10
C LEU F 188 39.49 4.56 5.86
N GLN F 189 40.51 4.49 6.71
CA GLN F 189 40.72 3.38 7.65
C GLN F 189 39.55 3.21 8.62
N LEU F 190 38.98 4.31 9.05
CA LEU F 190 37.85 4.34 9.98
C LEU F 190 36.63 3.81 9.28
N ALA F 191 36.34 4.37 8.11
CA ALA F 191 35.17 4.01 7.33
C ALA F 191 35.14 2.53 6.96
N ARG F 192 36.30 1.86 7.03
CA ARG F 192 36.35 0.44 6.75
C ARG F 192 36.08 -0.26 8.06
N LEU F 193 36.92 -0.03 9.06
CA LEU F 193 36.64 -0.46 10.45
C LEU F 193 35.14 -0.58 10.67
N MET F 194 34.43 0.51 10.39
CA MET F 194 33.05 0.70 10.80
C MET F 194 32.14 -0.27 10.06
N ALA F 195 32.54 -0.59 8.82
CA ALA F 195 31.81 -1.54 7.98
C ALA F 195 31.89 -2.97 8.48
N GLN F 196 33.12 -3.45 8.63
CA GLN F 196 33.41 -4.78 9.17
C GLN F 196 32.75 -4.99 10.52
N THR F 197 32.95 -4.03 11.42
CA THR F 197 32.40 -4.07 12.76
C THR F 197 30.88 -4.16 12.62
N LYS F 198 30.28 -3.31 11.80
CA LYS F 198 28.83 -3.39 11.64
C LYS F 198 28.35 -4.72 11.04
N ALA F 199 29.14 -5.30 10.14
CA ALA F 199 28.79 -6.56 9.47
C ALA F 199 28.76 -7.78 10.40
N LYS F 200 29.57 -7.74 11.45
CA LYS F 200 29.81 -8.93 12.28
C LYS F 200 29.13 -8.79 13.64
N LEU F 201 28.23 -7.83 13.75
CA LEU F 201 27.53 -7.58 15.00
C LEU F 201 26.92 -8.87 15.55
N ASP F 202 26.43 -9.74 14.67
CA ASP F 202 25.76 -10.94 15.16
C ASP F 202 26.63 -11.99 15.88
N ARG F 203 27.95 -11.85 15.83
CA ARG F 203 28.88 -12.71 16.55
C ARG F 203 28.98 -12.30 18.04
N ILE F 204 28.43 -11.14 18.39
CA ILE F 204 28.50 -10.65 19.79
C ILE F 204 27.38 -11.25 20.62
N VAL F 205 27.79 -11.98 21.66
CA VAL F 205 26.84 -12.66 22.51
C VAL F 205 26.91 -12.27 23.99
N CYS F 206 27.94 -11.53 24.36
CA CYS F 206 28.11 -11.10 25.75
C CYS F 206 27.16 -9.96 26.05
N PRO F 207 26.79 -9.78 27.33
CA PRO F 207 25.91 -8.68 27.72
C PRO F 207 26.44 -7.32 27.28
N ALA F 208 25.55 -6.41 26.92
CA ALA F 208 25.97 -5.12 26.43
C ALA F 208 25.20 -4.00 27.10
N LEU F 209 25.92 -3.03 27.64
CA LEU F 209 25.31 -1.80 28.14
C LEU F 209 25.68 -0.67 27.20
N ILE F 210 24.70 -0.20 26.45
CA ILE F 210 24.91 0.81 25.42
C ILE F 210 24.51 2.21 25.86
N PHE F 211 25.52 3.08 26.00
CA PHE F 211 25.30 4.50 26.34
C PHE F 211 25.13 5.32 25.07
N VAL F 212 24.14 6.21 25.06
CA VAL F 212 23.92 7.08 23.90
C VAL F 212 23.46 8.49 24.31
N SER F 213 24.14 9.51 23.81
CA SER F 213 23.72 10.89 24.04
C SER F 213 22.59 11.25 23.10
N ASP F 214 21.48 11.69 23.67
CA ASP F 214 20.33 12.16 22.89
C ASP F 214 20.74 13.25 21.91
N GLU F 215 21.39 14.28 22.43
CA GLU F 215 21.89 15.33 21.55
C GLU F 215 23.35 15.04 21.24
N ASN F 216 23.62 14.51 20.05
CA ASN F 216 24.96 14.18 19.64
C ASN F 216 25.20 14.71 18.26
N HIS F 217 26.17 15.59 18.17
CA HIS F 217 26.47 16.37 16.97
C HIS F 217 27.62 15.77 16.16
N VAL F 218 28.00 14.54 16.51
CA VAL F 218 29.12 13.88 15.87
C VAL F 218 28.68 12.53 15.28
N VAL F 219 28.13 11.67 16.13
CA VAL F 219 27.52 10.39 15.70
C VAL F 219 25.98 10.33 15.83
N PRO F 220 25.26 10.01 14.73
CA PRO F 220 23.79 9.96 14.88
C PRO F 220 23.40 8.87 15.90
N PRO F 221 22.55 9.22 16.87
CA PRO F 221 22.03 8.32 17.93
C PRO F 221 21.27 7.09 17.41
N GLY F 222 21.01 7.01 16.11
CA GLY F 222 20.36 5.86 15.49
C GLY F 222 21.33 4.70 15.43
N ASN F 223 22.60 5.04 15.63
CA ASN F 223 23.71 4.10 15.69
C ASN F 223 23.52 3.18 16.88
N ALA F 224 22.97 3.73 17.95
CA ALA F 224 22.69 2.98 19.16
C ALA F 224 21.77 1.81 18.78
N ASP F 225 20.73 2.12 18.02
CA ASP F 225 19.76 1.13 17.59
C ASP F 225 20.28 0.07 16.62
N ILE F 226 21.30 0.41 15.84
CA ILE F 226 21.90 -0.55 14.93
C ILE F 226 22.66 -1.62 15.68
N ILE F 227 23.29 -1.18 16.76
CA ILE F 227 24.01 -2.08 17.65
C ILE F 227 23.03 -2.93 18.44
N PHE F 228 22.06 -2.28 19.08
CA PHE F 228 21.07 -2.99 19.87
C PHE F 228 20.29 -4.07 19.13
N GLN F 229 19.99 -3.85 17.85
CA GLN F 229 19.13 -4.78 17.11
C GLN F 229 20.01 -5.84 16.45
N GLY F 230 21.23 -5.47 16.09
CA GLY F 230 22.09 -6.37 15.35
C GLY F 230 22.89 -7.40 16.13
N ILE F 231 23.16 -7.13 17.41
CA ILE F 231 23.90 -8.07 18.27
C ILE F 231 23.02 -9.24 18.74
N SER F 232 23.65 -10.37 19.01
CA SER F 232 22.94 -11.57 19.40
C SER F 232 22.79 -11.74 20.92
N SER F 233 23.18 -10.70 21.66
CA SER F 233 23.16 -10.71 23.12
C SER F 233 21.74 -10.90 23.65
N THR F 234 21.62 -11.72 24.71
CA THR F 234 20.34 -11.94 25.35
C THR F 234 20.10 -10.95 26.49
N GLU F 235 21.15 -10.28 26.91
CA GLU F 235 21.07 -9.24 27.93
CA GLU F 235 21.05 -9.24 27.93
C GLU F 235 21.70 -7.96 27.40
N LYS F 236 20.88 -6.95 27.15
CA LYS F 236 21.36 -5.72 26.58
C LYS F 236 20.50 -4.55 27.03
N GLU F 237 21.13 -3.42 27.34
CA GLU F 237 20.41 -2.25 27.76
C GLU F 237 20.83 -0.99 27.02
N ILE F 238 19.96 0.02 27.07
CA ILE F 238 20.30 1.31 26.50
C ILE F 238 20.09 2.32 27.63
N VAL F 239 21.11 3.15 27.87
CA VAL F 239 20.98 4.28 28.79
C VAL F 239 21.19 5.55 28.00
N ARG F 240 20.13 6.36 27.96
CA ARG F 240 20.11 7.62 27.25
C ARG F 240 20.61 8.78 28.11
N LEU F 241 21.65 9.48 27.66
CA LEU F 241 22.16 10.64 28.40
C LEU F 241 21.53 11.95 27.91
N ARG F 242 20.95 12.73 28.83
CA ARG F 242 20.18 13.91 28.44
C ARG F 242 20.93 15.22 28.70
N ASN F 243 21.99 15.18 29.50
CA ASN F 243 22.75 16.39 29.85
C ASN F 243 24.21 16.32 29.37
N SER F 244 24.44 15.61 28.26
CA SER F 244 25.76 15.47 27.66
C SER F 244 25.74 15.30 26.14
N TYR F 245 26.77 15.83 25.48
CA TYR F 245 26.87 15.67 24.03
C TYR F 245 27.71 14.44 23.71
N HIS F 246 28.41 14.46 22.59
CA HIS F 246 29.19 13.30 22.18
C HIS F 246 30.11 12.74 23.25
N VAL F 247 31.10 13.55 23.62
CA VAL F 247 32.19 13.13 24.50
C VAL F 247 31.68 13.01 25.92
N ALA F 248 30.78 12.05 26.11
CA ALA F 248 30.01 11.91 27.34
C ALA F 248 30.88 11.57 28.55
N THR F 249 31.99 10.90 28.29
CA THR F 249 32.87 10.45 29.37
C THR F 249 33.48 11.62 30.15
N LEU F 250 33.57 12.79 29.53
CA LEU F 250 34.11 13.97 30.23
C LEU F 250 33.01 15.00 30.47
N ASP F 251 31.79 14.67 30.07
CA ASP F 251 30.68 15.61 30.17
C ASP F 251 29.87 15.46 31.45
N TYR F 252 28.78 16.21 31.55
CA TYR F 252 27.98 16.25 32.78
C TYR F 252 27.52 14.89 33.28
N ASP F 253 27.20 13.97 32.37
CA ASP F 253 26.65 12.66 32.75
C ASP F 253 27.70 11.62 33.10
N GLN F 254 28.96 12.03 33.24
CA GLN F 254 30.02 11.11 33.63
C GLN F 254 29.69 10.25 34.88
N PRO F 255 29.16 10.86 35.97
CA PRO F 255 28.83 10.07 37.18
C PRO F 255 27.81 8.98 36.84
N MET F 256 26.92 9.27 35.91
CA MET F 256 25.89 8.35 35.47
C MET F 256 26.51 7.18 34.73
N ILE F 257 27.47 7.47 33.86
CA ILE F 257 28.20 6.44 33.14
C ILE F 257 29.05 5.58 34.08
N ILE F 258 29.78 6.23 34.98
CA ILE F 258 30.62 5.51 35.93
C ILE F 258 29.82 4.59 36.88
N GLU F 259 28.74 5.10 37.46
CA GLU F 259 27.95 4.31 38.40
C GLU F 259 27.29 3.11 37.71
N ARG F 260 26.68 3.35 36.55
CA ARG F 260 25.97 2.30 35.81
C ARG F 260 26.91 1.25 35.27
N SER F 261 28.13 1.66 34.92
CA SER F 261 29.14 0.73 34.46
C SER F 261 29.58 -0.18 35.59
N LEU F 262 29.76 0.40 36.77
CA LEU F 262 30.14 -0.38 37.94
C LEU F 262 29.09 -1.45 38.29
N GLU F 263 27.83 -1.08 38.18
CA GLU F 263 26.72 -1.98 38.43
C GLU F 263 26.64 -3.08 37.39
N PHE F 264 26.97 -2.73 36.15
CA PHE F 264 26.97 -3.69 35.06
C PHE F 264 28.06 -4.74 35.30
N PHE F 265 29.24 -4.28 35.73
CA PHE F 265 30.35 -5.18 35.99
C PHE F 265 30.05 -6.17 37.12
N ALA F 266 29.51 -5.66 38.22
CA ALA F 266 29.18 -6.51 39.37
C ALA F 266 28.11 -7.55 39.03
N LYS F 267 27.13 -7.11 38.25
CA LYS F 267 26.01 -7.93 37.85
C LYS F 267 26.42 -9.11 36.95
N HIS F 268 27.34 -8.86 36.03
CA HIS F 268 27.72 -9.78 34.96
C HIS F 268 29.03 -10.56 35.16
N ALA F 269 29.79 -10.23 36.19
CA ALA F 269 31.06 -10.92 36.43
C ALA F 269 30.90 -12.43 36.62
CH1 1QW G . -20.76 -32.53 16.13
CH2 1QW G . -21.41 -32.93 17.44
CH3 1QW G . -21.37 -31.79 18.42
OH1 1QW G . -20.08 -33.51 15.42
OH2 1QW G . -22.70 -33.38 17.22
OH3 1QW G . -22.28 -31.83 19.47
C1 1QW G . -18.71 -33.37 15.18
O1 1QW G . -18.19 -34.14 14.39
C2 1QW G . -18.11 -31.98 15.27
C3 1QW G . -16.61 -31.79 15.30
C4 1QW G . -16.10 -31.32 16.66
C5 1QW G . -15.40 -29.99 16.71
C6 1QW G . -14.89 -29.57 18.08
C7 1QW G . -13.58 -28.80 18.09
C8 1QW G . -13.15 -28.10 19.38
C9 1QW G . -12.53 -26.72 19.25
C10 1QW G . -11.54 -26.25 20.32
C11 1QW G . -10.19 -26.95 20.39
C12 1QW G . -9.12 -26.37 21.29
C1 MPD H . -6.14 -14.95 24.90
C2 MPD H . -4.79 -15.67 24.90
O2 MPD H . -4.80 -16.66 25.97
CM MPD H . -4.56 -16.36 23.56
C3 MPD H . -3.68 -14.67 25.17
C4 MPD H . -3.88 -14.07 26.55
O4 MPD H . -3.90 -15.11 27.52
C5 MPD H . -2.80 -13.04 26.86
C1 MPD I . 15.39 50.93 -29.94
C2 MPD I . 16.26 49.78 -30.45
O2 MPD I . 15.81 48.60 -29.72
CM MPD I . 15.99 49.55 -31.94
C3 MPD I . 17.78 49.89 -30.20
C4 MPD I . 18.46 51.27 -30.23
O4 MPD I . 17.83 52.17 -31.14
C5 MPD I . 18.56 51.93 -28.85
C1 MPD J . 44.53 17.54 6.41
C2 MPD J . 45.39 16.59 5.61
O2 MPD J . 46.20 17.31 4.73
CM MPD J . 46.28 15.78 6.53
C3 MPD J . 44.61 15.72 4.64
C4 MPD J . 45.17 15.90 3.23
O4 MPD J . 44.87 17.20 2.73
C5 MPD J . 46.67 15.68 3.18
C1 MPD K . 40.89 18.05 1.42
C2 MPD K . 41.95 17.17 0.80
O2 MPD K . 43.25 17.67 1.14
CM MPD K . 41.88 15.76 1.31
C3 MPD K . 41.66 17.12 -0.69
C4 MPD K . 40.37 16.35 -0.91
O4 MPD K . 40.08 16.21 -2.29
C5 MPD K . 40.55 14.96 -0.37
#